data_7JUP
#
_entry.id   7JUP
#
loop_
_entity.id
_entity.type
_entity.pdbx_description
1 polymer 'Transient receptor potential cation channel subfamily A member 1'
2 non-polymer 1-({3-[(3R,5R)-5-(4-fluorophenyl)oxolan-3-yl]-1,2,4-oxadiazol-5-yl}methyl)-7-methyl-1,7-dihydro-6H-purin-6-one
#
_entity_poly.entity_id   1
_entity_poly.type   'polypeptide(L)'
_entity_poly.pdbx_seq_one_letter_code
;SPLHFAASYGRINTCQRLLQDISDTRLLNEGDLHGMTPLHLAAKNGHDKVVQLLLKKGALFLSDHNGWTALHHASMGGYT
QTMKVILDTNLKCTDRLDEDGNTALHFAAREGHAKAVALLLSHNADIVLNKQQASFLHLALHNKRKEVVLTIIRSKRWDE
CLKIFSHNSPGNKCPITEMIEYLPECMKVLLDFCMLHSTEDKSCRDYYIEYNFKYLQCPLEFTKKTPTQDVIYEPLTALN
AMVQNNRIELLNHPVCKEYLLMKWLAYGFRAHMMNLGSYCLGLIPMTILVVNIKPGMAFNSTGIINETSDHSEILDTTNS
YLIKTCMILVFLSSIFGYCKEAGQIFQQKRNYFMDISNVLEWIIYTTGIIFVLPLFVEIPAHLQWQCGAIAVYFYWMNFL
LYLQRFENCGIFIVMLEVILKTLLRSTVVFIFLLLAFGLSFYILLNLQDPFSSPLLSIIQTFSMMLGDINYRESFLEPYL
RNELAHPVLSFAQLVSFTIFVPIVLMNLLIGLAVGDIADVQKHASLKRIAMQVELHTSLEKKLPLWFLRKVDQKSTIVYP
NKPRSGGMLFHIFCFLFCTGEIRQEIPNADKSLEMEILKQKYRLKDLTFLLEKQHELIKLIIQKMEIISET
;
_entity_poly.pdbx_strand_id   A,B,C,D
#
loop_
_chem_comp.id
_chem_comp.type
_chem_comp.name
_chem_comp.formula
VKM non-polymer 1-({3-[(3R,5R)-5-(4-fluorophenyl)oxolan-3-yl]-1,2,4-oxadiazol-5-yl}methyl)-7-methyl-1,7-dihydro-6H-purin-6-one 'C19 H17 F N6 O3'
#
# COMPACT_ATOMS: atom_id res chain seq x y z
N SER A 1 52.50 -25.82 20.91
CA SER A 1 52.04 -25.22 19.63
C SER A 1 51.68 -26.26 18.56
N PRO A 2 52.58 -27.08 17.98
CA PRO A 2 52.29 -27.80 16.73
C PRO A 2 51.03 -28.68 16.75
N LEU A 3 50.73 -29.37 17.86
CA LEU A 3 49.52 -30.15 18.00
C LEU A 3 48.25 -29.29 18.09
N HIS A 4 48.28 -28.09 18.68
CA HIS A 4 47.11 -27.21 18.63
C HIS A 4 46.76 -26.82 17.20
N PHE A 5 47.76 -26.58 16.35
CA PHE A 5 47.53 -26.32 14.93
C PHE A 5 47.01 -27.57 14.22
N ALA A 6 47.65 -28.72 14.40
CA ALA A 6 47.27 -29.96 13.76
C ALA A 6 45.87 -30.44 14.15
N ALA A 7 45.51 -30.32 15.42
CA ALA A 7 44.18 -30.66 15.88
C ALA A 7 43.14 -29.63 15.42
N SER A 8 43.44 -28.34 15.45
CA SER A 8 42.51 -27.28 15.03
C SER A 8 42.09 -27.37 13.56
N TYR A 9 42.95 -27.91 12.69
CA TYR A 9 42.71 -28.01 11.26
C TYR A 9 42.49 -29.44 10.76
N GLY A 10 42.35 -30.40 11.66
CA GLY A 10 41.91 -31.75 11.33
C GLY A 10 42.98 -32.61 10.70
N ARG A 11 44.24 -32.28 10.92
CA ARG A 11 45.44 -32.84 10.26
C ARG A 11 45.81 -34.16 10.92
N ILE A 12 44.98 -35.18 10.72
CA ILE A 12 45.01 -36.44 11.47
C ILE A 12 46.36 -37.16 11.42
N ASN A 13 47.05 -37.14 10.29
CA ASN A 13 48.38 -37.75 10.17
C ASN A 13 49.45 -36.96 10.92
N THR A 14 49.36 -35.63 10.94
CA THR A 14 50.25 -34.81 11.77
C THR A 14 50.02 -35.10 13.25
N CYS A 15 48.77 -35.28 13.69
CA CYS A 15 48.47 -35.71 15.06
C CYS A 15 49.08 -37.07 15.37
N GLN A 16 48.88 -38.09 14.55
CA GLN A 16 49.45 -39.43 14.83
C GLN A 16 50.98 -39.40 15.00
N ARG A 17 51.69 -38.53 14.27
CA ARG A 17 53.13 -38.35 14.40
C ARG A 17 53.51 -37.56 15.66
N LEU A 18 52.78 -36.49 15.96
CA LEU A 18 52.97 -35.69 17.18
C LEU A 18 52.73 -36.54 18.45
N LEU A 19 51.67 -37.35 18.49
CA LEU A 19 51.36 -38.16 19.66
C LEU A 19 52.22 -39.42 19.77
N GLN A 20 52.72 -40.00 18.69
CA GLN A 20 53.71 -41.09 18.79
C GLN A 20 55.09 -40.58 19.24
N ASP A 21 55.51 -39.39 18.79
CA ASP A 21 56.71 -38.73 19.30
C ASP A 21 56.56 -38.31 20.77
N ILE A 22 55.51 -37.57 21.10
CA ILE A 22 55.14 -37.15 22.46
C ILE A 22 54.22 -38.18 23.14
N SER A 23 54.74 -39.37 23.40
CA SER A 23 53.97 -40.50 23.95
C SER A 23 53.43 -40.30 25.39
N ASP A 24 53.99 -39.34 26.15
CA ASP A 24 53.45 -38.91 27.43
C ASP A 24 52.22 -37.99 27.27
N THR A 25 51.27 -38.07 28.20
CA THR A 25 50.00 -37.32 28.13
C THR A 25 50.12 -35.82 28.43
N ARG A 26 51.25 -35.32 28.95
CA ARG A 26 51.41 -33.90 29.26
C ARG A 26 51.25 -32.97 28.04
N LEU A 27 51.69 -33.41 26.85
CA LEU A 27 51.55 -32.69 25.59
C LEU A 27 50.10 -32.74 25.05
N LEU A 28 49.44 -33.90 25.21
CA LEU A 28 48.06 -34.18 24.79
C LEU A 28 47.00 -33.34 25.52
N ASN A 29 47.33 -32.68 26.64
CA ASN A 29 46.42 -31.84 27.44
C ASN A 29 46.93 -30.40 27.65
N GLU A 30 47.90 -29.93 26.87
CA GLU A 30 48.48 -28.60 27.06
C GLU A 30 47.45 -27.46 26.92
N GLY A 31 47.70 -26.33 27.59
CA GLY A 31 46.78 -25.20 27.67
C GLY A 31 47.13 -24.09 26.70
N ASP A 32 46.23 -23.76 25.78
CA ASP A 32 46.37 -22.71 24.78
C ASP A 32 46.42 -21.31 25.42
N LEU A 33 46.78 -20.27 24.66
CA LEU A 33 46.83 -18.89 25.11
C LEU A 33 45.46 -18.39 25.65
N HIS A 34 44.36 -18.90 25.09
CA HIS A 34 42.98 -18.69 25.59
C HIS A 34 42.48 -19.84 26.47
N GLY A 35 43.34 -20.77 26.91
CA GLY A 35 43.01 -21.81 27.90
C GLY A 35 42.41 -23.11 27.35
N MET A 36 42.21 -23.20 26.04
CA MET A 36 41.76 -24.42 25.34
C MET A 36 42.81 -25.53 25.33
N THR A 37 42.52 -26.66 24.70
CA THR A 37 43.40 -27.83 24.62
C THR A 37 43.17 -28.58 23.30
N PRO A 38 44.04 -29.49 22.80
CA PRO A 38 43.86 -30.13 21.50
C PRO A 38 42.47 -30.71 21.26
N LEU A 39 41.87 -31.30 22.29
CA LEU A 39 40.53 -31.87 22.22
C LEU A 39 39.44 -30.82 22.01
N HIS A 40 39.63 -29.61 22.54
CA HIS A 40 38.75 -28.48 22.29
C HIS A 40 38.96 -27.93 20.88
N LEU A 41 40.20 -27.78 20.43
CA LEU A 41 40.48 -27.26 19.09
C LEU A 41 39.84 -28.15 18.02
N ALA A 42 39.95 -29.47 18.17
CA ALA A 42 39.35 -30.42 17.24
C ALA A 42 37.82 -30.34 17.24
N ALA A 43 37.19 -30.33 18.42
CA ALA A 43 35.73 -30.24 18.53
C ALA A 43 35.17 -28.90 18.06
N LYS A 44 35.86 -27.78 18.30
CA LYS A 44 35.48 -26.44 17.87
C LYS A 44 35.36 -26.30 16.36
N ASN A 45 36.27 -26.88 15.59
CA ASN A 45 36.26 -26.82 14.14
C ASN A 45 35.62 -28.04 13.48
N GLY A 46 35.33 -29.08 14.25
CA GLY A 46 34.35 -30.11 13.93
C GLY A 46 34.90 -31.40 13.37
N HIS A 47 36.16 -31.72 13.65
CA HIS A 47 36.85 -32.87 13.07
C HIS A 47 36.60 -34.15 13.86
N ASP A 48 35.62 -34.95 13.40
CA ASP A 48 35.23 -36.20 14.05
C ASP A 48 36.38 -37.20 14.19
N LYS A 49 37.20 -37.42 13.16
CA LYS A 49 38.36 -38.32 13.25
C LYS A 49 39.40 -37.88 14.27
N VAL A 50 39.67 -36.58 14.40
CA VAL A 50 40.70 -36.09 15.35
C VAL A 50 40.21 -36.13 16.77
N VAL A 51 38.99 -35.65 17.05
CA VAL A 51 38.46 -35.69 18.41
C VAL A 51 38.34 -37.14 18.88
N GLN A 52 38.03 -38.08 17.99
CA GLN A 52 38.05 -39.50 18.27
C GLN A 52 39.46 -40.03 18.54
N LEU A 53 40.45 -39.71 17.71
CA LEU A 53 41.85 -40.11 17.91
C LEU A 53 42.39 -39.61 19.25
N LEU A 54 42.15 -38.35 19.61
CA LEU A 54 42.60 -37.81 20.90
C LEU A 54 41.93 -38.52 22.08
N LEU A 55 40.67 -38.94 21.97
CA LEU A 55 39.99 -39.71 23.01
C LEU A 55 40.45 -41.16 23.07
N LYS A 56 40.77 -41.77 21.93
CA LYS A 56 41.39 -43.10 21.83
C LYS A 56 42.80 -43.11 22.44
N LYS A 57 43.56 -42.02 22.30
CA LYS A 57 44.82 -41.74 23.03
C LYS A 57 44.63 -41.34 24.49
N GLY A 58 43.40 -41.18 24.97
CA GLY A 58 43.12 -40.90 26.39
C GLY A 58 43.30 -39.45 26.82
N ALA A 59 42.94 -38.48 25.96
CA ALA A 59 42.69 -37.10 26.37
C ALA A 59 41.54 -37.03 27.39
N LEU A 60 41.47 -35.91 28.14
CA LEU A 60 40.52 -35.73 29.24
C LEU A 60 39.59 -34.55 28.94
N PHE A 61 38.32 -34.63 29.33
CA PHE A 61 37.32 -33.57 29.15
C PHE A 61 37.51 -32.38 30.11
N LEU A 62 38.72 -31.82 30.10
CA LEU A 62 39.08 -30.59 30.79
C LEU A 62 38.27 -29.41 30.24
N SER A 63 38.33 -28.26 30.91
CA SER A 63 37.45 -27.12 30.65
C SER A 63 38.23 -25.84 30.32
N ASP A 64 37.67 -25.05 29.42
CA ASP A 64 38.23 -23.80 28.89
C ASP A 64 38.55 -22.75 29.97
N HIS A 65 39.17 -21.64 29.60
CA HIS A 65 39.24 -20.44 30.45
C HIS A 65 37.84 -19.99 30.91
N ASN A 66 36.84 -20.07 30.03
CA ASN A 66 35.43 -19.79 30.31
C ASN A 66 34.67 -21.03 30.81
N GLY A 67 35.34 -22.13 31.12
CA GLY A 67 34.71 -23.34 31.64
C GLY A 67 33.96 -24.18 30.63
N TRP A 68 33.90 -23.79 29.35
CA TRP A 68 33.30 -24.59 28.27
C TRP A 68 34.00 -25.94 28.12
N THR A 69 33.26 -26.97 27.72
CA THR A 69 33.78 -28.33 27.46
C THR A 69 33.99 -28.55 25.95
N ALA A 70 34.69 -29.60 25.53
CA ALA A 70 34.73 -30.00 24.12
C ALA A 70 33.32 -30.17 23.52
N LEU A 71 32.38 -30.74 24.28
CA LEU A 71 30.98 -30.85 23.86
C LEU A 71 30.27 -29.49 23.75
N HIS A 72 30.67 -28.46 24.49
CA HIS A 72 30.07 -27.14 24.34
C HIS A 72 30.51 -26.50 23.02
N HIS A 73 31.78 -26.63 22.64
CA HIS A 73 32.26 -26.17 21.35
C HIS A 73 31.65 -26.93 20.20
N ALA A 74 31.54 -28.26 20.31
CA ALA A 74 30.92 -29.10 19.28
C ALA A 74 29.46 -28.70 19.00
N SER A 75 28.76 -28.28 20.05
CA SER A 75 27.37 -27.85 20.01
C SER A 75 27.21 -26.42 19.51
N MET A 76 28.00 -25.48 20.01
CA MET A 76 28.11 -24.11 19.51
C MET A 76 28.29 -24.01 17.99
N GLY A 77 29.04 -24.94 17.38
CA GLY A 77 29.26 -25.02 15.94
C GLY A 77 28.32 -25.97 15.18
N GLY A 78 27.50 -26.74 15.89
CA GLY A 78 26.53 -27.67 15.30
C GLY A 78 27.11 -28.93 14.67
N TYR A 79 28.28 -29.39 15.10
CA TYR A 79 29.00 -30.52 14.50
C TYR A 79 28.54 -31.85 15.07
N THR A 80 27.35 -32.30 14.68
CA THR A 80 26.68 -33.44 15.32
C THR A 80 27.47 -34.74 15.28
N GLN A 81 28.34 -34.96 14.29
CA GLN A 81 29.20 -36.16 14.24
C GLN A 81 30.26 -36.17 15.35
N THR A 82 30.84 -35.02 15.71
CA THR A 82 31.77 -34.91 16.86
C THR A 82 31.03 -35.07 18.19
N MET A 83 29.81 -34.55 18.29
CA MET A 83 29.01 -34.77 19.49
C MET A 83 28.70 -36.23 19.65
N LYS A 84 28.35 -36.94 18.58
CA LYS A 84 28.06 -38.36 18.61
C LYS A 84 29.27 -39.17 19.08
N VAL A 85 30.50 -38.82 18.70
CA VAL A 85 31.73 -39.43 19.23
C VAL A 85 31.86 -39.25 20.74
N ILE A 86 31.62 -38.04 21.24
CA ILE A 86 31.69 -37.72 22.67
C ILE A 86 30.56 -38.40 23.46
N LEU A 87 29.31 -38.28 23.00
CA LEU A 87 28.11 -38.86 23.61
C LEU A 87 28.11 -40.38 23.59
N ASP A 88 28.77 -41.02 22.62
CA ASP A 88 29.05 -42.46 22.67
C ASP A 88 30.05 -42.80 23.79
N THR A 89 31.18 -42.10 23.87
CA THR A 89 32.34 -42.53 24.67
C THR A 89 32.21 -42.22 26.16
N ASN A 90 31.74 -41.03 26.55
CA ASN A 90 31.57 -40.63 27.96
C ASN A 90 30.26 -39.86 28.18
N LEU A 91 29.14 -40.59 28.32
CA LEU A 91 27.82 -40.01 28.57
C LEU A 91 27.73 -39.17 29.86
N LYS A 92 28.64 -39.35 30.82
CA LYS A 92 28.73 -38.55 32.04
C LYS A 92 29.16 -37.10 31.81
N CYS A 93 29.68 -36.76 30.62
CA CYS A 93 30.10 -35.42 30.23
C CYS A 93 28.90 -34.47 29.96
N THR A 94 27.76 -35.03 29.57
CA THR A 94 26.67 -34.35 28.84
C THR A 94 26.02 -33.14 29.55
N ASP A 95 26.15 -33.01 30.88
CA ASP A 95 25.47 -31.99 31.68
C ASP A 95 26.40 -30.95 32.34
N ARG A 96 27.70 -30.95 32.03
CA ARG A 96 28.69 -30.00 32.56
C ARG A 96 28.30 -28.55 32.24
N LEU A 97 28.54 -27.64 33.18
CA LEU A 97 28.14 -26.23 33.13
C LEU A 97 29.35 -25.31 32.94
N ASP A 98 29.24 -24.30 32.08
CA ASP A 98 30.31 -23.31 31.88
C ASP A 98 30.42 -22.32 33.06
N GLU A 99 31.27 -21.29 32.95
CA GLU A 99 31.42 -20.27 34.00
C GLU A 99 30.20 -19.37 34.21
N ASP A 100 29.16 -19.52 33.41
CA ASP A 100 27.95 -18.67 33.36
C ASP A 100 26.65 -19.47 33.54
N GLY A 101 26.78 -20.78 33.75
CA GLY A 101 25.67 -21.70 34.01
C GLY A 101 24.98 -22.27 32.77
N ASN A 102 25.49 -22.03 31.56
CA ASN A 102 24.98 -22.67 30.34
C ASN A 102 25.44 -24.14 30.27
N THR A 103 24.60 -25.03 29.74
CA THR A 103 25.04 -26.35 29.24
C THR A 103 25.33 -26.31 27.74
N ALA A 104 25.80 -27.41 27.16
CA ALA A 104 25.90 -27.59 25.72
C ALA A 104 24.56 -27.48 24.99
N LEU A 105 23.46 -27.89 25.62
CA LEU A 105 22.12 -27.76 25.07
C LEU A 105 21.71 -26.29 24.96
N HIS A 106 22.09 -25.44 25.93
CA HIS A 106 21.86 -23.99 25.83
C HIS A 106 22.63 -23.34 24.70
N PHE A 107 23.81 -23.84 24.36
CA PHE A 107 24.59 -23.38 23.22
C PHE A 107 23.99 -23.84 21.88
N ALA A 108 23.63 -25.11 21.74
CA ALA A 108 23.03 -25.60 20.50
C ALA A 108 21.72 -24.86 20.16
N ALA A 109 20.90 -24.59 21.18
CA ALA A 109 19.64 -23.90 21.03
C ALA A 109 19.82 -22.42 20.68
N ARG A 110 20.65 -21.68 21.42
CA ARG A 110 20.91 -20.25 21.15
C ARG A 110 21.41 -20.00 19.73
N GLU A 111 22.31 -20.85 19.24
CA GLU A 111 22.92 -20.72 17.91
C GLU A 111 22.07 -21.32 16.77
N GLY A 112 20.95 -21.98 17.06
CA GLY A 112 20.01 -22.41 16.02
C GLY A 112 20.27 -23.79 15.40
N HIS A 113 21.02 -24.66 16.07
CA HIS A 113 21.43 -25.95 15.53
C HIS A 113 20.45 -27.06 15.90
N ALA A 114 19.33 -27.11 15.18
CA ALA A 114 18.20 -27.97 15.50
C ALA A 114 18.55 -29.45 15.66
N LYS A 115 19.35 -30.02 14.76
CA LYS A 115 19.77 -31.42 14.84
C LYS A 115 20.76 -31.68 15.99
N ALA A 116 21.47 -30.66 16.47
CA ALA A 116 22.31 -30.80 17.65
C ALA A 116 21.47 -30.77 18.92
N VAL A 117 20.44 -29.92 18.97
CA VAL A 117 19.41 -29.95 20.02
C VAL A 117 18.72 -31.30 20.05
N ALA A 118 18.29 -31.83 18.91
CA ALA A 118 17.70 -33.16 18.81
C ALA A 118 18.62 -34.24 19.37
N LEU A 119 19.92 -34.22 19.05
CA LEU A 119 20.87 -35.21 19.56
C LEU A 119 21.07 -35.09 21.07
N LEU A 120 21.34 -33.92 21.65
CA LEU A 120 21.53 -33.80 23.10
C LEU A 120 20.25 -34.10 23.86
N LEU A 121 19.11 -33.62 23.36
CA LEU A 121 17.80 -33.80 23.98
C LEU A 121 17.41 -35.28 23.99
N SER A 122 17.70 -36.04 22.92
CA SER A 122 17.48 -37.49 22.87
C SER A 122 18.52 -38.31 23.64
N HIS A 123 19.73 -37.79 23.90
CA HIS A 123 20.74 -38.38 24.79
C HIS A 123 20.51 -38.04 26.27
N ASN A 124 19.27 -37.73 26.64
CA ASN A 124 18.82 -37.50 28.01
C ASN A 124 19.53 -36.35 28.73
N ALA A 125 19.94 -35.31 28.01
CA ALA A 125 20.57 -34.13 28.60
C ALA A 125 19.67 -33.45 29.65
N ASP A 126 20.30 -32.90 30.69
CA ASP A 126 19.59 -32.26 31.79
C ASP A 126 19.09 -30.87 31.40
N ILE A 127 17.77 -30.73 31.20
CA ILE A 127 17.10 -29.44 30.99
C ILE A 127 17.17 -28.63 32.28
N VAL A 128 17.63 -27.40 32.23
CA VAL A 128 17.99 -26.59 33.41
C VAL A 128 18.02 -25.10 33.06
N LEU A 129 18.04 -24.22 34.07
CA LEU A 129 18.22 -22.78 33.88
C LEU A 129 19.67 -22.37 34.12
N ASN A 130 20.20 -21.48 33.28
CA ASN A 130 21.49 -20.82 33.56
C ASN A 130 21.36 -19.66 34.55
N LYS A 131 22.46 -18.96 34.89
CA LYS A 131 22.46 -17.90 35.92
C LYS A 131 21.56 -16.70 35.62
N GLN A 132 21.20 -16.46 34.35
CA GLN A 132 20.17 -15.49 33.95
C GLN A 132 18.74 -16.09 33.99
N GLN A 133 18.55 -17.19 34.71
CA GLN A 133 17.28 -17.89 34.92
C GLN A 133 16.53 -18.20 33.61
N ALA A 134 17.28 -18.60 32.58
CA ALA A 134 16.77 -18.89 31.23
C ALA A 134 16.98 -20.36 30.84
N SER A 135 15.95 -20.96 30.26
CA SER A 135 15.96 -22.30 29.67
C SER A 135 16.59 -22.30 28.28
N PHE A 136 17.02 -23.46 27.80
CA PHE A 136 17.36 -23.63 26.38
C PHE A 136 16.19 -23.25 25.46
N LEU A 137 14.95 -23.57 25.84
CA LEU A 137 13.73 -23.17 25.12
C LEU A 137 13.54 -21.65 25.11
N HIS A 138 13.84 -20.96 26.22
CA HIS A 138 13.86 -19.49 26.20
C HIS A 138 14.91 -18.93 25.25
N LEU A 139 16.12 -19.49 25.24
CA LEU A 139 17.21 -19.03 24.38
C LEU A 139 16.88 -19.23 22.91
N ALA A 140 16.19 -20.31 22.56
CA ALA A 140 15.69 -20.51 21.21
C ALA A 140 14.65 -19.44 20.85
N LEU A 141 13.64 -19.23 21.69
CA LEU A 141 12.56 -18.28 21.46
C LEU A 141 13.07 -16.85 21.34
N HIS A 142 13.91 -16.38 22.27
CA HIS A 142 14.44 -15.01 22.29
C HIS A 142 15.41 -14.69 21.15
N ASN A 143 15.82 -15.69 20.36
CA ASN A 143 16.66 -15.53 19.18
C ASN A 143 15.95 -15.94 17.89
N LYS A 144 14.64 -16.22 17.94
CA LYS A 144 13.81 -16.64 16.81
C LYS A 144 14.30 -17.90 16.10
N ARG A 145 14.69 -18.92 16.86
CA ARG A 145 15.16 -20.20 16.32
C ARG A 145 14.01 -21.16 15.99
N LYS A 146 13.30 -20.92 14.89
CA LYS A 146 12.08 -21.66 14.50
C LYS A 146 12.29 -23.17 14.41
N GLU A 147 13.37 -23.62 13.76
CA GLU A 147 13.65 -25.06 13.57
C GLU A 147 14.08 -25.76 14.88
N VAL A 148 14.73 -25.03 15.79
CA VAL A 148 15.01 -25.49 17.15
C VAL A 148 13.73 -25.70 17.92
N VAL A 149 12.82 -24.73 17.93
CA VAL A 149 11.60 -24.88 18.74
C VAL A 149 10.61 -25.85 18.11
N LEU A 150 10.53 -25.96 16.78
CA LEU A 150 9.77 -27.06 16.19
C LEU A 150 10.35 -28.41 16.60
N THR A 151 11.67 -28.56 16.67
CA THR A 151 12.31 -29.78 17.18
C THR A 151 11.93 -30.03 18.66
N ILE A 152 11.91 -29.01 19.50
CA ILE A 152 11.56 -29.11 20.92
C ILE A 152 10.05 -29.41 21.12
N ILE A 153 9.17 -28.89 20.28
CA ILE A 153 7.71 -29.14 20.30
C ILE A 153 7.39 -30.54 19.80
N ARG A 154 8.06 -30.99 18.73
CA ARG A 154 7.92 -32.34 18.17
C ARG A 154 8.62 -33.41 19.01
N SER A 155 9.44 -33.00 19.97
CA SER A 155 10.18 -33.88 20.89
C SER A 155 9.28 -34.76 21.75
N LYS A 156 9.73 -35.99 22.04
CA LYS A 156 9.13 -36.87 23.05
C LYS A 156 9.26 -36.33 24.48
N ARG A 157 9.95 -35.21 24.66
CA ARG A 157 10.18 -34.50 25.93
C ARG A 157 9.48 -33.14 26.02
N TRP A 158 8.60 -32.76 25.09
CA TRP A 158 8.03 -31.39 25.03
C TRP A 158 7.39 -30.94 26.35
N ASP A 159 6.55 -31.77 26.95
CA ASP A 159 5.84 -31.41 28.18
C ASP A 159 6.77 -31.30 29.42
N GLU A 160 7.95 -31.92 29.36
CA GLU A 160 9.06 -31.68 30.30
C GLU A 160 9.77 -30.34 30.00
N CYS A 161 9.99 -30.03 28.72
CA CYS A 161 10.59 -28.76 28.28
C CYS A 161 9.71 -27.55 28.60
N LEU A 162 8.39 -27.77 28.69
CA LEU A 162 7.40 -26.78 29.10
C LEU A 162 7.35 -26.51 30.62
N LYS A 163 7.31 -27.56 31.47
CA LYS A 163 7.21 -27.41 32.94
C LYS A 163 8.43 -26.78 33.63
N ILE A 164 9.61 -26.80 33.00
CA ILE A 164 10.86 -26.26 33.57
C ILE A 164 11.05 -24.80 33.13
N PHE A 165 10.48 -23.86 33.89
CA PHE A 165 10.71 -22.42 33.76
C PHE A 165 10.55 -21.69 35.10
N SER A 166 11.13 -20.48 35.20
CA SER A 166 11.05 -19.62 36.38
C SER A 166 9.73 -18.84 36.44
N HIS A 167 8.80 -19.26 37.29
CA HIS A 167 7.51 -18.55 37.52
C HIS A 167 7.69 -17.12 38.07
N ASN A 168 8.81 -16.84 38.74
CA ASN A 168 9.12 -15.52 39.31
C ASN A 168 9.76 -14.52 38.32
N SER A 169 9.96 -14.86 37.04
CA SER A 169 10.63 -13.99 36.06
C SER A 169 9.64 -13.28 35.11
N PRO A 170 9.67 -11.93 34.99
CA PRO A 170 8.93 -11.20 33.96
C PRO A 170 9.65 -11.22 32.59
N GLY A 171 10.95 -11.53 32.55
CA GLY A 171 11.75 -11.59 31.32
C GLY A 171 11.72 -12.95 30.62
N ASN A 172 11.51 -14.04 31.36
CA ASN A 172 11.52 -15.43 30.88
C ASN A 172 10.20 -16.14 31.29
N LYS A 173 9.05 -15.63 30.81
CA LYS A 173 7.69 -16.00 31.26
C LYS A 173 7.28 -17.41 30.81
N CYS A 174 6.04 -17.78 31.12
CA CYS A 174 5.34 -18.97 30.63
C CYS A 174 5.65 -19.19 29.14
N PRO A 175 6.32 -20.29 28.75
CA PRO A 175 6.82 -20.47 27.39
C PRO A 175 5.80 -20.30 26.27
N ILE A 176 4.52 -20.58 26.55
CA ILE A 176 3.46 -20.39 25.56
C ILE A 176 3.25 -18.89 25.26
N THR A 177 3.36 -18.02 26.26
CA THR A 177 3.30 -16.57 26.04
C THR A 177 4.54 -16.02 25.35
N GLU A 178 5.70 -16.64 25.57
CA GLU A 178 6.96 -16.31 24.89
C GLU A 178 6.92 -16.73 23.42
N MET A 179 6.27 -17.84 23.07
CA MET A 179 6.03 -18.21 21.67
C MET A 179 5.10 -17.23 20.97
N ILE A 180 4.03 -16.78 21.63
CA ILE A 180 3.13 -15.79 21.04
C ILE A 180 3.87 -14.45 20.86
N GLU A 181 4.72 -14.09 21.81
CA GLU A 181 5.53 -12.87 21.77
C GLU A 181 6.60 -12.87 20.67
N TYR A 182 7.32 -13.97 20.44
CA TYR A 182 8.51 -14.02 19.58
C TYR A 182 8.41 -14.89 18.32
N LEU A 183 7.71 -16.02 18.35
CA LEU A 183 7.68 -17.01 17.27
C LEU A 183 6.25 -17.56 17.08
N PRO A 184 5.34 -16.76 16.50
CA PRO A 184 3.92 -17.10 16.43
C PRO A 184 3.61 -18.23 15.45
N GLU A 185 4.41 -18.47 14.40
CA GLU A 185 4.18 -19.59 13.50
C GLU A 185 4.48 -20.94 14.18
N CYS A 186 5.41 -20.98 15.13
CA CYS A 186 5.61 -22.12 16.01
C CYS A 186 4.41 -22.35 16.93
N MET A 187 3.69 -21.30 17.31
CA MET A 187 2.44 -21.41 18.08
C MET A 187 1.27 -21.91 17.24
N LYS A 188 1.19 -21.54 15.95
CA LYS A 188 0.28 -22.18 14.98
C LYS A 188 0.50 -23.69 14.92
N VAL A 189 1.75 -24.13 14.83
CA VAL A 189 2.13 -25.56 14.87
C VAL A 189 1.67 -26.24 16.17
N LEU A 190 1.90 -25.58 17.32
CA LEU A 190 1.53 -26.12 18.62
C LEU A 190 0.01 -26.25 18.80
N LEU A 191 -0.78 -25.30 18.30
CA LEU A 191 -2.24 -25.34 18.30
C LEU A 191 -2.82 -26.32 17.29
N ASP A 192 -2.17 -26.60 16.16
CA ASP A 192 -2.62 -27.66 15.24
C ASP A 192 -2.67 -29.03 15.92
N PHE A 193 -1.77 -29.32 16.87
CA PHE A 193 -1.81 -30.53 17.69
C PHE A 193 -3.00 -30.58 18.67
N CYS A 194 -3.69 -29.46 18.89
CA CYS A 194 -4.87 -29.37 19.74
C CYS A 194 -6.18 -29.72 19.02
N MET A 195 -6.17 -29.86 17.69
CA MET A 195 -7.31 -30.32 16.91
C MET A 195 -7.17 -31.81 16.62
N LEU A 196 -8.11 -32.64 17.09
CA LEU A 196 -8.17 -34.08 16.81
C LEU A 196 -9.38 -34.42 15.94
N HIS A 197 -9.18 -35.11 14.83
CA HIS A 197 -10.25 -35.44 13.88
C HIS A 197 -10.68 -36.90 14.01
N SER A 198 -11.99 -37.15 14.14
CA SER A 198 -12.55 -38.44 14.56
C SER A 198 -13.26 -39.22 13.43
N THR A 199 -12.83 -39.08 12.18
CA THR A 199 -13.37 -39.88 11.06
C THR A 199 -12.58 -39.83 9.74
N GLU A 200 -11.90 -38.72 9.43
CA GLU A 200 -11.36 -38.45 8.09
C GLU A 200 -12.41 -38.56 6.95
N ASP A 201 -13.66 -38.18 7.26
CA ASP A 201 -14.85 -38.46 6.46
C ASP A 201 -15.87 -37.30 6.55
N LYS A 202 -15.53 -36.13 6.02
CA LYS A 202 -16.32 -34.90 6.16
C LYS A 202 -17.73 -34.96 5.56
N SER A 203 -18.00 -35.91 4.66
CA SER A 203 -19.34 -36.18 4.13
C SER A 203 -20.25 -36.95 5.11
N CYS A 204 -19.70 -37.65 6.12
CA CYS A 204 -20.48 -38.39 7.11
C CYS A 204 -21.14 -37.44 8.12
N ARG A 205 -22.42 -37.65 8.42
CA ARG A 205 -23.15 -36.84 9.41
C ARG A 205 -22.59 -36.98 10.84
N ASP A 206 -22.03 -38.15 11.16
CA ASP A 206 -21.42 -38.47 12.45
C ASP A 206 -20.01 -37.89 12.66
N TYR A 207 -19.37 -37.30 11.64
CA TYR A 207 -18.01 -36.75 11.74
C TYR A 207 -17.89 -35.69 12.84
N TYR A 208 -16.84 -35.79 13.65
CA TYR A 208 -16.55 -34.81 14.68
C TYR A 208 -15.07 -34.47 14.77
N ILE A 209 -14.83 -33.31 15.36
CA ILE A 209 -13.52 -32.76 15.69
C ILE A 209 -13.51 -32.35 17.15
N GLU A 210 -12.44 -32.66 17.87
CA GLU A 210 -12.26 -32.31 19.28
C GLU A 210 -11.15 -31.27 19.43
N TYR A 211 -11.42 -30.25 20.25
CA TYR A 211 -10.48 -29.19 20.58
C TYR A 211 -10.01 -29.34 22.02
N ASN A 212 -8.71 -29.32 22.29
CA ASN A 212 -8.13 -29.42 23.62
C ASN A 212 -7.48 -28.07 23.99
N PHE A 213 -7.84 -27.48 25.12
CA PHE A 213 -7.43 -26.12 25.45
C PHE A 213 -6.19 -26.00 26.33
N LYS A 214 -5.41 -27.06 26.55
CA LYS A 214 -4.33 -27.07 27.55
C LYS A 214 -3.24 -26.02 27.37
N TYR A 215 -3.00 -25.52 26.15
CA TYR A 215 -2.04 -24.43 25.94
C TYR A 215 -2.65 -23.02 26.04
N LEU A 216 -3.97 -22.86 25.97
CA LEU A 216 -4.61 -21.54 26.06
C LEU A 216 -4.83 -21.08 27.51
N GLN A 217 -5.02 -22.02 28.42
CA GLN A 217 -5.09 -21.79 29.86
C GLN A 217 -3.71 -21.49 30.48
N CYS A 218 -3.67 -21.29 31.78
CA CYS A 218 -2.46 -21.35 32.61
C CYS A 218 -1.53 -22.50 32.19
N LEU A 236 -7.57 -14.94 30.86
CA LEU A 236 -7.36 -15.62 29.58
C LEU A 236 -5.95 -15.34 29.04
N THR A 237 -4.91 -15.87 29.69
CA THR A 237 -3.51 -15.46 29.48
C THR A 237 -3.00 -15.61 28.05
N ALA A 238 -3.21 -16.72 27.36
CA ALA A 238 -2.73 -16.87 26.00
C ALA A 238 -3.46 -15.96 25.01
N LEU A 239 -4.77 -15.72 25.18
CA LEU A 239 -5.52 -14.88 24.25
C LEU A 239 -5.29 -13.39 24.53
N ASN A 240 -5.12 -13.00 25.79
CA ASN A 240 -4.62 -11.67 26.12
C ASN A 240 -3.26 -11.45 25.48
N ALA A 241 -2.39 -12.46 25.49
CA ALA A 241 -1.05 -12.34 24.90
C ALA A 241 -1.10 -12.27 23.38
N MET A 242 -2.00 -13.01 22.72
CA MET A 242 -2.16 -12.92 21.27
C MET A 242 -2.76 -11.58 20.85
N VAL A 243 -3.64 -10.99 21.66
CA VAL A 243 -4.17 -9.63 21.47
C VAL A 243 -3.08 -8.59 21.66
N GLN A 244 -2.34 -8.64 22.78
CA GLN A 244 -1.29 -7.67 23.13
C GLN A 244 -0.07 -7.70 22.20
N ASN A 245 0.07 -8.76 21.40
CA ASN A 245 1.13 -8.91 20.39
C ASN A 245 0.61 -8.82 18.94
N ASN A 246 -0.64 -8.44 18.72
CA ASN A 246 -1.26 -8.30 17.39
C ASN A 246 -1.22 -9.59 16.55
N ARG A 247 -1.32 -10.76 17.19
CA ARG A 247 -1.25 -12.07 16.53
C ARG A 247 -2.59 -12.47 15.94
N ILE A 248 -3.07 -11.69 15.00
CA ILE A 248 -4.41 -11.82 14.43
C ILE A 248 -4.66 -13.20 13.80
N GLU A 249 -3.65 -13.80 13.16
CA GLU A 249 -3.73 -15.15 12.57
C GLU A 249 -3.71 -16.30 13.59
N LEU A 250 -3.40 -16.02 14.86
CA LEU A 250 -3.57 -16.93 15.99
C LEU A 250 -4.95 -16.77 16.64
N LEU A 251 -5.44 -15.54 16.81
CA LEU A 251 -6.82 -15.23 17.22
C LEU A 251 -7.85 -15.91 16.32
N ASN A 252 -7.63 -15.85 15.01
CA ASN A 252 -8.50 -16.44 14.00
C ASN A 252 -8.32 -17.97 13.80
N HIS A 253 -7.56 -18.66 14.65
CA HIS A 253 -7.39 -20.12 14.57
C HIS A 253 -8.59 -20.87 15.17
N PRO A 254 -9.02 -22.01 14.62
CA PRO A 254 -10.14 -22.79 15.14
C PRO A 254 -10.10 -23.09 16.65
N VAL A 255 -8.94 -23.34 17.23
CA VAL A 255 -8.84 -23.60 18.67
C VAL A 255 -9.13 -22.35 19.50
N CYS A 256 -8.83 -21.16 18.98
CA CYS A 256 -9.09 -19.90 19.67
C CYS A 256 -10.55 -19.48 19.54
N LYS A 257 -11.13 -19.63 18.34
CA LYS A 257 -12.56 -19.39 18.09
C LYS A 257 -13.44 -20.31 18.91
N GLU A 258 -13.05 -21.57 19.07
CA GLU A 258 -13.73 -22.52 19.95
C GLU A 258 -13.47 -22.28 21.44
N TYR A 259 -12.29 -21.81 21.85
CA TYR A 259 -12.04 -21.48 23.25
C TYR A 259 -12.89 -20.29 23.70
N LEU A 260 -13.02 -19.24 22.87
CA LEU A 260 -13.89 -18.10 23.17
C LEU A 260 -15.36 -18.46 23.12
N LEU A 261 -15.83 -19.17 22.09
CA LEU A 261 -17.22 -19.60 22.02
C LEU A 261 -17.56 -20.58 23.16
N MET A 262 -16.61 -21.36 23.66
CA MET A 262 -16.77 -22.13 24.90
C MET A 262 -16.92 -21.21 26.09
N LYS A 263 -16.11 -20.16 26.22
CA LYS A 263 -16.17 -19.22 27.34
C LYS A 263 -17.48 -18.41 27.37
N TRP A 264 -18.01 -18.07 26.21
CA TRP A 264 -19.30 -17.40 26.06
C TRP A 264 -20.45 -18.32 26.44
N LEU A 265 -20.48 -19.54 25.94
CA LEU A 265 -21.51 -20.50 26.32
C LEU A 265 -21.34 -21.02 27.76
N ALA A 266 -20.14 -20.95 28.33
CA ALA A 266 -19.86 -21.35 29.70
C ALA A 266 -20.53 -20.41 30.71
N TYR A 267 -20.23 -19.11 30.66
CA TYR A 267 -20.85 -18.11 31.54
C TYR A 267 -21.19 -16.78 30.86
N GLY A 268 -20.46 -16.33 29.84
CA GLY A 268 -20.57 -14.94 29.35
C GLY A 268 -21.90 -14.55 28.71
N PHE A 269 -22.55 -15.45 27.98
CA PHE A 269 -23.90 -15.23 27.45
C PHE A 269 -24.91 -15.04 28.57
N ARG A 270 -24.90 -15.92 29.57
CA ARG A 270 -25.79 -15.85 30.75
C ARG A 270 -25.50 -14.60 31.58
N ALA A 271 -24.26 -14.15 31.67
CA ALA A 271 -23.94 -12.89 32.32
C ALA A 271 -24.56 -11.71 31.57
N HIS A 272 -24.41 -11.63 30.25
CA HIS A 272 -24.94 -10.51 29.48
C HIS A 272 -26.48 -10.48 29.45
N MET A 273 -27.11 -11.63 29.21
CA MET A 273 -28.56 -11.73 29.19
C MET A 273 -29.21 -11.37 30.52
N MET A 274 -28.55 -11.54 31.67
CA MET A 274 -29.11 -11.12 32.95
C MET A 274 -28.99 -9.62 33.20
N ASN A 275 -27.94 -8.96 32.71
CA ASN A 275 -27.83 -7.50 32.72
C ASN A 275 -28.91 -6.87 31.81
N LEU A 276 -29.04 -7.33 30.57
CA LEU A 276 -30.07 -6.87 29.65
C LEU A 276 -31.48 -7.17 30.18
N GLY A 277 -31.74 -8.36 30.72
CA GLY A 277 -33.02 -8.69 31.34
C GLY A 277 -33.36 -7.83 32.56
N SER A 278 -32.37 -7.41 33.36
CA SER A 278 -32.59 -6.49 34.48
C SER A 278 -32.97 -5.09 34.01
N TYR A 279 -32.45 -4.67 32.85
CA TYR A 279 -32.72 -3.37 32.26
C TYR A 279 -34.07 -3.36 31.57
N CYS A 280 -34.40 -4.41 30.82
CA CYS A 280 -35.68 -4.58 30.16
C CYS A 280 -36.87 -4.51 31.13
N LEU A 281 -36.68 -4.89 32.40
CA LEU A 281 -37.72 -4.84 33.43
C LEU A 281 -38.10 -3.41 33.87
N GLY A 282 -37.28 -2.41 33.58
CA GLY A 282 -37.66 -1.00 33.68
C GLY A 282 -38.07 -0.40 32.34
N LEU A 283 -37.32 -0.71 31.28
CA LEU A 283 -37.55 -0.22 29.92
C LEU A 283 -38.93 -0.56 29.38
N ILE A 284 -39.32 -1.84 29.40
CA ILE A 284 -40.52 -2.29 28.70
C ILE A 284 -41.81 -1.79 29.38
N PRO A 285 -42.01 -2.00 30.69
CA PRO A 285 -43.09 -1.39 31.46
C PRO A 285 -43.25 0.13 31.30
N MET A 286 -42.18 0.89 31.08
CA MET A 286 -42.33 2.31 30.78
C MET A 286 -42.93 2.56 29.41
N THR A 287 -42.50 1.89 28.34
CA THR A 287 -43.10 2.16 27.02
C THR A 287 -44.56 1.72 26.96
N ILE A 288 -44.94 0.66 27.68
CA ILE A 288 -46.34 0.26 27.84
C ILE A 288 -47.16 1.40 28.43
N LEU A 289 -46.61 2.08 29.43
CA LEU A 289 -47.20 3.21 30.14
C LEU A 289 -47.21 4.51 29.31
N VAL A 290 -46.46 4.58 28.21
CA VAL A 290 -46.53 5.64 27.19
C VAL A 290 -47.60 5.36 26.16
N VAL A 291 -47.69 4.16 25.62
CA VAL A 291 -48.64 3.87 24.53
C VAL A 291 -50.07 3.63 25.03
N ASN A 292 -50.30 3.37 26.32
CA ASN A 292 -51.64 3.09 26.86
C ASN A 292 -52.31 4.26 27.61
N ILE A 293 -51.62 5.39 27.77
CA ILE A 293 -52.15 6.60 28.41
C ILE A 293 -51.88 7.78 27.48
N LYS A 294 -52.87 8.67 27.28
CA LYS A 294 -52.68 9.82 26.40
C LYS A 294 -51.67 10.80 27.00
N PRO A 295 -50.62 11.23 26.29
CA PRO A 295 -49.66 12.17 26.84
C PRO A 295 -50.30 13.44 27.38
N GLY A 296 -49.88 13.84 28.57
CA GLY A 296 -50.35 15.02 29.29
C GLY A 296 -51.43 14.74 30.33
N MET A 297 -52.20 13.65 30.23
CA MET A 297 -53.16 13.25 31.26
C MET A 297 -52.44 12.73 32.51
N ALA A 298 -52.79 13.22 33.70
CA ALA A 298 -52.25 12.65 34.94
C ALA A 298 -52.79 11.24 35.19
N PHE A 299 -51.99 10.35 35.78
CA PHE A 299 -52.41 8.98 36.07
C PHE A 299 -51.91 8.46 37.42
N ASN A 300 -52.75 7.67 38.10
CA ASN A 300 -52.53 6.98 39.38
C ASN A 300 -52.59 5.45 39.17
N SER A 301 -52.46 4.67 40.24
CA SER A 301 -52.66 3.21 40.21
C SER A 301 -54.07 2.80 39.76
N THR A 302 -55.07 3.63 40.07
CA THR A 302 -56.46 3.53 39.63
C THR A 302 -56.67 3.77 38.13
N GLY A 303 -55.62 4.08 37.36
CA GLY A 303 -55.70 4.48 35.95
C GLY A 303 -55.56 5.99 35.76
N ILE A 304 -56.14 6.54 34.69
CA ILE A 304 -56.10 7.98 34.42
C ILE A 304 -56.90 8.77 35.47
N ILE A 305 -56.39 9.91 35.92
CA ILE A 305 -57.12 10.88 36.77
C ILE A 305 -58.11 11.65 35.88
N ASN A 306 -59.39 11.29 35.94
CA ASN A 306 -60.44 11.84 35.08
C ASN A 306 -61.83 11.79 35.74
N ASN A 319 -57.83 -0.20 32.13
CA ASN A 319 -56.40 -0.46 32.05
C ASN A 319 -55.68 -0.39 33.41
N SER A 320 -56.40 -0.19 34.52
CA SER A 320 -55.82 0.05 35.84
C SER A 320 -54.86 -1.06 36.30
N TYR A 321 -55.12 -2.34 36.01
CA TYR A 321 -54.20 -3.42 36.40
C TYR A 321 -52.87 -3.35 35.62
N LEU A 322 -52.93 -3.11 34.31
CA LEU A 322 -51.74 -2.88 33.46
C LEU A 322 -50.96 -1.65 33.94
N ILE A 323 -51.65 -0.53 34.15
CA ILE A 323 -51.09 0.75 34.61
C ILE A 323 -50.41 0.57 35.98
N LYS A 324 -51.08 -0.07 36.93
CA LYS A 324 -50.59 -0.33 38.30
C LYS A 324 -49.36 -1.21 38.27
N THR A 325 -49.41 -2.36 37.61
CA THR A 325 -48.27 -3.30 37.55
C THR A 325 -47.07 -2.71 36.82
N CYS A 326 -47.27 -1.98 35.70
CA CYS A 326 -46.19 -1.31 35.00
C CYS A 326 -45.57 -0.16 35.79
N MET A 327 -46.35 0.57 36.60
CA MET A 327 -45.79 1.55 37.53
C MET A 327 -44.98 0.89 38.65
N ILE A 328 -45.49 -0.19 39.25
CA ILE A 328 -44.77 -0.91 40.31
C ILE A 328 -43.43 -1.43 39.77
N LEU A 329 -43.41 -1.96 38.53
CA LEU A 329 -42.20 -2.38 37.85
C LEU A 329 -41.22 -1.23 37.57
N VAL A 330 -41.66 -0.11 37.00
CA VAL A 330 -40.81 1.08 36.77
C VAL A 330 -40.25 1.63 38.07
N PHE A 331 -41.03 1.63 39.16
CA PHE A 331 -40.57 2.09 40.46
C PHE A 331 -39.50 1.14 41.03
N LEU A 332 -39.80 -0.15 41.14
CA LEU A 332 -38.86 -1.19 41.62
C LEU A 332 -37.56 -1.17 40.82
N SER A 333 -37.64 -1.14 39.49
CA SER A 333 -36.45 -1.12 38.65
C SER A 333 -35.67 0.20 38.75
N SER A 334 -36.31 1.33 39.07
CA SER A 334 -35.60 2.58 39.34
C SER A 334 -34.90 2.61 40.70
N ILE A 335 -35.47 2.04 41.76
CA ILE A 335 -34.80 1.92 43.06
C ILE A 335 -33.71 0.84 43.05
N PHE A 336 -33.88 -0.27 42.32
CA PHE A 336 -32.80 -1.23 42.04
C PHE A 336 -31.68 -0.58 41.21
N GLY A 337 -32.03 0.29 40.26
CA GLY A 337 -31.08 1.09 39.51
C GLY A 337 -30.26 2.06 40.39
N TYR A 338 -30.92 2.75 41.32
CA TYR A 338 -30.25 3.61 42.31
C TYR A 338 -29.28 2.80 43.20
N CYS A 339 -29.61 1.55 43.53
CA CYS A 339 -28.69 0.63 44.22
C CYS A 339 -27.47 0.25 43.36
N LYS A 340 -27.67 -0.18 42.11
CA LYS A 340 -26.57 -0.56 41.19
C LYS A 340 -25.66 0.63 40.85
N GLU A 341 -26.21 1.85 40.78
CA GLU A 341 -25.46 3.09 41.01
C GLU A 341 -25.27 3.33 42.51
N ILE A 356 -20.45 7.65 28.28
CA ILE A 356 -21.35 8.50 29.07
C ILE A 356 -22.35 7.69 29.91
N SER A 357 -22.24 6.36 29.89
CA SER A 357 -23.17 5.40 30.50
C SER A 357 -23.54 5.69 31.96
N ASN A 358 -22.56 6.06 32.79
CA ASN A 358 -22.79 6.41 34.19
C ASN A 358 -23.73 7.62 34.37
N VAL A 359 -23.69 8.60 33.46
CA VAL A 359 -24.54 9.79 33.48
C VAL A 359 -25.95 9.45 33.02
N LEU A 360 -26.10 8.65 31.96
CA LEU A 360 -27.40 8.27 31.42
C LEU A 360 -28.28 7.57 32.45
N GLU A 361 -27.72 6.71 33.30
CA GLU A 361 -28.42 6.06 34.41
C GLU A 361 -28.93 7.06 35.46
N TRP A 362 -28.17 8.12 35.73
CA TRP A 362 -28.58 9.15 36.70
C TRP A 362 -29.61 10.12 36.16
N ILE A 363 -29.79 10.21 34.84
CA ILE A 363 -30.99 10.79 34.23
C ILE A 363 -32.16 9.81 34.33
N ILE A 364 -31.98 8.57 33.88
CA ILE A 364 -33.05 7.59 33.72
C ILE A 364 -33.74 7.25 35.03
N TYR A 365 -33.02 6.81 36.06
CA TYR A 365 -33.69 6.37 37.29
C TYR A 365 -34.32 7.53 38.03
N THR A 366 -33.69 8.71 38.05
CA THR A 366 -34.29 9.88 38.73
C THR A 366 -35.55 10.37 38.00
N THR A 367 -35.50 10.44 36.68
CA THR A 367 -36.61 10.94 35.85
C THR A 367 -37.75 9.93 35.79
N GLY A 368 -37.44 8.65 35.67
CA GLY A 368 -38.40 7.56 35.69
C GLY A 368 -39.12 7.40 37.03
N ILE A 369 -38.51 7.81 38.15
CA ILE A 369 -39.23 7.94 39.43
C ILE A 369 -40.29 9.03 39.33
N ILE A 370 -39.98 10.23 38.81
CA ILE A 370 -40.94 11.33 38.77
C ILE A 370 -42.18 10.97 37.94
N PHE A 371 -42.02 10.31 36.79
CA PHE A 371 -43.13 9.83 35.95
C PHE A 371 -44.13 8.93 36.69
N VAL A 372 -43.69 8.32 37.79
CA VAL A 372 -44.40 7.28 38.53
C VAL A 372 -44.63 7.65 40.01
N LEU A 373 -44.20 8.82 40.48
CA LEU A 373 -44.50 9.28 41.84
C LEU A 373 -46.00 9.23 42.20
N PRO A 374 -46.96 9.49 41.31
CA PRO A 374 -48.38 9.23 41.53
C PRO A 374 -48.78 7.77 41.83
N LEU A 375 -47.85 6.83 41.93
CA LEU A 375 -48.06 5.54 42.60
C LEU A 375 -48.24 5.71 44.12
N PHE A 376 -47.70 6.80 44.69
CA PHE A 376 -47.67 7.10 46.13
C PHE A 376 -47.94 8.58 46.50
N VAL A 377 -47.77 9.53 45.57
CA VAL A 377 -47.63 10.98 45.83
C VAL A 377 -48.27 11.77 44.70
N GLU A 378 -49.35 12.50 44.95
CA GLU A 378 -50.01 13.32 43.91
C GLU A 378 -49.09 14.46 43.42
N ILE A 379 -48.87 14.51 42.11
CA ILE A 379 -47.93 15.43 41.44
C ILE A 379 -48.55 15.97 40.15
N PRO A 380 -48.19 17.19 39.71
CA PRO A 380 -48.76 17.85 38.53
C PRO A 380 -48.67 17.05 37.23
N ALA A 381 -49.73 17.10 36.43
CA ALA A 381 -49.84 16.37 35.17
C ALA A 381 -48.70 16.73 34.19
N HIS A 382 -48.42 18.02 34.07
CA HIS A 382 -47.38 18.56 33.21
C HIS A 382 -45.96 18.11 33.60
N LEU A 383 -45.67 18.05 34.90
CA LEU A 383 -44.38 17.55 35.43
C LEU A 383 -44.24 16.05 35.22
N GLN A 384 -45.30 15.29 35.45
CA GLN A 384 -45.31 13.85 35.21
C GLN A 384 -44.89 13.56 33.78
N TRP A 385 -45.54 14.16 32.79
CA TRP A 385 -45.20 13.92 31.38
C TRP A 385 -43.93 14.61 30.91
N GLN A 386 -43.47 15.68 31.55
CA GLN A 386 -42.18 16.26 31.22
C GLN A 386 -41.06 15.26 31.51
N CYS A 387 -41.17 14.56 32.64
CA CYS A 387 -40.27 13.45 32.96
C CYS A 387 -40.56 12.20 32.15
N GLY A 388 -41.81 11.92 31.78
CA GLY A 388 -42.12 10.85 30.83
C GLY A 388 -41.36 11.00 29.51
N ALA A 389 -41.38 12.19 28.90
CA ALA A 389 -40.66 12.49 27.67
C ALA A 389 -39.15 12.27 27.78
N ILE A 390 -38.51 12.79 28.84
CA ILE A 390 -37.06 12.64 29.06
C ILE A 390 -36.69 11.20 29.35
N ALA A 391 -37.42 10.50 30.23
CA ALA A 391 -37.10 9.15 30.63
C ALA A 391 -37.18 8.18 29.46
N VAL A 392 -38.26 8.23 28.69
CA VAL A 392 -38.51 7.30 27.59
C VAL A 392 -37.46 7.45 26.50
N TYR A 393 -37.04 8.69 26.21
CA TYR A 393 -35.97 8.95 25.28
C TYR A 393 -34.67 8.31 25.73
N PHE A 394 -34.15 8.66 26.91
CA PHE A 394 -32.87 8.15 27.37
C PHE A 394 -32.89 6.65 27.67
N TYR A 395 -34.01 6.05 28.04
CA TYR A 395 -34.14 4.60 28.19
C TYR A 395 -33.74 3.85 26.92
N TRP A 396 -34.08 4.36 25.74
CA TRP A 396 -33.77 3.73 24.46
C TRP A 396 -32.40 4.16 23.91
N MET A 397 -31.97 5.39 24.11
CA MET A 397 -30.58 5.76 23.76
C MET A 397 -29.58 4.91 24.54
N ASN A 398 -29.82 4.71 25.83
CA ASN A 398 -29.02 3.86 26.71
C ASN A 398 -29.24 2.35 26.48
N PHE A 399 -30.28 1.94 25.76
CA PHE A 399 -30.45 0.54 25.32
C PHE A 399 -29.48 0.15 24.20
N LEU A 400 -28.92 1.10 23.44
CA LEU A 400 -27.90 0.83 22.44
C LEU A 400 -26.58 0.35 23.04
N LEU A 401 -26.25 0.82 24.24
CA LEU A 401 -25.04 0.42 24.97
C LEU A 401 -25.06 -1.06 25.37
N TYR A 402 -26.23 -1.69 25.43
CA TYR A 402 -26.37 -3.13 25.59
C TYR A 402 -26.18 -3.90 24.27
N LEU A 403 -26.27 -3.24 23.11
CA LEU A 403 -26.01 -3.89 21.83
C LEU A 403 -24.52 -3.92 21.45
N GLN A 404 -23.64 -3.27 22.22
CA GLN A 404 -22.19 -3.40 22.04
C GLN A 404 -21.67 -4.84 22.18
N ARG A 405 -22.43 -5.72 22.84
CA ARG A 405 -22.04 -7.06 23.23
C ARG A 405 -22.81 -8.16 22.50
N PHE A 406 -23.36 -7.89 21.31
CA PHE A 406 -23.89 -8.92 20.41
C PHE A 406 -23.20 -8.88 19.04
N GLU A 407 -22.96 -10.05 18.46
CA GLU A 407 -22.06 -10.22 17.31
C GLU A 407 -22.56 -9.64 15.98
N ASN A 408 -23.87 -9.42 15.84
CA ASN A 408 -24.39 -8.72 14.65
C ASN A 408 -24.25 -7.19 14.73
N CYS A 409 -24.09 -6.63 15.93
CA CYS A 409 -24.48 -5.26 16.25
C CYS A 409 -23.31 -4.37 16.64
N GLY A 410 -22.40 -4.86 17.48
CA GLY A 410 -21.45 -4.02 18.19
C GLY A 410 -20.54 -3.17 17.31
N ILE A 411 -20.24 -3.65 16.11
CA ILE A 411 -19.53 -2.91 15.07
C ILE A 411 -20.20 -1.57 14.76
N PHE A 412 -21.54 -1.52 14.67
CA PHE A 412 -22.29 -0.30 14.42
C PHE A 412 -22.31 0.65 15.60
N ILE A 413 -22.34 0.17 16.84
CA ILE A 413 -22.32 1.05 18.02
C ILE A 413 -20.92 1.62 18.22
N VAL A 414 -19.88 0.85 17.94
CA VAL A 414 -18.50 1.32 17.91
C VAL A 414 -18.28 2.37 16.81
N MET A 415 -18.87 2.20 15.62
CA MET A 415 -18.82 3.23 14.58
C MET A 415 -19.67 4.45 14.89
N LEU A 416 -20.84 4.30 15.50
CA LEU A 416 -21.69 5.41 15.90
C LEU A 416 -20.98 6.33 16.88
N GLU A 417 -20.28 5.77 17.86
CA GLU A 417 -19.48 6.52 18.82
C GLU A 417 -18.29 7.24 18.18
N VAL A 418 -17.59 6.65 17.22
CA VAL A 418 -16.48 7.30 16.51
C VAL A 418 -16.95 8.53 15.74
N ILE A 419 -18.02 8.42 14.95
CA ILE A 419 -18.55 9.54 14.17
C ILE A 419 -19.19 10.60 15.07
N LEU A 420 -19.83 10.23 16.18
CA LEU A 420 -20.41 11.16 17.13
C LEU A 420 -19.35 11.93 17.92
N LYS A 421 -18.32 11.26 18.45
CA LYS A 421 -17.19 11.92 19.15
C LYS A 421 -16.40 12.84 18.24
N THR A 422 -16.27 12.49 16.96
CA THR A 422 -15.59 13.35 15.97
C THR A 422 -16.41 14.60 15.65
N LEU A 423 -17.73 14.45 15.48
CA LEU A 423 -18.62 15.59 15.27
C LEU A 423 -18.57 16.53 16.46
N LEU A 424 -18.79 16.03 17.68
CA LEU A 424 -18.85 16.81 18.92
C LEU A 424 -17.54 17.53 19.27
N ARG A 425 -16.39 17.12 18.72
CA ARG A 425 -15.16 17.92 18.73
C ARG A 425 -15.24 19.08 17.76
N SER A 426 -15.67 18.82 16.54
CA SER A 426 -15.77 19.84 15.49
C SER A 426 -16.79 20.93 15.80
N THR A 427 -17.82 20.66 16.60
CA THR A 427 -18.83 21.67 16.96
C THR A 427 -18.25 22.83 17.74
N VAL A 428 -17.17 22.65 18.50
CA VAL A 428 -16.48 23.75 19.18
C VAL A 428 -16.06 24.84 18.19
N VAL A 429 -15.60 24.42 17.00
CA VAL A 429 -15.24 25.31 15.89
C VAL A 429 -16.49 25.85 15.21
N PHE A 430 -17.35 24.96 14.72
CA PHE A 430 -18.41 25.36 13.79
C PHE A 430 -19.69 25.91 14.43
N ILE A 431 -19.80 25.94 15.75
CA ILE A 431 -20.82 26.75 16.43
C ILE A 431 -20.66 28.24 16.10
N PHE A 432 -19.44 28.74 15.94
CA PHE A 432 -19.16 30.11 15.52
C PHE A 432 -19.43 30.36 14.04
N LEU A 433 -19.32 29.35 13.19
CA LEU A 433 -19.75 29.46 11.79
C LEU A 433 -21.26 29.65 11.67
N LEU A 434 -22.07 29.01 12.54
CA LEU A 434 -23.52 29.21 12.57
C LEU A 434 -23.95 30.45 13.36
N LEU A 435 -23.18 30.91 14.34
CA LEU A 435 -23.39 32.18 15.04
C LEU A 435 -23.16 33.39 14.13
N ALA A 436 -22.23 33.31 13.17
CA ALA A 436 -22.01 34.34 12.15
C ALA A 436 -23.23 34.55 11.25
N PHE A 437 -23.77 33.47 10.67
CA PHE A 437 -24.98 33.56 9.86
C PHE A 437 -26.24 33.81 10.69
N GLY A 438 -26.31 33.31 11.92
CA GLY A 438 -27.46 33.52 12.81
C GLY A 438 -27.62 34.97 13.22
N LEU A 439 -26.59 35.60 13.74
CA LEU A 439 -26.64 37.01 14.13
C LEU A 439 -26.74 37.94 12.92
N SER A 440 -26.40 37.49 11.71
CA SER A 440 -26.48 38.28 10.48
C SER A 440 -27.83 38.18 9.76
N PHE A 441 -28.43 36.99 9.61
CA PHE A 441 -29.83 36.88 9.17
C PHE A 441 -30.80 37.50 10.18
N TYR A 442 -30.45 37.57 11.45
CA TYR A 442 -31.18 38.34 12.45
C TYR A 442 -31.26 39.84 12.11
N ILE A 443 -30.26 40.43 11.48
CA ILE A 443 -30.35 41.82 10.98
C ILE A 443 -31.21 41.89 9.72
N LEU A 444 -30.85 41.10 8.72
CA LEU A 444 -31.31 41.24 7.34
C LEU A 444 -32.75 40.75 7.15
N LEU A 445 -33.21 39.79 7.95
CA LEU A 445 -34.51 39.14 7.83
C LEU A 445 -35.39 39.38 9.07
N ASN A 446 -35.07 40.39 9.89
CA ASN A 446 -35.70 40.63 11.19
C ASN A 446 -37.24 40.72 11.15
N LEU A 447 -37.79 41.23 10.06
CA LEU A 447 -39.22 41.44 9.87
C LEU A 447 -40.03 40.15 9.69
N GLN A 448 -39.38 38.98 9.55
CA GLN A 448 -40.01 37.68 9.33
C GLN A 448 -40.05 36.84 10.60
N ASP A 449 -41.16 36.16 10.88
CA ASP A 449 -41.36 35.36 12.10
C ASP A 449 -40.18 34.44 12.50
N PRO A 450 -39.56 33.66 11.60
CA PRO A 450 -38.48 32.73 11.93
C PRO A 450 -37.21 33.38 12.47
N PHE A 451 -36.97 34.65 12.16
CA PHE A 451 -35.77 35.37 12.54
C PHE A 451 -36.07 36.48 13.57
N SER A 452 -37.23 36.44 14.24
CA SER A 452 -37.71 37.49 15.15
C SER A 452 -36.81 37.82 16.33
N SER A 453 -35.95 36.90 16.73
CA SER A 453 -35.14 36.94 17.96
C SER A 453 -33.78 36.32 17.69
N PRO A 454 -32.71 36.69 18.40
CA PRO A 454 -31.39 36.18 18.08
C PRO A 454 -31.26 34.67 18.29
N LEU A 455 -31.91 34.09 19.29
CA LEU A 455 -31.91 32.63 19.51
C LEU A 455 -32.79 31.86 18.52
N LEU A 456 -33.94 32.41 18.10
CA LEU A 456 -34.74 31.80 17.04
C LEU A 456 -33.97 31.79 15.71
N SER A 457 -33.25 32.87 15.42
CA SER A 457 -32.41 32.98 14.24
C SER A 457 -31.31 31.91 14.21
N ILE A 458 -30.69 31.59 15.36
CA ILE A 458 -29.69 30.50 15.44
C ILE A 458 -30.33 29.12 15.30
N ILE A 459 -31.48 28.82 15.91
CA ILE A 459 -32.18 27.54 15.70
C ILE A 459 -32.65 27.38 14.24
N GLN A 460 -32.92 28.50 13.55
CA GLN A 460 -33.30 28.50 12.14
C GLN A 460 -32.11 28.24 11.21
N THR A 461 -30.93 28.84 11.39
CA THR A 461 -29.77 28.52 10.52
C THR A 461 -29.28 27.11 10.75
N PHE A 462 -29.37 26.60 11.98
CA PHE A 462 -29.11 25.21 12.28
C PHE A 462 -30.05 24.28 11.49
N SER A 463 -31.34 24.58 11.41
CA SER A 463 -32.27 23.82 10.59
C SER A 463 -32.07 23.98 9.07
N MET A 464 -31.47 25.08 8.58
CA MET A 464 -31.07 25.27 7.18
C MET A 464 -29.83 24.46 6.78
N MET A 465 -29.06 23.94 7.74
CA MET A 465 -27.77 23.27 7.54
C MET A 465 -27.87 22.02 6.66
N LEU A 466 -28.97 21.28 6.77
CA LEU A 466 -29.34 20.14 5.93
C LEU A 466 -29.80 20.52 4.51
N GLY A 467 -29.70 21.78 4.10
CA GLY A 467 -30.02 22.26 2.76
C GLY A 467 -31.47 22.66 2.51
N ASP A 468 -32.33 22.73 3.53
CA ASP A 468 -33.69 23.28 3.41
C ASP A 468 -33.71 24.77 3.77
N ILE A 469 -33.24 25.60 2.85
CA ILE A 469 -32.99 27.05 2.98
C ILE A 469 -34.27 27.89 3.17
N ASN A 470 -35.45 27.37 2.82
CA ASN A 470 -36.72 28.09 2.72
C ASN A 470 -36.67 29.28 1.73
N TYR A 471 -35.97 29.12 0.59
CA TYR A 471 -35.64 30.22 -0.33
C TYR A 471 -36.84 31.02 -0.82
N ARG A 472 -37.85 30.36 -1.39
CA ARG A 472 -39.01 31.08 -1.94
C ARG A 472 -39.75 31.82 -0.83
N GLU A 473 -39.90 31.15 0.29
CA GLU A 473 -40.68 31.59 1.45
C GLU A 473 -40.06 32.77 2.21
N SER A 474 -38.74 32.97 2.17
CA SER A 474 -38.00 33.96 2.96
C SER A 474 -37.09 34.93 2.21
N PHE A 475 -36.82 34.74 0.92
CA PHE A 475 -36.03 35.68 0.11
C PHE A 475 -36.82 36.17 -1.11
N LEU A 476 -37.26 35.26 -1.98
CA LEU A 476 -37.91 35.63 -3.24
C LEU A 476 -39.25 36.32 -3.05
N GLU A 477 -40.16 35.71 -2.29
CA GLU A 477 -41.50 36.25 -2.12
C GLU A 477 -41.45 37.60 -1.38
N PRO A 478 -40.72 37.76 -0.27
CA PRO A 478 -40.47 39.08 0.33
C PRO A 478 -39.85 40.11 -0.61
N TYR A 479 -38.94 39.73 -1.50
CA TYR A 479 -38.33 40.64 -2.48
C TYR A 479 -39.34 41.16 -3.50
N LEU A 480 -40.20 40.29 -4.03
CA LEU A 480 -41.22 40.67 -4.98
C LEU A 480 -42.38 41.46 -4.35
N ARG A 481 -42.59 41.35 -3.03
CA ARG A 481 -43.49 42.21 -2.24
C ARG A 481 -42.86 43.53 -1.77
N ASN A 482 -41.56 43.75 -2.00
CA ASN A 482 -40.76 44.87 -1.48
C ASN A 482 -40.71 44.93 0.06
N GLU A 483 -40.48 43.79 0.70
CA GLU A 483 -40.40 43.61 2.16
C GLU A 483 -39.01 43.20 2.69
N LEU A 484 -38.03 42.91 1.84
CA LEU A 484 -36.63 42.82 2.30
C LEU A 484 -36.10 44.23 2.57
N ALA A 485 -35.53 44.49 3.74
CA ALA A 485 -34.97 45.79 4.08
C ALA A 485 -33.60 46.06 3.40
N HIS A 486 -32.90 45.00 3.01
CA HIS A 486 -31.58 45.02 2.38
C HIS A 486 -31.49 43.93 1.29
N PRO A 487 -32.24 44.01 0.18
CA PRO A 487 -32.38 42.89 -0.73
C PRO A 487 -31.07 42.40 -1.33
N VAL A 488 -30.21 43.28 -1.86
CA VAL A 488 -28.92 42.86 -2.46
C VAL A 488 -28.03 42.13 -1.45
N LEU A 489 -27.91 42.67 -0.24
CA LEU A 489 -27.08 42.14 0.82
C LEU A 489 -27.65 40.83 1.40
N SER A 490 -28.96 40.69 1.39
CA SER A 490 -29.68 39.50 1.80
C SER A 490 -29.46 38.34 0.84
N PHE A 491 -29.56 38.56 -0.47
CA PHE A 491 -29.26 37.56 -1.49
C PHE A 491 -27.77 37.18 -1.53
N ALA A 492 -26.85 38.09 -1.21
CA ALA A 492 -25.44 37.78 -1.10
C ALA A 492 -25.15 36.86 0.09
N GLN A 493 -25.78 37.12 1.24
CA GLN A 493 -25.64 36.32 2.45
C GLN A 493 -26.29 34.94 2.29
N LEU A 494 -27.24 34.79 1.39
CA LEU A 494 -27.92 33.54 1.02
C LEU A 494 -27.06 32.62 0.16
N VAL A 495 -26.43 33.15 -0.90
CA VAL A 495 -25.42 32.39 -1.66
C VAL A 495 -24.21 32.04 -0.78
N SER A 496 -23.76 32.97 0.07
CA SER A 496 -22.69 32.72 1.05
C SER A 496 -23.05 31.62 2.03
N PHE A 497 -24.23 31.65 2.67
CA PHE A 497 -24.65 30.59 3.58
C PHE A 497 -24.67 29.24 2.88
N THR A 498 -25.24 29.18 1.67
CA THR A 498 -25.41 27.95 0.91
C THR A 498 -24.07 27.32 0.54
N ILE A 499 -23.08 28.14 0.18
CA ILE A 499 -21.70 27.74 -0.05
C ILE A 499 -21.07 27.22 1.25
N PHE A 500 -20.96 28.01 2.32
CA PHE A 500 -20.21 27.63 3.52
C PHE A 500 -20.84 26.50 4.33
N VAL A 501 -22.16 26.44 4.42
CA VAL A 501 -22.85 25.52 5.34
C VAL A 501 -23.37 24.26 4.61
N PRO A 502 -24.48 24.25 3.83
CA PRO A 502 -24.94 23.05 3.14
C PRO A 502 -23.94 22.36 2.21
N ILE A 503 -23.06 23.09 1.54
CA ILE A 503 -22.07 22.50 0.64
C ILE A 503 -20.79 22.21 1.41
N VAL A 504 -20.04 23.22 1.86
CA VAL A 504 -18.73 23.03 2.49
C VAL A 504 -18.81 22.27 3.81
N LEU A 505 -19.48 22.80 4.84
CA LEU A 505 -19.51 22.20 6.17
C LEU A 505 -20.11 20.79 6.18
N MET A 506 -21.21 20.56 5.47
CA MET A 506 -21.81 19.22 5.42
C MET A 506 -20.93 18.20 4.71
N ASN A 507 -20.20 18.58 3.66
CA ASN A 507 -19.23 17.70 3.02
C ASN A 507 -18.00 17.44 3.89
N LEU A 508 -17.55 18.41 4.68
CA LEU A 508 -16.50 18.18 5.67
C LEU A 508 -16.89 17.13 6.72
N LEU A 509 -18.16 17.04 7.12
CA LEU A 509 -18.65 15.99 8.02
C LEU A 509 -18.85 14.64 7.34
N ILE A 510 -19.21 14.60 6.06
CA ILE A 510 -19.23 13.36 5.28
C ILE A 510 -17.80 12.84 5.09
N GLY A 511 -16.84 13.71 4.77
CA GLY A 511 -15.44 13.36 4.60
C GLY A 511 -14.81 12.77 5.86
N LEU A 512 -15.10 13.37 7.02
CA LEU A 512 -14.70 12.88 8.34
C LEU A 512 -15.30 11.50 8.64
N ALA A 513 -16.59 11.32 8.39
CA ALA A 513 -17.30 10.07 8.60
C ALA A 513 -16.78 8.95 7.69
N VAL A 514 -16.56 9.24 6.41
CA VAL A 514 -16.06 8.29 5.42
C VAL A 514 -14.67 7.79 5.79
N GLY A 515 -13.79 8.67 6.28
CA GLY A 515 -12.48 8.29 6.76
C GLY A 515 -12.56 7.43 8.02
N ASP A 516 -13.28 7.90 9.03
CA ASP A 516 -13.21 7.30 10.36
C ASP A 516 -13.99 5.98 10.46
N ILE A 517 -14.96 5.72 9.60
CA ILE A 517 -15.57 4.39 9.44
C ILE A 517 -14.66 3.42 8.70
N ALA A 518 -13.87 3.89 7.73
CA ALA A 518 -12.95 3.05 6.97
C ALA A 518 -11.75 2.58 7.81
N ASP A 519 -11.45 3.28 8.90
CA ASP A 519 -10.46 2.90 9.89
C ASP A 519 -11.02 1.98 10.98
N VAL A 520 -12.28 2.12 11.41
CA VAL A 520 -12.92 1.07 12.22
C VAL A 520 -12.98 -0.24 11.45
N GLN A 521 -13.39 -0.23 10.18
CA GLN A 521 -13.45 -1.44 9.36
C GLN A 521 -12.07 -1.98 8.95
N LYS A 522 -10.99 -1.21 9.04
CA LYS A 522 -9.62 -1.70 8.86
C LYS A 522 -9.19 -2.54 10.07
N HIS A 523 -9.28 -1.98 11.26
CA HIS A 523 -8.89 -2.62 12.52
C HIS A 523 -9.94 -3.58 13.10
N ALA A 524 -11.10 -3.74 12.45
CA ALA A 524 -12.25 -4.46 12.97
C ALA A 524 -11.97 -5.90 13.38
N SER A 525 -11.20 -6.62 12.55
CA SER A 525 -10.97 -8.06 12.70
C SER A 525 -10.27 -8.40 14.00
N LEU A 526 -9.23 -7.64 14.36
CA LEU A 526 -8.60 -7.70 15.68
C LEU A 526 -9.51 -7.14 16.76
N LYS A 527 -10.09 -5.95 16.54
CA LYS A 527 -10.91 -5.25 17.55
C LYS A 527 -12.08 -6.09 18.03
N ARG A 528 -12.70 -6.91 17.19
CA ARG A 528 -13.81 -7.75 17.63
C ARG A 528 -13.39 -8.83 18.59
N ILE A 529 -12.25 -9.48 18.34
CA ILE A 529 -11.72 -10.52 19.21
C ILE A 529 -11.14 -9.89 20.48
N ALA A 530 -10.48 -8.75 20.37
CA ALA A 530 -10.01 -7.98 21.50
C ALA A 530 -11.14 -7.59 22.47
N MET A 531 -12.31 -7.19 21.94
CA MET A 531 -13.51 -6.86 22.71
C MET A 531 -14.04 -8.08 23.47
N GLN A 532 -14.06 -9.25 22.84
CA GLN A 532 -14.48 -10.50 23.46
C GLN A 532 -13.50 -10.93 24.56
N VAL A 533 -12.21 -10.90 24.28
CA VAL A 533 -11.17 -11.24 25.27
C VAL A 533 -11.23 -10.33 26.48
N GLU A 534 -11.38 -9.01 26.27
CA GLU A 534 -11.50 -8.02 27.34
C GLU A 534 -12.79 -8.16 28.16
N LEU A 535 -13.90 -8.59 27.54
CA LEU A 535 -15.14 -8.88 28.24
C LEU A 535 -14.98 -10.07 29.18
N HIS A 536 -14.49 -11.18 28.64
CA HIS A 536 -14.40 -12.43 29.38
C HIS A 536 -13.39 -12.34 30.50
N THR A 537 -12.24 -11.70 30.27
CA THR A 537 -11.26 -11.55 31.35
C THR A 537 -11.81 -10.70 32.49
N SER A 538 -12.55 -9.61 32.18
CA SER A 538 -13.20 -8.79 33.21
C SER A 538 -14.21 -9.59 34.04
N LEU A 539 -15.06 -10.41 33.40
CA LEU A 539 -15.97 -11.32 34.09
C LEU A 539 -15.25 -12.35 34.94
N GLU A 540 -14.16 -12.93 34.44
CA GLU A 540 -13.44 -13.98 35.17
C GLU A 540 -12.71 -13.41 36.40
N LYS A 541 -12.28 -12.15 36.37
CA LYS A 541 -11.74 -11.44 37.53
C LYS A 541 -12.80 -11.16 38.60
N LYS A 542 -14.07 -11.06 38.22
CA LYS A 542 -15.21 -10.78 39.11
C LYS A 542 -15.86 -12.04 39.69
N LEU A 543 -16.07 -13.08 38.88
CA LEU A 543 -16.66 -14.35 39.29
C LEU A 543 -15.76 -15.11 40.30
N PRO A 544 -16.30 -16.00 41.13
CA PRO A 544 -15.55 -16.75 42.13
C PRO A 544 -14.90 -18.01 41.57
N LEU A 545 -13.69 -18.33 42.04
CA LEU A 545 -12.88 -19.45 41.54
C LEU A 545 -13.64 -20.79 41.49
N TRP A 546 -14.47 -21.11 42.48
CA TRP A 546 -15.23 -22.37 42.47
C TRP A 546 -16.20 -22.46 41.28
N PHE A 547 -16.83 -21.35 40.91
CA PHE A 547 -17.75 -21.33 39.77
C PHE A 547 -16.99 -21.51 38.47
N LEU A 548 -15.83 -20.87 38.33
CA LEU A 548 -14.96 -21.06 37.17
C LEU A 548 -14.50 -22.50 37.05
N ARG A 549 -14.07 -23.13 38.15
CA ARG A 549 -13.69 -24.55 38.16
C ARG A 549 -14.85 -25.49 37.82
N LYS A 550 -16.08 -25.16 38.20
CA LYS A 550 -17.29 -25.92 37.79
C LYS A 550 -17.63 -25.74 36.31
N VAL A 551 -17.57 -24.51 35.83
CA VAL A 551 -18.25 -24.08 34.60
C VAL A 551 -17.33 -23.98 33.39
N ASP A 552 -16.03 -23.73 33.59
CA ASP A 552 -15.00 -23.86 32.55
C ASP A 552 -14.85 -25.33 32.13
N GLN A 553 -14.34 -25.58 30.92
CA GLN A 553 -14.42 -26.88 30.26
C GLN A 553 -13.22 -27.08 29.33
N LYS A 554 -12.23 -27.86 29.78
CA LYS A 554 -10.88 -27.96 29.18
C LYS A 554 -10.82 -28.55 27.76
N SER A 555 -11.88 -29.16 27.25
CA SER A 555 -11.97 -29.64 25.88
C SER A 555 -13.42 -29.69 25.40
N THR A 556 -13.65 -29.48 24.09
CA THR A 556 -14.98 -29.59 23.48
C THR A 556 -14.96 -30.32 22.15
N ILE A 557 -15.93 -31.22 21.95
CA ILE A 557 -16.25 -31.88 20.69
C ILE A 557 -17.23 -31.01 19.88
N VAL A 558 -17.07 -30.98 18.56
CA VAL A 558 -17.95 -30.30 17.60
C VAL A 558 -18.28 -31.23 16.42
N TYR A 559 -19.50 -31.17 15.89
CA TYR A 559 -19.93 -31.95 14.73
C TYR A 559 -20.21 -31.03 13.52
N PRO A 560 -19.23 -30.79 12.64
CA PRO A 560 -19.42 -30.02 11.40
C PRO A 560 -20.60 -30.47 10.53
N SER A 592 2.33 -9.64 4.06
CA SER A 592 3.35 -10.15 4.99
C SER A 592 4.67 -9.37 4.96
N LEU A 593 4.86 -8.43 4.03
CA LEU A 593 6.17 -7.82 3.73
C LEU A 593 6.83 -7.10 4.91
N GLU A 594 6.06 -6.67 5.90
CA GLU A 594 6.53 -6.15 7.18
C GLU A 594 7.37 -7.17 7.99
N MET A 595 7.39 -8.45 7.58
CA MET A 595 8.26 -9.52 8.08
C MET A 595 8.81 -10.45 6.98
N GLU A 596 8.25 -10.47 5.77
CA GLU A 596 8.80 -11.25 4.64
C GLU A 596 10.23 -10.82 4.27
N ILE A 597 10.54 -9.54 4.44
CA ILE A 597 11.85 -8.93 4.29
C ILE A 597 12.71 -9.11 5.55
N LEU A 598 12.10 -9.23 6.73
CA LEU A 598 12.83 -9.31 8.00
C LEU A 598 13.66 -10.59 8.09
N LYS A 599 13.13 -11.75 7.69
CA LYS A 599 13.94 -12.98 7.65
C LYS A 599 14.99 -12.93 6.54
N GLN A 600 14.74 -12.21 5.45
CA GLN A 600 15.71 -11.96 4.39
C GLN A 600 16.94 -11.21 4.91
N LYS A 601 16.76 -10.29 5.86
CA LYS A 601 17.86 -9.61 6.56
C LYS A 601 18.72 -10.60 7.33
N TYR A 602 18.11 -11.47 8.12
CA TYR A 602 18.83 -12.42 8.96
C TYR A 602 19.53 -13.52 8.16
N ARG A 603 18.93 -14.02 7.07
CA ARG A 603 19.61 -14.98 6.20
C ARG A 603 20.83 -14.33 5.52
N LEU A 604 20.72 -13.06 5.12
CA LEU A 604 21.84 -12.30 4.58
C LEU A 604 22.92 -12.01 5.65
N LYS A 605 22.53 -11.75 6.89
CA LYS A 605 23.45 -11.52 8.01
C LYS A 605 24.28 -12.75 8.37
N ASP A 606 23.70 -13.96 8.37
CA ASP A 606 24.47 -15.19 8.63
C ASP A 606 25.21 -15.73 7.40
N LEU A 607 24.88 -15.21 6.21
CA LEU A 607 25.64 -15.42 4.98
C LEU A 607 26.94 -14.61 4.97
N THR A 608 26.90 -13.34 5.38
CA THR A 608 28.14 -12.54 5.54
C THR A 608 29.03 -13.06 6.65
N PHE A 609 28.46 -13.60 7.73
CA PHE A 609 29.23 -14.25 8.78
C PHE A 609 30.00 -15.46 8.25
N LEU A 610 29.36 -16.32 7.47
CA LEU A 610 30.01 -17.47 6.83
C LEU A 610 31.08 -17.05 5.81
N LEU A 611 30.83 -16.02 4.99
CA LEU A 611 31.80 -15.55 4.00
C LEU A 611 33.06 -14.95 4.63
N GLU A 612 32.95 -14.31 5.78
CA GLU A 612 34.11 -13.78 6.51
C GLU A 612 34.85 -14.86 7.31
N LYS A 613 34.18 -15.92 7.79
CA LYS A 613 34.84 -17.13 8.33
C LYS A 613 35.67 -17.84 7.29
N GLN A 614 35.17 -17.90 6.06
CA GLN A 614 35.84 -18.49 4.92
C GLN A 614 36.98 -17.61 4.38
N HIS A 615 36.84 -16.30 4.40
CA HIS A 615 37.91 -15.37 4.01
C HIS A 615 39.17 -15.51 4.88
N GLU A 616 38.99 -15.78 6.16
CA GLU A 616 40.08 -15.96 7.12
C GLU A 616 40.76 -17.35 7.02
N LEU A 617 40.07 -18.38 6.51
CA LEU A 617 40.69 -19.65 6.13
C LEU A 617 41.50 -19.59 4.84
N ILE A 618 41.13 -18.76 3.88
CA ILE A 618 41.87 -18.62 2.62
C ILE A 618 43.20 -17.91 2.85
N LYS A 619 43.23 -16.90 3.73
CA LYS A 619 44.46 -16.28 4.22
C LYS A 619 45.34 -17.26 5.00
N LEU A 620 44.75 -18.18 5.77
CA LEU A 620 45.48 -19.24 6.47
C LEU A 620 46.16 -20.18 5.47
N ILE A 621 45.51 -20.51 4.34
CA ILE A 621 46.17 -21.22 3.25
C ILE A 621 47.39 -20.44 2.76
N ILE A 622 47.28 -19.19 2.31
CA ILE A 622 48.42 -18.46 1.72
C ILE A 622 49.57 -18.30 2.72
N GLN A 623 49.24 -18.18 4.01
CA GLN A 623 50.20 -18.10 5.10
C GLN A 623 50.97 -19.39 5.34
N LYS A 624 50.34 -20.56 5.25
CA LYS A 624 50.98 -21.88 5.50
C LYS A 624 51.40 -22.63 4.23
N MET A 625 50.92 -22.21 3.07
CA MET A 625 51.20 -22.77 1.73
C MET A 625 52.69 -22.90 1.45
N GLU A 626 53.12 -23.96 0.79
CA GLU A 626 54.52 -24.10 0.39
C GLU A 626 54.72 -23.44 -0.97
N ILE A 627 55.46 -22.32 -1.02
CA ILE A 627 55.76 -21.60 -2.27
C ILE A 627 57.22 -21.88 -2.64
N ILE A 628 57.40 -22.56 -3.77
CA ILE A 628 58.66 -22.94 -4.42
C ILE A 628 58.35 -22.92 -5.93
N SER A 629 59.30 -22.59 -6.79
CA SER A 629 59.11 -22.59 -8.26
C SER A 629 58.11 -21.56 -8.80
N GLU A 630 57.65 -20.61 -7.98
CA GLU A 630 56.72 -19.53 -8.35
C GLU A 630 56.98 -18.23 -7.54
N THR A 631 58.13 -18.13 -6.86
CA THR A 631 58.53 -16.94 -6.10
C THR A 631 58.78 -15.73 -7.01
N SER B 1 40.08 -46.90 -0.16
CA SER B 1 40.39 -45.55 0.36
C SER B 1 41.14 -44.66 -0.63
N PRO B 2 42.44 -44.86 -0.99
CA PRO B 2 43.18 -43.86 -1.78
C PRO B 2 42.52 -43.49 -3.12
N LEU B 3 42.00 -44.47 -3.85
CA LEU B 3 41.27 -44.23 -5.10
C LEU B 3 39.92 -43.53 -4.86
N HIS B 4 39.18 -43.89 -3.81
CA HIS B 4 37.93 -43.20 -3.48
C HIS B 4 38.15 -41.72 -3.20
N PHE B 5 39.27 -41.34 -2.60
CA PHE B 5 39.68 -39.94 -2.49
C PHE B 5 40.08 -39.35 -3.84
N ALA B 6 40.94 -40.03 -4.59
CA ALA B 6 41.48 -39.51 -5.84
C ALA B 6 40.41 -39.28 -6.91
N ALA B 7 39.51 -40.23 -7.11
CA ALA B 7 38.43 -40.12 -8.06
C ALA B 7 37.38 -39.09 -7.62
N SER B 8 37.09 -38.99 -6.33
CA SER B 8 36.15 -37.99 -5.79
C SER B 8 36.59 -36.55 -6.05
N TYR B 9 37.89 -36.26 -6.00
CA TYR B 9 38.43 -34.93 -6.22
C TYR B 9 39.05 -34.72 -7.59
N GLY B 10 38.86 -35.65 -8.52
CA GLY B 10 39.21 -35.46 -9.92
C GLY B 10 40.69 -35.58 -10.20
N ARG B 11 41.44 -36.23 -9.32
CA ARG B 11 42.90 -36.31 -9.30
C ARG B 11 43.38 -37.38 -10.27
N ILE B 12 43.21 -37.09 -11.56
CA ILE B 12 43.34 -38.01 -12.69
C ILE B 12 44.70 -38.70 -12.78
N ASN B 13 45.78 -38.02 -12.41
CA ASN B 13 47.14 -38.59 -12.38
C ASN B 13 47.43 -39.37 -11.11
N THR B 14 46.65 -39.25 -10.04
CA THR B 14 46.68 -40.21 -8.93
C THR B 14 45.91 -41.47 -9.32
N CYS B 15 44.77 -41.34 -10.02
CA CYS B 15 44.00 -42.49 -10.51
C CYS B 15 44.83 -43.39 -11.41
N GLN B 16 45.54 -42.87 -12.42
CA GLN B 16 46.32 -43.73 -13.32
C GLN B 16 47.42 -44.52 -12.60
N ARG B 17 48.02 -43.99 -11.54
CA ARG B 17 49.02 -44.70 -10.73
C ARG B 17 48.37 -45.80 -9.88
N LEU B 18 47.22 -45.49 -9.27
CA LEU B 18 46.42 -46.44 -8.49
C LEU B 18 45.92 -47.58 -9.38
N LEU B 19 45.40 -47.28 -10.57
CA LEU B 19 44.76 -48.26 -11.47
C LEU B 19 45.77 -49.12 -12.20
N GLN B 20 46.97 -48.63 -12.51
CA GLN B 20 48.05 -49.48 -13.03
C GLN B 20 48.55 -50.47 -11.97
N ASP B 21 48.64 -50.07 -10.71
CA ASP B 21 48.89 -50.99 -9.59
C ASP B 21 47.75 -52.01 -9.41
N ILE B 22 46.51 -51.52 -9.40
CA ILE B 22 45.27 -52.31 -9.35
C ILE B 22 44.88 -52.89 -10.73
N SER B 23 45.79 -53.64 -11.37
CA SER B 23 45.57 -54.26 -12.68
C SER B 23 44.46 -55.33 -12.71
N ASP B 24 43.97 -55.77 -11.55
CA ASP B 24 42.76 -56.57 -11.39
C ASP B 24 41.60 -55.71 -10.88
N THR B 25 40.43 -55.83 -11.50
CA THR B 25 39.29 -54.91 -11.34
C THR B 25 38.59 -54.93 -9.97
N ARG B 26 38.98 -55.80 -9.03
CA ARG B 26 38.36 -55.85 -7.70
C ARG B 26 38.46 -54.52 -6.91
N LEU B 27 39.59 -53.80 -7.07
CA LEU B 27 39.82 -52.49 -6.47
C LEU B 27 38.99 -51.40 -7.18
N LEU B 28 38.98 -51.43 -8.52
CA LEU B 28 38.28 -50.50 -9.42
C LEU B 28 36.76 -50.44 -9.19
N ASN B 29 36.17 -51.46 -8.56
CA ASN B 29 34.73 -51.54 -8.25
C ASN B 29 34.46 -51.67 -6.74
N GLU B 30 35.43 -51.34 -5.88
CA GLU B 30 35.26 -51.52 -4.43
C GLU B 30 34.09 -50.69 -3.87
N GLY B 31 33.42 -51.22 -2.84
CA GLY B 31 32.34 -50.53 -2.13
C GLY B 31 32.83 -49.37 -1.27
N ASP B 32 31.99 -48.88 -0.38
CA ASP B 32 32.28 -47.74 0.50
C ASP B 32 31.41 -47.79 1.77
N LEU B 33 31.75 -47.02 2.80
CA LEU B 33 31.00 -46.91 4.06
C LEU B 33 29.53 -46.51 3.84
N HIS B 34 29.27 -45.65 2.86
CA HIS B 34 27.93 -45.28 2.37
C HIS B 34 27.50 -46.04 1.11
N GLY B 35 28.26 -47.03 0.65
CA GLY B 35 27.85 -48.00 -0.39
C GLY B 35 28.22 -47.66 -1.83
N MET B 36 28.82 -46.50 -2.06
CA MET B 36 29.28 -46.00 -3.37
C MET B 36 30.50 -46.76 -3.91
N THR B 37 31.05 -46.32 -5.04
CA THR B 37 32.23 -46.89 -5.71
C THR B 37 32.98 -45.78 -6.46
N PRO B 38 34.26 -45.91 -6.84
CA PRO B 38 35.01 -44.83 -7.50
C PRO B 38 34.29 -44.15 -8.67
N LEU B 39 33.58 -44.92 -9.49
CA LEU B 39 32.81 -44.40 -10.62
C LEU B 39 31.67 -43.47 -10.16
N HIS B 40 31.03 -43.76 -9.03
CA HIS B 40 30.04 -42.87 -8.42
C HIS B 40 30.68 -41.64 -7.84
N LEU B 41 31.81 -41.74 -7.15
CA LEU B 41 32.46 -40.58 -6.55
C LEU B 41 32.87 -39.57 -7.61
N ALA B 42 33.39 -40.02 -8.74
CA ALA B 42 33.78 -39.14 -9.83
C ALA B 42 32.56 -38.45 -10.46
N ALA B 43 31.50 -39.18 -10.77
CA ALA B 43 30.28 -38.62 -11.34
C ALA B 43 29.55 -37.68 -10.37
N LYS B 44 29.51 -37.99 -9.08
CA LYS B 44 28.91 -37.13 -8.03
C LYS B 44 29.54 -35.75 -7.96
N ASN B 45 30.84 -35.63 -8.18
CA ASN B 45 31.56 -34.36 -8.10
C ASN B 45 31.82 -33.73 -9.46
N GLY B 46 31.55 -34.46 -10.56
CA GLY B 46 31.42 -33.90 -11.89
C GLY B 46 32.67 -33.96 -12.76
N HIS B 47 33.58 -34.88 -12.50
CA HIS B 47 34.88 -34.97 -13.17
C HIS B 47 34.81 -35.87 -14.39
N ASP B 48 34.40 -35.33 -15.53
CA ASP B 48 34.22 -36.09 -16.76
C ASP B 48 35.48 -36.85 -17.21
N LYS B 49 36.66 -36.25 -17.08
CA LYS B 49 37.95 -36.91 -17.34
C LYS B 49 38.13 -38.20 -16.55
N VAL B 50 37.69 -38.25 -15.29
CA VAL B 50 37.85 -39.42 -14.42
C VAL B 50 36.81 -40.49 -14.67
N VAL B 51 35.53 -40.15 -14.84
CA VAL B 51 34.54 -41.16 -15.26
C VAL B 51 34.89 -41.70 -16.64
N GLN B 52 35.42 -40.89 -17.55
CA GLN B 52 35.94 -41.39 -18.82
C GLN B 52 37.11 -42.35 -18.63
N LEU B 53 38.11 -42.04 -17.79
CA LEU B 53 39.19 -42.98 -17.45
C LEU B 53 38.64 -44.28 -16.85
N LEU B 54 37.79 -44.22 -15.84
CA LEU B 54 37.30 -45.41 -15.16
C LEU B 54 36.46 -46.29 -16.08
N LEU B 55 35.66 -45.72 -17.00
CA LEU B 55 34.90 -46.49 -17.98
C LEU B 55 35.78 -47.02 -19.11
N LYS B 56 36.81 -46.29 -19.55
CA LYS B 56 37.84 -46.77 -20.47
C LYS B 56 38.63 -47.94 -19.88
N LYS B 57 38.90 -47.92 -18.58
CA LYS B 57 39.48 -49.04 -17.79
C LYS B 57 38.47 -50.14 -17.44
N GLY B 58 37.21 -50.03 -17.83
CA GLY B 58 36.22 -51.10 -17.65
C GLY B 58 35.63 -51.21 -16.24
N ALA B 59 35.42 -50.09 -15.56
CA ALA B 59 34.52 -50.02 -14.41
C ALA B 59 33.07 -50.39 -14.82
N LEU B 60 32.24 -50.76 -13.85
CA LEU B 60 30.89 -51.28 -14.08
C LEU B 60 29.86 -50.38 -13.41
N PHE B 61 28.69 -50.18 -14.02
CA PHE B 61 27.58 -49.38 -13.48
C PHE B 61 26.85 -50.09 -12.33
N LEU B 62 27.57 -50.36 -11.25
CA LEU B 62 27.02 -50.87 -9.99
C LEU B 62 26.16 -49.80 -9.30
N SER B 63 25.53 -50.15 -8.18
CA SER B 63 24.45 -49.37 -7.58
C SER B 63 24.62 -49.13 -6.07
N ASP B 64 24.33 -47.91 -5.62
CA ASP B 64 24.52 -47.41 -4.26
C ASP B 64 23.72 -48.19 -3.19
N HIS B 65 23.91 -47.92 -1.89
CA HIS B 65 23.00 -48.43 -0.85
C HIS B 65 21.55 -47.97 -1.07
N ASN B 66 21.33 -46.75 -1.53
CA ASN B 66 20.02 -46.23 -1.93
C ASN B 66 19.61 -46.64 -3.35
N GLY B 67 20.44 -47.41 -4.04
CA GLY B 67 20.16 -47.89 -5.39
C GLY B 67 20.39 -46.87 -6.50
N TRP B 68 20.97 -45.71 -6.20
CA TRP B 68 21.36 -44.72 -7.20
C TRP B 68 22.48 -45.24 -8.12
N THR B 69 22.50 -44.75 -9.35
CA THR B 69 23.52 -45.08 -10.37
C THR B 69 24.53 -43.92 -10.50
N ALA B 70 25.68 -44.11 -11.14
CA ALA B 70 26.57 -42.98 -11.49
C ALA B 70 25.84 -41.88 -12.27
N LEU B 71 24.94 -42.24 -13.18
CA LEU B 71 24.11 -41.29 -13.91
C LEU B 71 23.09 -40.55 -13.02
N HIS B 72 22.64 -41.14 -11.91
CA HIS B 72 21.77 -40.43 -10.98
C HIS B 72 22.53 -39.35 -10.23
N HIS B 73 23.77 -39.62 -9.82
CA HIS B 73 24.62 -38.62 -9.17
C HIS B 73 25.01 -37.51 -10.15
N ALA B 74 25.37 -37.85 -11.39
CA ALA B 74 25.68 -36.88 -12.42
C ALA B 74 24.52 -35.90 -12.67
N SER B 75 23.31 -36.42 -12.63
CA SER B 75 22.07 -35.68 -12.88
C SER B 75 21.65 -34.86 -11.66
N MET B 76 21.68 -35.43 -10.47
CA MET B 76 21.48 -34.73 -9.20
C MET B 76 22.36 -33.47 -9.05
N GLY B 77 23.58 -33.47 -9.58
CA GLY B 77 24.49 -32.33 -9.57
C GLY B 77 24.49 -31.47 -10.82
N GLY B 78 23.77 -31.87 -11.88
CA GLY B 78 23.68 -31.12 -13.13
C GLY B 78 24.96 -31.11 -13.96
N TYR B 79 25.81 -32.13 -13.86
CA TYR B 79 27.09 -32.22 -14.57
C TYR B 79 26.94 -32.83 -15.96
N THR B 80 26.39 -32.04 -16.89
CA THR B 80 25.99 -32.53 -18.21
C THR B 80 27.12 -33.13 -19.04
N GLN B 81 28.37 -32.73 -18.83
CA GLN B 81 29.52 -33.34 -19.52
C GLN B 81 29.80 -34.76 -19.04
N THR B 82 29.60 -35.07 -17.76
CA THR B 82 29.71 -36.46 -17.25
C THR B 82 28.55 -37.31 -17.72
N MET B 83 27.34 -36.75 -17.76
CA MET B 83 26.19 -37.44 -18.35
C MET B 83 26.47 -37.77 -19.80
N LYS B 84 27.04 -36.85 -20.57
CA LYS B 84 27.38 -37.07 -21.97
C LYS B 84 28.39 -38.19 -22.15
N VAL B 85 29.41 -38.32 -21.29
CA VAL B 85 30.32 -39.49 -21.30
C VAL B 85 29.56 -40.80 -21.08
N ILE B 86 28.69 -40.85 -20.07
CA ILE B 86 27.91 -42.05 -19.74
C ILE B 86 26.89 -42.39 -20.84
N LEU B 87 26.10 -41.41 -21.29
CA LEU B 87 25.05 -41.56 -22.31
C LEU B 87 25.64 -41.90 -23.69
N ASP B 88 26.87 -41.49 -23.99
CA ASP B 88 27.58 -41.97 -25.18
C ASP B 88 27.99 -43.45 -25.03
N THR B 89 28.63 -43.80 -23.93
CA THR B 89 29.28 -45.11 -23.77
C THR B 89 28.31 -46.26 -23.49
N ASN B 90 27.21 -46.02 -22.76
CA ASN B 90 26.20 -47.04 -22.45
C ASN B 90 24.76 -46.51 -22.57
N LEU B 91 24.20 -46.59 -23.79
CA LEU B 91 22.80 -46.25 -24.07
C LEU B 91 21.75 -47.11 -23.31
N LYS B 92 22.15 -48.23 -22.69
CA LYS B 92 21.28 -49.10 -21.91
C LYS B 92 21.12 -48.67 -20.44
N CYS B 93 21.94 -47.73 -19.95
CA CYS B 93 21.98 -47.34 -18.54
C CYS B 93 20.80 -46.43 -18.11
N THR B 94 20.27 -45.64 -19.04
CA THR B 94 19.50 -44.40 -18.79
C THR B 94 18.20 -44.54 -17.99
N ASP B 95 17.60 -45.73 -17.92
CA ASP B 95 16.29 -45.96 -17.30
C ASP B 95 16.31 -46.67 -15.94
N ARG B 96 17.49 -46.96 -15.38
CA ARG B 96 17.67 -47.65 -14.08
C ARG B 96 16.98 -46.88 -12.94
N LEU B 97 16.31 -47.59 -12.04
CA LEU B 97 15.47 -47.03 -10.97
C LEU B 97 16.13 -47.16 -9.59
N ASP B 98 16.06 -46.13 -8.75
CA ASP B 98 16.56 -46.20 -7.37
C ASP B 98 15.60 -46.99 -6.44
N GLU B 99 15.87 -47.03 -5.13
CA GLU B 99 15.01 -47.77 -4.19
C GLU B 99 13.58 -47.21 -4.04
N ASP B 100 13.33 -45.96 -4.43
CA ASP B 100 12.03 -45.28 -4.42
C ASP B 100 11.37 -45.20 -5.81
N GLY B 101 12.04 -45.72 -6.84
CA GLY B 101 11.54 -45.76 -8.20
C GLY B 101 11.81 -44.49 -9.03
N ASN B 102 12.62 -43.55 -8.55
CA ASN B 102 13.07 -42.40 -9.34
C ASN B 102 14.04 -42.84 -10.44
N THR B 103 13.99 -42.23 -11.62
CA THR B 103 15.09 -42.26 -12.60
C THR B 103 16.06 -41.09 -12.41
N ALA B 104 17.13 -41.03 -13.20
CA ALA B 104 18.01 -39.87 -13.29
C ALA B 104 17.29 -38.60 -13.79
N LEU B 105 16.27 -38.75 -14.63
CA LEU B 105 15.46 -37.64 -15.11
C LEU B 105 14.61 -37.05 -13.97
N HIS B 106 14.10 -37.88 -13.07
CA HIS B 106 13.40 -37.42 -11.86
C HIS B 106 14.31 -36.65 -10.90
N PHE B 107 15.59 -37.01 -10.83
CA PHE B 107 16.59 -36.25 -10.07
C PHE B 107 16.94 -34.92 -10.75
N ALA B 108 17.22 -34.89 -12.05
CA ALA B 108 17.55 -33.63 -12.72
C ALA B 108 16.39 -32.62 -12.64
N ALA B 109 15.16 -33.11 -12.78
CA ALA B 109 13.96 -32.29 -12.71
C ALA B 109 13.73 -31.74 -11.31
N ARG B 110 13.75 -32.59 -10.27
CA ARG B 110 13.55 -32.16 -8.88
C ARG B 110 14.55 -31.09 -8.43
N GLU B 111 15.80 -31.24 -8.81
CA GLU B 111 16.90 -30.34 -8.42
C GLU B 111 17.01 -29.09 -9.31
N GLY B 112 16.27 -28.99 -10.39
CA GLY B 112 16.20 -27.78 -11.21
C GLY B 112 17.25 -27.64 -12.30
N HIS B 113 17.85 -28.74 -12.76
CA HIS B 113 18.94 -28.75 -13.73
C HIS B 113 18.43 -28.85 -15.16
N ALA B 114 17.93 -27.75 -15.71
CA ALA B 114 17.19 -27.74 -16.96
C ALA B 114 17.96 -28.33 -18.15
N LYS B 115 19.24 -27.98 -18.30
CA LYS B 115 20.06 -28.49 -19.40
C LYS B 115 20.41 -29.98 -19.24
N ALA B 116 20.32 -30.53 -18.03
CA ALA B 116 20.41 -31.96 -17.78
C ALA B 116 19.11 -32.68 -18.11
N VAL B 117 17.98 -32.09 -17.75
CA VAL B 117 16.65 -32.55 -18.20
C VAL B 117 16.59 -32.56 -19.72
N ALA B 118 17.02 -31.50 -20.38
CA ALA B 118 17.11 -31.40 -21.84
C ALA B 118 17.97 -32.51 -22.45
N LEU B 119 19.15 -32.79 -21.89
CA LEU B 119 20.05 -33.84 -22.34
C LEU B 119 19.43 -35.22 -22.19
N LEU B 120 18.96 -35.61 -21.00
CA LEU B 120 18.36 -36.93 -20.81
C LEU B 120 17.10 -37.08 -21.67
N LEU B 121 16.24 -36.06 -21.72
CA LEU B 121 14.99 -36.07 -22.48
C LEU B 121 15.22 -36.11 -23.99
N SER B 122 16.36 -35.61 -24.49
CA SER B 122 16.77 -35.72 -25.89
C SER B 122 17.25 -37.13 -26.27
N HIS B 123 17.85 -37.86 -25.34
CA HIS B 123 17.97 -39.31 -25.42
C HIS B 123 16.60 -39.97 -25.11
N ASN B 124 16.43 -41.26 -25.36
CA ASN B 124 15.11 -41.91 -25.25
C ASN B 124 14.75 -42.29 -23.79
N ALA B 125 14.91 -41.36 -22.83
CA ALA B 125 15.08 -41.66 -21.40
C ALA B 125 13.91 -42.30 -20.61
N ASP B 126 12.80 -42.69 -21.23
CA ASP B 126 11.70 -43.43 -20.61
C ASP B 126 11.04 -42.71 -19.42
N ILE B 127 10.09 -41.82 -19.73
CA ILE B 127 9.24 -41.11 -18.76
C ILE B 127 8.36 -42.12 -18.01
N VAL B 128 8.25 -42.00 -16.69
CA VAL B 128 7.67 -43.01 -15.78
C VAL B 128 7.30 -42.40 -14.42
N LEU B 129 6.57 -43.11 -13.56
CA LEU B 129 6.21 -42.65 -12.21
C LEU B 129 7.10 -43.24 -11.10
N ASN B 130 7.43 -42.42 -10.10
CA ASN B 130 7.93 -42.84 -8.79
C ASN B 130 6.94 -43.78 -8.07
N LYS B 131 7.39 -44.48 -7.00
CA LYS B 131 6.49 -45.20 -6.08
C LYS B 131 5.48 -44.29 -5.34
N GLN B 132 5.67 -42.98 -5.40
CA GLN B 132 4.71 -41.94 -4.99
C GLN B 132 3.87 -41.38 -6.17
N GLN B 133 3.71 -42.15 -7.25
CA GLN B 133 2.86 -41.85 -8.41
C GLN B 133 3.13 -40.47 -9.02
N ALA B 134 4.40 -40.06 -9.07
CA ALA B 134 4.85 -38.76 -9.56
C ALA B 134 5.78 -38.90 -10.76
N SER B 135 5.49 -38.18 -11.85
CA SER B 135 6.40 -38.03 -12.98
C SER B 135 7.41 -36.92 -12.73
N PHE B 136 8.47 -36.86 -13.55
CA PHE B 136 9.48 -35.81 -13.49
C PHE B 136 8.88 -34.40 -13.63
N LEU B 137 7.90 -34.21 -14.53
CA LEU B 137 7.16 -32.95 -14.68
C LEU B 137 6.40 -32.57 -13.42
N HIS B 138 5.81 -33.53 -12.69
CA HIS B 138 5.26 -33.23 -11.37
C HIS B 138 6.33 -32.78 -10.39
N LEU B 139 7.48 -33.45 -10.33
CA LEU B 139 8.56 -33.09 -9.41
C LEU B 139 9.11 -31.69 -9.68
N ALA B 140 9.17 -31.30 -10.94
CA ALA B 140 9.53 -29.94 -11.31
C ALA B 140 8.49 -28.93 -10.82
N LEU B 141 7.21 -29.17 -11.12
CA LEU B 141 6.11 -28.28 -10.74
C LEU B 141 5.99 -28.11 -9.22
N HIS B 142 6.00 -29.20 -8.46
CA HIS B 142 5.95 -29.18 -6.98
C HIS B 142 7.12 -28.45 -6.31
N ASN B 143 8.20 -28.16 -7.03
CA ASN B 143 9.38 -27.46 -6.51
C ASN B 143 9.61 -26.10 -7.16
N LYS B 144 8.67 -25.62 -7.99
CA LYS B 144 8.74 -24.36 -8.74
C LYS B 144 9.97 -24.26 -9.65
N ARG B 145 10.27 -25.33 -10.38
CA ARG B 145 11.40 -25.37 -11.32
C ARG B 145 11.07 -24.77 -12.69
N LYS B 146 10.92 -23.45 -12.76
CA LYS B 146 10.51 -22.72 -13.98
C LYS B 146 11.31 -23.13 -15.22
N GLU B 147 12.63 -23.04 -15.18
CA GLU B 147 13.49 -23.29 -16.35
C GLU B 147 13.44 -24.76 -16.83
N VAL B 148 13.19 -25.74 -15.95
CA VAL B 148 13.03 -27.14 -16.37
C VAL B 148 11.66 -27.40 -16.96
N VAL B 149 10.58 -26.85 -16.40
CA VAL B 149 9.25 -27.07 -17.02
C VAL B 149 9.11 -26.30 -18.33
N LEU B 150 9.73 -25.12 -18.42
CA LEU B 150 9.82 -24.36 -19.64
C LEU B 150 10.59 -25.11 -20.72
N THR B 151 11.63 -25.86 -20.33
CA THR B 151 12.36 -26.79 -21.20
C THR B 151 11.51 -28.00 -21.61
N ILE B 152 10.71 -28.56 -20.70
CA ILE B 152 9.80 -29.68 -20.97
C ILE B 152 8.64 -29.27 -21.89
N ILE B 153 8.14 -28.03 -21.80
CA ILE B 153 7.09 -27.46 -22.64
C ILE B 153 7.63 -27.15 -24.04
N ARG B 154 8.82 -26.57 -24.13
CA ARG B 154 9.49 -26.28 -25.41
C ARG B 154 10.09 -27.54 -26.05
N SER B 155 10.06 -28.69 -25.38
CA SER B 155 10.54 -29.98 -25.85
C SER B 155 9.81 -30.49 -27.11
N LYS B 156 10.50 -31.29 -27.92
CA LYS B 156 9.90 -32.11 -28.99
C LYS B 156 9.02 -33.25 -28.46
N ARG B 157 8.91 -33.40 -27.14
CA ARG B 157 8.21 -34.49 -26.44
C ARG B 157 7.11 -34.01 -25.47
N TRP B 158 6.74 -32.73 -25.47
CA TRP B 158 5.78 -32.18 -24.50
C TRP B 158 4.45 -32.94 -24.47
N ASP B 159 3.91 -33.26 -25.62
CA ASP B 159 2.64 -33.97 -25.75
C ASP B 159 2.70 -35.45 -25.31
N GLU B 160 3.90 -36.01 -25.14
CA GLU B 160 4.15 -37.27 -24.41
C GLU B 160 4.26 -37.02 -22.89
N CYS B 161 5.00 -35.99 -22.49
CA CYS B 161 5.20 -35.61 -21.08
C CYS B 161 3.90 -35.21 -20.36
N LEU B 162 2.91 -34.77 -21.13
CA LEU B 162 1.56 -34.44 -20.67
C LEU B 162 0.66 -35.66 -20.37
N LYS B 163 0.79 -36.78 -21.10
CA LYS B 163 -0.13 -37.94 -20.97
C LYS B 163 0.19 -38.90 -19.82
N ILE B 164 1.40 -38.85 -19.28
CA ILE B 164 1.90 -39.81 -18.29
C ILE B 164 1.72 -39.24 -16.87
N PHE B 165 0.52 -39.42 -16.32
CA PHE B 165 0.19 -39.14 -14.93
C PHE B 165 -0.94 -40.05 -14.42
N SER B 166 -1.05 -40.18 -13.10
CA SER B 166 -2.11 -40.95 -12.42
C SER B 166 -3.42 -40.16 -12.36
N HIS B 167 -4.38 -40.46 -13.23
CA HIS B 167 -5.68 -39.75 -13.33
C HIS B 167 -6.51 -39.80 -12.03
N ASN B 168 -6.26 -40.76 -11.14
CA ASN B 168 -6.95 -40.91 -9.86
C ASN B 168 -6.32 -40.09 -8.70
N SER B 169 -5.10 -39.55 -8.83
CA SER B 169 -4.41 -38.90 -7.70
C SER B 169 -4.90 -37.46 -7.42
N PRO B 170 -5.27 -37.11 -6.18
CA PRO B 170 -5.49 -35.73 -5.76
C PRO B 170 -4.17 -34.97 -5.50
N GLY B 171 -3.05 -35.67 -5.30
CA GLY B 171 -1.73 -35.08 -5.03
C GLY B 171 -0.92 -34.74 -6.28
N ASN B 172 -1.16 -35.45 -7.40
CA ASN B 172 -0.46 -35.31 -8.68
C ASN B 172 -1.47 -35.20 -9.83
N LYS B 173 -2.32 -34.16 -9.82
CA LYS B 173 -3.44 -33.96 -10.77
C LYS B 173 -2.96 -33.68 -12.19
N CYS B 174 -3.91 -33.54 -13.11
CA CYS B 174 -3.71 -33.10 -14.50
C CYS B 174 -2.63 -32.01 -14.58
N PRO B 175 -1.53 -32.20 -15.34
CA PRO B 175 -0.39 -31.29 -15.33
C PRO B 175 -0.75 -29.83 -15.59
N ILE B 176 -1.77 -29.56 -16.39
CA ILE B 176 -2.20 -28.19 -16.67
C ILE B 176 -2.78 -27.53 -15.41
N THR B 177 -3.50 -28.27 -14.57
CA THR B 177 -4.02 -27.76 -13.30
C THR B 177 -2.92 -27.57 -12.26
N GLU B 178 -1.88 -28.41 -12.28
CA GLU B 178 -0.72 -28.28 -11.42
C GLU B 178 0.18 -27.10 -11.84
N MET B 179 0.28 -26.79 -13.14
CA MET B 179 0.92 -25.57 -13.62
C MET B 179 0.17 -24.32 -13.17
N ILE B 180 -1.15 -24.32 -13.21
CA ILE B 180 -1.94 -23.17 -12.74
C ILE B 180 -1.80 -23.01 -11.23
N GLU B 181 -1.75 -24.13 -10.50
CA GLU B 181 -1.55 -24.15 -9.06
C GLU B 181 -0.19 -23.63 -8.62
N TYR B 182 0.92 -24.07 -9.24
CA TYR B 182 2.30 -23.81 -8.78
C TYR B 182 3.14 -22.86 -9.61
N LEU B 183 3.04 -22.87 -10.94
CA LEU B 183 3.91 -22.13 -11.86
C LEU B 183 3.11 -21.47 -12.99
N PRO B 184 2.37 -20.38 -12.69
CA PRO B 184 1.46 -19.76 -13.64
C PRO B 184 2.17 -19.01 -14.78
N GLU B 185 3.41 -18.56 -14.61
CA GLU B 185 4.14 -17.92 -15.72
C GLU B 185 4.53 -18.92 -16.82
N CYS B 186 4.78 -20.18 -16.46
CA CYS B 186 4.92 -21.28 -17.41
C CYS B 186 3.60 -21.57 -18.14
N MET B 187 2.46 -21.40 -17.48
CA MET B 187 1.14 -21.51 -18.11
C MET B 187 0.85 -20.36 -19.08
N LYS B 188 1.29 -19.15 -18.77
CA LYS B 188 1.28 -18.02 -19.72
C LYS B 188 2.04 -18.37 -21.00
N VAL B 189 3.23 -18.95 -20.89
CA VAL B 189 4.01 -19.45 -22.05
C VAL B 189 3.25 -20.53 -22.83
N LEU B 190 2.65 -21.50 -22.14
CA LEU B 190 1.91 -22.59 -22.76
C LEU B 190 0.66 -22.11 -23.53
N LEU B 191 -0.02 -21.08 -23.03
CA LEU B 191 -1.14 -20.42 -23.72
C LEU B 191 -0.70 -19.49 -24.85
N ASP B 192 0.48 -18.88 -24.81
CA ASP B 192 1.00 -18.13 -25.97
C ASP B 192 1.15 -19.02 -27.20
N PHE B 193 1.55 -20.29 -27.01
CA PHE B 193 1.59 -21.30 -28.08
C PHE B 193 0.20 -21.68 -28.63
N CYS B 194 -0.88 -21.23 -28.00
CA CYS B 194 -2.26 -21.46 -28.44
C CYS B 194 -2.83 -20.34 -29.34
N MET B 195 -2.10 -19.25 -29.53
CA MET B 195 -2.44 -18.16 -30.44
C MET B 195 -1.62 -18.28 -31.72
N LEU B 196 -2.26 -18.40 -32.89
CA LEU B 196 -1.59 -18.44 -34.21
C LEU B 196 -2.00 -17.24 -35.06
N HIS B 197 -1.04 -16.42 -35.50
CA HIS B 197 -1.31 -15.17 -36.24
C HIS B 197 -1.12 -15.39 -37.75
N SER B 198 -2.12 -15.04 -38.54
CA SER B 198 -2.24 -15.45 -39.95
C SER B 198 -1.81 -14.38 -40.99
N THR B 199 -0.98 -13.41 -40.62
CA THR B 199 -0.48 -12.40 -41.57
C THR B 199 0.70 -11.54 -41.11
N GLU B 200 0.89 -11.31 -39.81
CA GLU B 200 1.81 -10.28 -39.29
C GLU B 200 1.55 -8.87 -39.87
N ASP B 201 0.26 -8.54 -40.08
CA ASP B 201 -0.19 -7.41 -40.89
C ASP B 201 -1.49 -6.78 -40.33
N LYS B 202 -1.39 -6.17 -39.15
CA LYS B 202 -2.54 -5.62 -38.42
C LYS B 202 -3.30 -4.49 -39.15
N SER B 203 -2.68 -3.85 -40.14
CA SER B 203 -3.33 -2.89 -41.03
C SER B 203 -4.21 -3.52 -42.12
N CYS B 204 -4.05 -4.81 -42.43
CA CYS B 204 -4.86 -5.52 -43.42
C CYS B 204 -6.24 -5.88 -42.88
N ARG B 205 -7.29 -5.72 -43.69
CA ARG B 205 -8.65 -6.11 -43.31
C ARG B 205 -8.82 -7.63 -43.15
N ASP B 206 -8.11 -8.42 -43.97
CA ASP B 206 -8.18 -9.88 -44.00
C ASP B 206 -7.40 -10.60 -42.88
N TYR B 207 -6.62 -9.88 -42.07
CA TYR B 207 -5.80 -10.47 -40.99
C TYR B 207 -6.65 -11.13 -39.88
N TYR B 208 -6.19 -12.28 -39.39
CA TYR B 208 -6.81 -12.96 -38.26
C TYR B 208 -5.80 -13.58 -37.31
N ILE B 209 -6.28 -13.84 -36.09
CA ILE B 209 -5.67 -14.73 -35.10
C ILE B 209 -6.57 -15.93 -34.89
N GLU B 210 -6.00 -17.13 -34.80
CA GLU B 210 -6.70 -18.35 -34.40
C GLU B 210 -6.31 -18.76 -32.98
N TYR B 211 -7.31 -19.10 -32.16
CA TYR B 211 -7.15 -19.54 -30.79
C TYR B 211 -7.46 -21.04 -30.69
N ASN B 212 -6.57 -21.84 -30.10
CA ASN B 212 -6.75 -23.28 -29.90
C ASN B 212 -6.97 -23.57 -28.42
N PHE B 213 -8.00 -24.35 -28.07
CA PHE B 213 -8.39 -24.55 -26.67
C PHE B 213 -7.91 -25.86 -26.04
N LYS B 214 -6.99 -26.62 -26.66
CA LYS B 214 -6.64 -27.97 -26.19
C LYS B 214 -6.13 -28.07 -24.75
N TYR B 215 -5.53 -27.02 -24.18
CA TYR B 215 -5.11 -27.01 -22.78
C TYR B 215 -6.16 -26.53 -21.78
N LEU B 216 -7.25 -25.87 -22.22
CA LEU B 216 -8.30 -25.38 -21.31
C LEU B 216 -9.35 -26.46 -20.99
N GLN B 217 -9.58 -27.38 -21.91
CA GLN B 217 -10.41 -28.57 -21.74
C GLN B 217 -9.72 -29.64 -20.86
N CYS B 218 -10.43 -30.75 -20.64
CA CYS B 218 -9.88 -32.01 -20.17
C CYS B 218 -8.51 -32.35 -20.79
N LEU B 236 -15.45 -26.80 -16.83
CA LEU B 236 -14.42 -25.84 -17.24
C LEU B 236 -13.18 -25.93 -16.35
N THR B 237 -12.52 -27.08 -16.33
CA THR B 237 -11.47 -27.43 -15.34
C THR B 237 -10.30 -26.46 -15.27
N ALA B 238 -9.70 -26.03 -16.37
CA ALA B 238 -8.58 -25.09 -16.32
C ALA B 238 -8.99 -23.71 -15.80
N LEU B 239 -10.13 -23.17 -16.20
CA LEU B 239 -10.56 -21.85 -15.75
C LEU B 239 -11.08 -21.88 -14.31
N ASN B 240 -11.68 -22.98 -13.87
CA ASN B 240 -11.95 -23.21 -12.45
C ASN B 240 -10.64 -23.19 -11.66
N ALA B 241 -9.59 -23.84 -12.15
CA ALA B 241 -8.30 -23.88 -11.46
C ALA B 241 -7.64 -22.49 -11.43
N MET B 242 -7.77 -21.70 -12.49
CA MET B 242 -7.25 -20.33 -12.53
C MET B 242 -8.03 -19.41 -11.59
N VAL B 243 -9.33 -19.62 -11.42
CA VAL B 243 -10.16 -18.89 -10.46
C VAL B 243 -9.81 -19.28 -9.02
N GLN B 244 -9.70 -20.57 -8.71
CA GLN B 244 -9.38 -21.02 -7.34
C GLN B 244 -7.97 -20.63 -6.89
N ASN B 245 -7.02 -20.55 -7.81
CA ASN B 245 -5.64 -20.15 -7.51
C ASN B 245 -5.39 -18.64 -7.68
N ASN B 246 -6.43 -17.82 -7.84
CA ASN B 246 -6.35 -16.36 -7.98
C ASN B 246 -5.45 -15.90 -9.14
N ARG B 247 -5.42 -16.65 -10.23
CA ARG B 247 -4.54 -16.41 -11.39
C ARG B 247 -5.17 -15.39 -12.32
N ILE B 248 -5.36 -14.19 -11.83
CA ILE B 248 -6.07 -13.12 -12.54
C ILE B 248 -5.43 -12.77 -13.90
N GLU B 249 -4.10 -12.81 -14.00
CA GLU B 249 -3.35 -12.57 -15.23
C GLU B 249 -3.41 -13.72 -16.25
N LEU B 250 -3.92 -14.89 -15.87
CA LEU B 250 -4.26 -16.00 -16.76
C LEU B 250 -5.72 -15.91 -17.22
N LEU B 251 -6.65 -15.58 -16.31
CA LEU B 251 -8.06 -15.24 -16.62
C LEU B 251 -8.16 -14.16 -17.70
N ASN B 252 -7.35 -13.11 -17.58
CA ASN B 252 -7.31 -12.00 -18.52
C ASN B 252 -6.47 -12.25 -19.80
N HIS B 253 -6.01 -13.48 -20.06
CA HIS B 253 -5.28 -13.80 -21.29
C HIS B 253 -6.22 -13.95 -22.49
N PRO B 254 -5.85 -13.51 -23.71
CA PRO B 254 -6.68 -13.64 -24.90
C PRO B 254 -7.28 -15.02 -25.15
N VAL B 255 -6.55 -16.11 -24.88
CA VAL B 255 -7.10 -17.46 -25.07
C VAL B 255 -8.22 -17.77 -24.07
N CYS B 256 -8.17 -17.22 -22.86
CA CYS B 256 -9.21 -17.42 -21.86
C CYS B 256 -10.43 -16.55 -22.12
N LYS B 257 -10.23 -15.28 -22.53
CA LYS B 257 -11.31 -14.38 -22.94
C LYS B 257 -12.05 -14.90 -24.16
N GLU B 258 -11.34 -15.47 -25.12
CA GLU B 258 -11.95 -16.12 -26.29
C GLU B 258 -12.59 -17.47 -25.96
N TYR B 259 -12.04 -18.26 -25.03
CA TYR B 259 -12.67 -19.52 -24.62
C TYR B 259 -14.00 -19.27 -23.90
N LEU B 260 -14.08 -18.28 -23.01
CA LEU B 260 -15.33 -17.90 -22.35
C LEU B 260 -16.32 -17.30 -23.32
N LEU B 261 -15.94 -16.33 -24.16
CA LEU B 261 -16.86 -15.76 -25.14
C LEU B 261 -17.34 -16.81 -26.15
N MET B 262 -16.52 -17.81 -26.47
CA MET B 262 -16.95 -18.97 -27.27
C MET B 262 -17.97 -19.82 -26.52
N LYS B 263 -17.82 -20.03 -25.21
CA LYS B 263 -18.77 -20.79 -24.39
C LYS B 263 -20.11 -20.04 -24.19
N TRP B 264 -20.06 -18.70 -24.10
CA TRP B 264 -21.26 -17.86 -24.05
C TRP B 264 -22.02 -17.91 -25.36
N LEU B 265 -21.35 -17.82 -26.50
CA LEU B 265 -21.98 -17.97 -27.80
C LEU B 265 -22.34 -19.43 -28.14
N ALA B 266 -21.75 -20.42 -27.47
CA ALA B 266 -22.10 -21.83 -27.65
C ALA B 266 -23.51 -22.12 -27.16
N TYR B 267 -23.75 -21.88 -25.87
CA TYR B 267 -25.04 -22.14 -25.22
C TYR B 267 -25.47 -21.06 -24.22
N GLY B 268 -24.55 -20.40 -23.52
CA GLY B 268 -24.90 -19.58 -22.34
C GLY B 268 -25.77 -18.36 -22.62
N PHE B 269 -25.54 -17.65 -23.72
CA PHE B 269 -26.41 -16.56 -24.17
C PHE B 269 -27.83 -17.04 -24.43
N ARG B 270 -27.98 -18.14 -25.18
CA ARG B 270 -29.29 -18.73 -25.51
C ARG B 270 -29.99 -19.28 -24.27
N ALA B 271 -29.25 -19.83 -23.31
CA ALA B 271 -29.82 -20.25 -22.04
C ALA B 271 -30.38 -19.06 -21.25
N HIS B 272 -29.60 -17.99 -21.12
CA HIS B 272 -30.00 -16.80 -20.37
C HIS B 272 -31.19 -16.06 -21.03
N MET B 273 -31.13 -15.85 -22.34
CA MET B 273 -32.22 -15.20 -23.08
C MET B 273 -33.52 -15.98 -23.05
N MET B 274 -33.50 -17.31 -22.89
CA MET B 274 -34.74 -18.10 -22.77
C MET B 274 -35.34 -18.04 -21.37
N ASN B 275 -34.53 -17.97 -20.32
CA ASN B 275 -35.02 -17.69 -18.96
C ASN B 275 -35.67 -16.30 -18.88
N LEU B 276 -34.96 -15.26 -19.34
CA LEU B 276 -35.48 -13.89 -19.38
C LEU B 276 -36.70 -13.75 -20.30
N GLY B 277 -36.73 -14.42 -21.44
CA GLY B 277 -37.92 -14.47 -22.31
C GLY B 277 -39.11 -15.18 -21.68
N SER B 278 -38.90 -16.23 -20.88
CA SER B 278 -39.98 -16.89 -20.15
C SER B 278 -40.59 -15.99 -19.07
N TYR B 279 -39.76 -15.15 -18.47
CA TYR B 279 -40.17 -14.21 -17.45
C TYR B 279 -40.89 -13.00 -18.05
N CYS B 280 -40.36 -12.47 -19.15
CA CYS B 280 -40.98 -11.36 -19.87
C CYS B 280 -42.40 -11.65 -20.32
N LEU B 281 -42.75 -12.92 -20.58
CA LEU B 281 -44.08 -13.35 -20.99
C LEU B 281 -45.15 -13.27 -19.88
N GLY B 282 -44.76 -13.07 -18.61
CA GLY B 282 -45.67 -12.68 -17.53
C GLY B 282 -45.53 -11.20 -17.16
N LEU B 283 -44.30 -10.70 -17.11
CA LEU B 283 -43.98 -9.31 -16.78
C LEU B 283 -44.67 -8.31 -17.72
N ILE B 284 -44.52 -8.44 -19.03
CA ILE B 284 -44.94 -7.42 -19.98
C ILE B 284 -46.48 -7.34 -20.06
N PRO B 285 -47.20 -8.44 -20.33
CA PRO B 285 -48.66 -8.51 -20.26
C PRO B 285 -49.29 -7.93 -18.98
N MET B 286 -48.68 -8.10 -17.81
CA MET B 286 -49.21 -7.47 -16.60
C MET B 286 -49.05 -5.95 -16.62
N THR B 287 -47.90 -5.41 -17.01
CA THR B 287 -47.74 -3.95 -17.03
C THR B 287 -48.63 -3.28 -18.06
N ILE B 288 -48.90 -3.95 -19.20
CA ILE B 288 -49.88 -3.51 -20.20
C ILE B 288 -51.27 -3.40 -19.57
N LEU B 289 -51.65 -4.41 -18.78
CA LEU B 289 -52.93 -4.50 -18.09
C LEU B 289 -53.06 -3.48 -16.94
N VAL B 290 -51.94 -3.03 -16.38
CA VAL B 290 -51.88 -1.94 -15.39
C VAL B 290 -51.97 -0.56 -16.01
N VAL B 291 -51.39 -0.29 -17.18
CA VAL B 291 -51.50 1.04 -17.82
C VAL B 291 -52.78 1.24 -18.64
N ASN B 292 -53.44 0.18 -19.12
CA ASN B 292 -54.65 0.31 -19.97
C ASN B 292 -55.98 0.30 -19.22
N ILE B 293 -55.99 -0.11 -17.95
CA ILE B 293 -57.18 -0.12 -17.10
C ILE B 293 -56.98 0.84 -15.93
N LYS B 294 -57.97 1.68 -15.61
CA LYS B 294 -57.84 2.64 -14.51
C LYS B 294 -57.75 1.90 -13.17
N PRO B 295 -56.75 2.16 -12.31
CA PRO B 295 -56.64 1.47 -11.04
C PRO B 295 -57.90 1.59 -10.18
N GLY B 296 -58.32 0.44 -9.63
CA GLY B 296 -59.49 0.30 -8.77
C GLY B 296 -60.74 -0.23 -9.47
N MET B 297 -60.88 -0.07 -10.79
CA MET B 297 -62.01 -0.61 -11.55
C MET B 297 -61.98 -2.14 -11.59
N ALA B 298 -63.13 -2.81 -11.47
CA ALA B 298 -63.22 -4.23 -11.78
C ALA B 298 -62.98 -4.48 -13.28
N PHE B 299 -62.30 -5.57 -13.64
CA PHE B 299 -62.18 -5.97 -15.05
C PHE B 299 -62.27 -7.47 -15.24
N ASN B 300 -62.82 -7.88 -16.38
CA ASN B 300 -63.11 -9.26 -16.83
C ASN B 300 -62.56 -9.44 -18.25
N SER B 301 -62.59 -10.66 -18.79
CA SER B 301 -62.24 -10.92 -20.20
C SER B 301 -63.04 -10.06 -21.19
N THR B 302 -64.27 -9.71 -20.85
CA THR B 302 -65.15 -8.77 -21.57
C THR B 302 -64.68 -7.31 -21.58
N GLY B 303 -63.68 -6.93 -20.77
CA GLY B 303 -63.14 -5.57 -20.67
C GLY B 303 -63.23 -4.95 -19.28
N ILE B 304 -63.20 -3.62 -19.22
CA ILE B 304 -63.27 -2.81 -17.99
C ILE B 304 -64.72 -2.59 -17.56
N ILE B 305 -65.02 -2.63 -16.26
CA ILE B 305 -66.37 -2.34 -15.72
C ILE B 305 -66.37 -0.97 -15.03
N ASN B 306 -67.25 -0.06 -15.47
CA ASN B 306 -67.37 1.31 -14.96
C ASN B 306 -68.83 1.79 -14.99
N ASN B 319 -61.08 -2.30 -25.81
CA ASN B 319 -59.79 -2.92 -25.48
C ASN B 319 -59.89 -4.38 -25.01
N SER B 320 -61.07 -4.99 -25.09
CA SER B 320 -61.33 -6.35 -24.59
C SER B 320 -60.38 -7.41 -25.17
N TYR B 321 -59.96 -7.33 -26.43
CA TYR B 321 -59.01 -8.30 -26.98
C TYR B 321 -57.63 -8.20 -26.35
N LEU B 322 -57.09 -6.98 -26.18
CA LEU B 322 -55.83 -6.72 -25.48
C LEU B 322 -55.92 -7.16 -24.01
N ILE B 323 -56.98 -6.76 -23.32
CA ILE B 323 -57.27 -7.10 -21.92
C ILE B 323 -57.35 -8.62 -21.73
N LYS B 324 -58.09 -9.32 -22.59
CA LYS B 324 -58.28 -10.78 -22.56
C LYS B 324 -56.97 -11.52 -22.81
N THR B 325 -56.27 -11.19 -23.89
CA THR B 325 -55.00 -11.85 -24.23
C THR B 325 -53.90 -11.61 -23.19
N CYS B 326 -53.78 -10.40 -22.64
CA CYS B 326 -52.84 -10.11 -21.56
C CYS B 326 -53.19 -10.82 -20.26
N MET B 327 -54.46 -11.00 -19.92
CA MET B 327 -54.84 -11.83 -18.78
C MET B 327 -54.53 -13.30 -18.99
N ILE B 328 -54.81 -13.84 -20.18
CA ILE B 328 -54.51 -15.24 -20.51
C ILE B 328 -53.00 -15.49 -20.40
N LEU B 329 -52.17 -14.56 -20.89
CA LEU B 329 -50.72 -14.61 -20.73
C LEU B 329 -50.27 -14.53 -19.27
N VAL B 330 -50.77 -13.58 -18.46
CA VAL B 330 -50.44 -13.51 -17.03
C VAL B 330 -50.85 -14.78 -16.29
N PHE B 331 -51.99 -15.37 -16.62
CA PHE B 331 -52.47 -16.59 -16.00
C PHE B 331 -51.58 -17.79 -16.38
N LEU B 332 -51.38 -18.04 -17.68
CA LEU B 332 -50.52 -19.11 -18.20
C LEU B 332 -49.08 -18.99 -17.68
N SER B 333 -48.53 -17.78 -17.64
CA SER B 333 -47.20 -17.55 -17.08
C SER B 333 -47.14 -17.74 -15.56
N SER B 334 -48.21 -17.44 -14.82
CA SER B 334 -48.27 -17.73 -13.38
C SER B 334 -48.40 -19.22 -13.08
N ILE B 335 -49.21 -19.99 -13.80
CA ILE B 335 -49.27 -21.45 -13.60
C ILE B 335 -48.02 -22.17 -14.12
N PHE B 336 -47.36 -21.67 -15.17
CA PHE B 336 -45.99 -22.08 -15.52
C PHE B 336 -44.98 -21.76 -14.40
N GLY B 337 -45.16 -20.63 -13.72
CA GLY B 337 -44.41 -20.29 -12.51
C GLY B 337 -44.59 -21.29 -11.36
N TYR B 338 -45.82 -21.76 -11.09
CA TYR B 338 -46.09 -22.85 -10.14
C TYR B 338 -45.44 -24.18 -10.59
N CYS B 339 -45.25 -24.41 -11.89
CA CYS B 339 -44.48 -25.56 -12.39
C CYS B 339 -42.98 -25.43 -12.08
N LYS B 340 -42.35 -24.31 -12.46
CA LYS B 340 -40.91 -24.09 -12.24
C LYS B 340 -40.55 -24.00 -10.74
N GLU B 341 -41.42 -23.42 -9.93
CA GLU B 341 -41.49 -23.73 -8.48
C GLU B 341 -42.22 -25.06 -8.27
N ILE B 356 -32.99 -13.86 -2.15
CA ILE B 356 -34.42 -13.91 -1.81
C ILE B 356 -35.30 -14.33 -3.00
N SER B 357 -34.67 -14.65 -4.14
CA SER B 357 -35.31 -14.96 -5.43
C SER B 357 -36.43 -16.00 -5.35
N ASN B 358 -36.25 -17.07 -4.56
CA ASN B 358 -37.27 -18.10 -4.36
C ASN B 358 -38.55 -17.54 -3.71
N VAL B 359 -38.43 -16.57 -2.80
CA VAL B 359 -39.57 -15.95 -2.12
C VAL B 359 -40.27 -14.96 -3.05
N LEU B 360 -39.50 -14.14 -3.77
CA LEU B 360 -40.06 -13.14 -4.69
C LEU B 360 -40.91 -13.77 -5.78
N GLU B 361 -40.46 -14.88 -6.37
CA GLU B 361 -41.23 -15.63 -7.37
C GLU B 361 -42.53 -16.22 -6.77
N TRP B 362 -42.52 -16.64 -5.50
CA TRP B 362 -43.74 -17.12 -4.84
C TRP B 362 -44.75 -16.00 -4.61
N ILE B 363 -44.31 -14.82 -4.17
CA ILE B 363 -45.18 -13.64 -4.08
C ILE B 363 -45.78 -13.31 -5.45
N ILE B 364 -44.94 -13.24 -6.48
CA ILE B 364 -45.34 -12.86 -7.83
C ILE B 364 -46.41 -13.79 -8.39
N TYR B 365 -46.18 -15.10 -8.45
CA TYR B 365 -47.16 -15.98 -9.08
C TYR B 365 -48.44 -16.10 -8.26
N THR B 366 -48.38 -16.17 -6.94
CA THR B 366 -49.60 -16.22 -6.11
C THR B 366 -50.43 -14.94 -6.20
N THR B 367 -49.80 -13.79 -6.32
CA THR B 367 -50.47 -12.47 -6.36
C THR B 367 -50.96 -12.14 -7.76
N GLY B 368 -50.15 -12.42 -8.77
CA GLY B 368 -50.51 -12.23 -10.17
C GLY B 368 -51.67 -13.10 -10.62
N ILE B 369 -51.86 -14.28 -10.02
CA ILE B 369 -53.09 -15.08 -10.22
C ILE B 369 -54.32 -14.27 -9.80
N ILE B 370 -54.33 -13.62 -8.63
CA ILE B 370 -55.51 -12.92 -8.13
C ILE B 370 -55.89 -11.76 -9.05
N PHE B 371 -54.94 -10.97 -9.54
CA PHE B 371 -55.18 -9.84 -10.43
C PHE B 371 -55.97 -10.22 -11.69
N VAL B 372 -55.81 -11.43 -12.19
CA VAL B 372 -56.47 -11.94 -13.41
C VAL B 372 -57.46 -13.07 -13.16
N LEU B 373 -57.74 -13.40 -11.90
CA LEU B 373 -58.70 -14.43 -11.52
C LEU B 373 -60.13 -14.18 -12.07
N PRO B 374 -60.56 -12.94 -12.35
CA PRO B 374 -61.72 -12.66 -13.18
C PRO B 374 -61.66 -13.10 -14.66
N LEU B 375 -60.72 -13.94 -15.09
CA LEU B 375 -60.93 -14.81 -16.25
C LEU B 375 -61.98 -15.90 -15.99
N PHE B 376 -62.19 -16.26 -14.72
CA PHE B 376 -62.88 -17.50 -14.33
C PHE B 376 -63.81 -17.33 -13.12
N VAL B 377 -63.69 -16.23 -12.37
CA VAL B 377 -64.31 -16.03 -11.04
C VAL B 377 -64.89 -14.62 -10.93
N GLU B 378 -65.73 -14.34 -9.93
CA GLU B 378 -66.09 -12.97 -9.56
C GLU B 378 -65.35 -12.59 -8.27
N ILE B 379 -64.55 -11.53 -8.32
CA ILE B 379 -63.62 -11.11 -7.25
C ILE B 379 -63.88 -9.63 -6.95
N PRO B 380 -63.84 -9.19 -5.68
CA PRO B 380 -63.94 -7.77 -5.32
C PRO B 380 -62.91 -6.90 -6.02
N ALA B 381 -63.32 -5.77 -6.58
CA ALA B 381 -62.45 -4.87 -7.33
C ALA B 381 -61.26 -4.37 -6.50
N HIS B 382 -61.50 -4.11 -5.21
CA HIS B 382 -60.48 -3.69 -4.25
C HIS B 382 -59.39 -4.75 -4.02
N LEU B 383 -59.76 -6.03 -3.94
CA LEU B 383 -58.82 -7.15 -3.82
C LEU B 383 -58.05 -7.38 -5.12
N GLN B 384 -58.72 -7.26 -6.26
CA GLN B 384 -58.06 -7.37 -7.55
C GLN B 384 -56.91 -6.37 -7.66
N TRP B 385 -57.14 -5.09 -7.40
CA TRP B 385 -56.09 -4.09 -7.47
C TRP B 385 -55.12 -4.08 -6.29
N GLN B 386 -55.50 -4.59 -5.13
CA GLN B 386 -54.56 -4.77 -4.02
C GLN B 386 -53.45 -5.74 -4.44
N CYS B 387 -53.83 -6.83 -5.10
CA CYS B 387 -52.87 -7.76 -5.68
C CYS B 387 -52.20 -7.21 -6.93
N GLY B 388 -52.88 -6.45 -7.79
CA GLY B 388 -52.26 -5.78 -8.92
C GLY B 388 -51.10 -4.87 -8.53
N ALA B 389 -51.25 -4.11 -7.43
CA ALA B 389 -50.21 -3.26 -6.86
C ALA B 389 -49.00 -4.04 -6.35
N ILE B 390 -49.22 -5.10 -5.56
CA ILE B 390 -48.14 -5.96 -5.04
C ILE B 390 -47.42 -6.68 -6.18
N ALA B 391 -48.16 -7.21 -7.15
CA ALA B 391 -47.59 -7.98 -8.24
C ALA B 391 -46.70 -7.13 -9.13
N VAL B 392 -47.16 -5.97 -9.61
CA VAL B 392 -46.34 -5.14 -10.50
C VAL B 392 -45.07 -4.64 -9.80
N TYR B 393 -45.13 -4.33 -8.51
CA TYR B 393 -43.93 -3.97 -7.78
C TYR B 393 -42.91 -5.10 -7.78
N PHE B 394 -43.26 -6.29 -7.27
CA PHE B 394 -42.31 -7.38 -7.19
C PHE B 394 -41.89 -7.94 -8.56
N TYR B 395 -42.72 -7.88 -9.60
CA TYR B 395 -42.34 -8.27 -10.95
C TYR B 395 -41.11 -7.52 -11.45
N TRP B 396 -40.97 -6.23 -11.13
CA TRP B 396 -39.83 -5.41 -11.54
C TRP B 396 -38.67 -5.45 -10.55
N MET B 397 -38.90 -5.54 -9.24
CA MET B 397 -37.82 -5.77 -8.29
C MET B 397 -37.10 -7.09 -8.60
N ASN B 398 -37.85 -8.14 -8.91
CA ASN B 398 -37.33 -9.45 -9.31
C ASN B 398 -36.79 -9.46 -10.75
N PHE B 399 -37.10 -8.47 -11.61
CA PHE B 399 -36.48 -8.34 -12.94
C PHE B 399 -35.01 -7.89 -12.86
N LEU B 400 -34.58 -7.23 -11.78
CA LEU B 400 -33.18 -6.87 -11.57
C LEU B 400 -32.28 -8.10 -11.41
N LEU B 401 -32.78 -9.18 -10.81
CA LEU B 401 -32.04 -10.42 -10.62
C LEU B 401 -31.69 -11.08 -11.96
N TYR B 402 -32.50 -10.88 -12.99
CA TYR B 402 -32.20 -11.31 -14.35
C TYR B 402 -31.14 -10.42 -15.02
N LEU B 403 -30.80 -9.24 -14.48
CA LEU B 403 -29.72 -8.39 -15.00
C LEU B 403 -28.33 -8.72 -14.42
N GLN B 404 -28.22 -9.61 -13.45
CA GLN B 404 -26.91 -10.06 -12.96
C GLN B 404 -26.04 -10.76 -14.02
N ARG B 405 -26.62 -11.22 -15.13
CA ARG B 405 -25.95 -11.96 -16.20
C ARG B 405 -25.71 -11.14 -17.48
N PHE B 406 -25.70 -9.81 -17.41
CA PHE B 406 -25.31 -8.95 -18.53
C PHE B 406 -24.09 -8.07 -18.21
N GLU B 407 -23.18 -7.92 -19.17
CA GLU B 407 -21.82 -7.41 -18.94
C GLU B 407 -21.63 -5.86 -18.70
N ASN B 408 -22.71 -5.08 -18.65
CA ASN B 408 -22.69 -3.67 -18.21
C ASN B 408 -23.40 -3.49 -16.87
N CYS B 409 -24.23 -4.45 -16.48
CA CYS B 409 -25.24 -4.33 -15.45
C CYS B 409 -24.83 -4.99 -14.15
N GLY B 410 -24.29 -6.22 -14.24
CA GLY B 410 -24.19 -7.13 -13.11
C GLY B 410 -23.40 -6.59 -11.93
N ILE B 411 -22.39 -5.76 -12.16
CA ILE B 411 -21.63 -5.11 -11.10
C ILE B 411 -22.53 -4.21 -10.25
N PHE B 412 -23.48 -3.48 -10.83
CA PHE B 412 -24.41 -2.64 -10.09
C PHE B 412 -25.40 -3.44 -9.26
N ILE B 413 -25.85 -4.61 -9.72
CA ILE B 413 -26.75 -5.45 -8.92
C ILE B 413 -25.97 -6.13 -7.79
N VAL B 414 -24.72 -6.51 -8.03
CA VAL B 414 -23.81 -7.01 -6.99
C VAL B 414 -23.52 -5.93 -5.93
N MET B 415 -23.31 -4.67 -6.34
CA MET B 415 -23.14 -3.55 -5.41
C MET B 415 -24.42 -3.18 -4.68
N LEU B 416 -25.58 -3.20 -5.34
CA LEU B 416 -26.87 -2.91 -4.71
C LEU B 416 -27.15 -3.86 -3.57
N GLU B 417 -26.90 -5.16 -3.77
CA GLU B 417 -27.10 -6.19 -2.76
C GLU B 417 -26.13 -6.07 -1.58
N VAL B 418 -24.89 -5.66 -1.81
CA VAL B 418 -23.91 -5.41 -0.73
C VAL B 418 -24.32 -4.26 0.18
N ILE B 419 -24.72 -3.11 -0.38
CA ILE B 419 -25.16 -1.95 0.40
C ILE B 419 -26.51 -2.20 1.08
N LEU B 420 -27.41 -2.94 0.44
CA LEU B 420 -28.69 -3.33 1.02
C LEU B 420 -28.54 -4.32 2.17
N LYS B 421 -27.76 -5.40 2.01
CA LYS B 421 -27.49 -6.38 3.09
C LYS B 421 -26.79 -5.74 4.29
N THR B 422 -25.95 -4.73 4.07
CA THR B 422 -25.30 -3.99 5.15
C THR B 422 -26.30 -3.11 5.90
N LEU B 423 -27.15 -2.36 5.20
CA LEU B 423 -28.20 -1.57 5.82
C LEU B 423 -29.19 -2.45 6.60
N LEU B 424 -29.64 -3.56 6.01
CA LEU B 424 -30.58 -4.48 6.64
C LEU B 424 -29.98 -5.24 7.84
N ARG B 425 -28.66 -5.26 8.02
CA ARG B 425 -28.04 -5.64 9.29
C ARG B 425 -28.04 -4.48 10.26
N SER B 426 -27.59 -3.32 9.81
CA SER B 426 -27.48 -2.09 10.60
C SER B 426 -28.80 -1.68 11.24
N THR B 427 -29.91 -1.92 10.56
CA THR B 427 -31.24 -1.53 11.00
C THR B 427 -31.69 -2.19 12.29
N VAL B 428 -31.17 -3.36 12.68
CA VAL B 428 -31.55 -3.98 13.96
C VAL B 428 -31.14 -3.10 15.15
N VAL B 429 -30.03 -2.37 15.00
CA VAL B 429 -29.51 -1.40 15.97
C VAL B 429 -30.31 -0.12 15.93
N PHE B 430 -30.42 0.50 14.77
CA PHE B 430 -30.95 1.85 14.65
C PHE B 430 -32.47 1.97 14.56
N ILE B 431 -33.21 0.86 14.57
CA ILE B 431 -34.63 0.87 14.95
C ILE B 431 -34.83 1.48 16.34
N PHE B 432 -34.00 1.15 17.33
CA PHE B 432 -34.11 1.71 18.67
C PHE B 432 -33.70 3.17 18.74
N LEU B 433 -32.80 3.64 17.88
CA LEU B 433 -32.50 5.06 17.74
C LEU B 433 -33.70 5.86 17.24
N LEU B 434 -34.54 5.31 16.35
CA LEU B 434 -35.75 5.97 15.89
C LEU B 434 -36.96 5.74 16.80
N LEU B 435 -37.01 4.64 17.55
CA LEU B 435 -38.01 4.42 18.61
C LEU B 435 -37.85 5.39 19.78
N ALA B 436 -36.61 5.80 20.10
CA ALA B 436 -36.32 6.84 21.10
C ALA B 436 -36.92 8.19 20.72
N PHE B 437 -36.61 8.71 19.53
CA PHE B 437 -37.18 9.96 19.07
C PHE B 437 -38.67 9.85 18.74
N GLY B 438 -39.15 8.70 18.28
CA GLY B 438 -40.55 8.48 17.95
C GLY B 438 -41.47 8.52 19.16
N LEU B 439 -41.15 7.78 20.22
CA LEU B 439 -41.92 7.78 21.45
C LEU B 439 -41.72 9.08 22.26
N SER B 440 -40.67 9.86 22.00
CA SER B 440 -40.43 11.15 22.67
C SER B 440 -41.14 12.32 21.98
N PHE B 441 -41.11 12.43 20.64
CA PHE B 441 -41.93 13.40 19.91
C PHE B 441 -43.43 13.11 20.05
N TYR B 442 -43.82 11.86 20.28
CA TYR B 442 -45.20 11.50 20.65
C TYR B 442 -45.65 12.14 21.97
N ILE B 443 -44.77 12.44 22.92
CA ILE B 443 -45.13 13.22 24.12
C ILE B 443 -45.20 14.71 23.81
N LEU B 444 -44.13 15.24 23.23
CA LEU B 444 -43.86 16.67 23.14
C LEU B 444 -44.69 17.36 22.06
N LEU B 445 -45.08 16.64 21.00
CA LEU B 445 -45.78 17.17 19.84
C LEU B 445 -47.17 16.55 19.67
N ASN B 446 -47.73 15.93 20.72
CA ASN B 446 -48.96 15.13 20.67
C ASN B 446 -50.17 15.87 20.09
N LEU B 447 -50.24 17.18 20.29
CA LEU B 447 -51.34 18.04 19.85
C LEU B 447 -51.39 18.26 18.34
N GLN B 448 -50.39 17.80 17.58
CA GLN B 448 -50.25 18.01 16.14
C GLN B 448 -50.57 16.75 15.34
N ASP B 449 -51.32 16.85 14.25
CA ASP B 449 -51.76 15.71 13.43
C ASP B 449 -50.68 14.64 13.11
N PRO B 450 -49.45 14.97 12.70
CA PRO B 450 -48.43 13.99 12.36
C PRO B 450 -47.97 13.09 13.48
N PHE B 451 -48.13 13.52 14.73
CA PHE B 451 -47.68 12.80 15.91
C PHE B 451 -48.86 12.29 16.74
N SER B 452 -50.07 12.19 16.16
CA SER B 452 -51.32 11.85 16.88
C SER B 452 -51.35 10.50 17.58
N SER B 453 -50.50 9.56 17.18
CA SER B 453 -50.48 8.15 17.61
C SER B 453 -49.04 7.67 17.67
N PRO B 454 -48.70 6.67 18.48
CA PRO B 454 -47.31 6.24 18.61
C PRO B 454 -46.74 5.67 17.30
N LEU B 455 -47.53 4.96 16.49
CA LEU B 455 -47.07 4.45 15.19
C LEU B 455 -46.96 5.53 14.11
N LEU B 456 -47.87 6.51 14.08
CA LEU B 456 -47.72 7.66 13.17
C LEU B 456 -46.49 8.49 13.51
N SER B 457 -46.21 8.66 14.80
CA SER B 457 -45.02 9.33 15.29
C SER B 457 -43.75 8.64 14.80
N ILE B 458 -43.68 7.30 14.82
CA ILE B 458 -42.53 6.56 14.29
C ILE B 458 -42.41 6.68 12.77
N ILE B 459 -43.48 6.58 11.98
CA ILE B 459 -43.40 6.76 10.52
C ILE B 459 -43.00 8.21 10.14
N GLN B 460 -43.38 9.19 10.95
CA GLN B 460 -42.95 10.58 10.78
C GLN B 460 -41.48 10.77 11.13
N THR B 461 -40.99 10.21 12.22
CA THR B 461 -39.58 10.29 12.61
C THR B 461 -38.69 9.62 11.58
N PHE B 462 -39.13 8.51 11.00
CA PHE B 462 -38.47 7.86 9.87
C PHE B 462 -38.43 8.77 8.63
N SER B 463 -39.51 9.44 8.28
CA SER B 463 -39.52 10.40 7.17
C SER B 463 -38.70 11.69 7.39
N MET B 464 -38.38 12.07 8.63
CA MET B 464 -37.45 13.16 8.96
C MET B 464 -35.97 12.78 8.77
N MET B 465 -35.64 11.49 8.66
CA MET B 465 -34.28 10.95 8.62
C MET B 465 -33.45 11.47 7.44
N LEU B 466 -34.09 11.68 6.29
CA LEU B 466 -33.55 12.32 5.09
C LEU B 466 -33.36 13.85 5.22
N GLY B 467 -33.54 14.45 6.40
CA GLY B 467 -33.27 15.85 6.67
C GLY B 467 -34.42 16.81 6.40
N ASP B 468 -35.63 16.34 6.11
CA ASP B 468 -36.83 17.18 5.97
C ASP B 468 -37.63 17.24 7.28
N ILE B 469 -37.12 17.99 8.25
CA ILE B 469 -37.54 18.01 9.66
C ILE B 469 -38.95 18.62 9.88
N ASN B 470 -39.50 19.33 8.89
CA ASN B 470 -40.72 20.14 8.98
C ASN B 470 -40.66 21.22 10.08
N TYR B 471 -39.51 21.90 10.22
CA TYR B 471 -39.20 22.79 11.35
C TYR B 471 -40.22 23.90 11.54
N ARG B 472 -40.42 24.75 10.52
CA ARG B 472 -41.31 25.91 10.66
C ARG B 472 -42.72 25.47 11.00
N GLU B 473 -43.18 24.44 10.30
CA GLU B 473 -44.52 23.89 10.39
C GLU B 473 -44.85 23.23 11.74
N SER B 474 -43.85 22.78 12.52
CA SER B 474 -44.04 21.87 13.67
C SER B 474 -43.40 22.30 14.98
N PHE B 475 -42.45 23.24 14.95
CA PHE B 475 -41.80 23.79 16.14
C PHE B 475 -42.00 25.31 16.22
N LEU B 476 -41.57 26.06 15.22
CA LEU B 476 -41.58 27.52 15.23
C LEU B 476 -42.98 28.11 15.27
N GLU B 477 -43.84 27.72 14.32
CA GLU B 477 -45.16 28.30 14.22
C GLU B 477 -46.02 27.94 15.43
N PRO B 478 -46.08 26.68 15.91
CA PRO B 478 -46.68 26.35 17.20
C PRO B 478 -46.12 27.11 18.40
N TYR B 479 -44.82 27.41 18.45
CA TYR B 479 -44.21 28.18 19.53
C TYR B 479 -44.69 29.64 19.53
N LEU B 480 -44.77 30.27 18.37
CA LEU B 480 -45.24 31.64 18.25
C LEU B 480 -46.75 31.78 18.45
N ARG B 481 -47.54 30.70 18.26
CA ARG B 481 -48.96 30.60 18.64
C ARG B 481 -49.20 30.22 20.11
N ASN B 482 -48.16 29.91 20.87
CA ASN B 482 -48.21 29.38 22.24
C ASN B 482 -48.95 28.04 22.36
N GLU B 483 -48.69 27.13 21.43
CA GLU B 483 -49.30 25.79 21.34
C GLU B 483 -48.35 24.63 21.66
N LEU B 484 -47.03 24.81 21.73
CA LEU B 484 -46.14 23.76 22.25
C LEU B 484 -46.37 23.61 23.76
N ALA B 485 -46.62 22.39 24.24
CA ALA B 485 -46.82 22.13 25.67
C ALA B 485 -45.51 22.15 26.49
N HIS B 486 -44.37 21.93 25.83
CA HIS B 486 -43.03 21.87 26.41
C HIS B 486 -42.01 22.54 25.49
N PRO B 487 -42.09 23.86 25.23
CA PRO B 487 -41.31 24.48 24.17
C PRO B 487 -39.79 24.30 24.31
N VAL B 488 -39.19 24.57 25.46
CA VAL B 488 -37.73 24.42 25.65
C VAL B 488 -37.26 22.99 25.39
N LEU B 489 -37.99 22.01 25.93
CA LEU B 489 -37.66 20.60 25.81
C LEU B 489 -37.90 20.05 24.40
N SER B 490 -38.87 20.61 23.69
CA SER B 490 -39.18 20.33 22.30
C SER B 490 -38.08 20.81 21.37
N PHE B 491 -37.59 22.04 21.52
CA PHE B 491 -36.47 22.57 20.75
C PHE B 491 -35.15 21.86 21.08
N ALA B 492 -34.94 21.37 22.30
CA ALA B 492 -33.78 20.56 22.64
C ALA B 492 -33.80 19.20 21.93
N GLN B 493 -34.95 18.55 21.87
CA GLN B 493 -35.11 17.26 21.20
C GLN B 493 -35.03 17.39 19.67
N LEU B 494 -35.29 18.59 19.13
CA LEU B 494 -35.14 18.94 17.72
C LEU B 494 -33.66 19.09 17.30
N VAL B 495 -32.85 19.83 18.06
CA VAL B 495 -31.40 19.88 17.84
C VAL B 495 -30.76 18.50 18.06
N SER B 496 -31.17 17.77 19.09
CA SER B 496 -30.73 16.38 19.33
C SER B 496 -31.08 15.45 18.17
N PHE B 497 -32.34 15.43 17.69
CA PHE B 497 -32.71 14.59 16.55
C PHE B 497 -31.87 14.90 15.33
N THR B 498 -31.68 16.18 15.04
CA THR B 498 -30.95 16.67 13.86
C THR B 498 -29.47 16.27 13.88
N ILE B 499 -28.85 16.32 15.06
CA ILE B 499 -27.51 15.81 15.31
C ILE B 499 -27.47 14.28 15.11
N PHE B 500 -28.21 13.49 15.89
CA PHE B 500 -28.07 12.04 15.88
C PHE B 500 -28.53 11.36 14.58
N VAL B 501 -29.59 11.84 13.94
CA VAL B 501 -30.23 11.15 12.81
C VAL B 501 -29.81 11.73 11.45
N PRO B 502 -30.28 12.89 10.97
CA PRO B 502 -29.85 13.45 9.69
C PRO B 502 -28.35 13.67 9.50
N ILE B 503 -27.58 14.01 10.53
CA ILE B 503 -26.14 14.22 10.43
C ILE B 503 -25.41 12.91 10.74
N VAL B 504 -25.45 12.42 11.97
CA VAL B 504 -24.66 11.23 12.37
C VAL B 504 -25.10 9.96 11.67
N LEU B 505 -26.33 9.47 11.85
CA LEU B 505 -26.78 8.20 11.29
C LEU B 505 -26.70 8.16 9.75
N MET B 506 -27.09 9.23 9.07
CA MET B 506 -27.02 9.25 7.60
C MET B 506 -25.60 9.25 7.08
N ASN B 507 -24.66 9.93 7.73
CA ASN B 507 -23.25 9.88 7.35
C ASN B 507 -22.60 8.54 7.67
N LEU B 508 -23.03 7.86 8.74
CA LEU B 508 -22.61 6.50 9.01
C LEU B 508 -23.03 5.51 7.90
N LEU B 509 -24.19 5.69 7.29
CA LEU B 509 -24.63 4.89 6.14
C LEU B 509 -23.93 5.25 4.84
N ILE B 510 -23.59 6.52 4.61
CA ILE B 510 -22.75 6.93 3.48
C ILE B 510 -21.36 6.36 3.65
N GLY B 511 -20.77 6.45 4.84
CA GLY B 511 -19.43 5.94 5.14
C GLY B 511 -19.31 4.44 4.94
N LEU B 512 -20.32 3.67 5.36
CA LEU B 512 -20.42 2.24 5.11
C LEU B 512 -20.53 1.89 3.63
N ALA B 513 -21.37 2.60 2.88
CA ALA B 513 -21.55 2.43 1.45
C ALA B 513 -20.29 2.77 0.65
N VAL B 514 -19.60 3.85 1.00
CA VAL B 514 -18.35 4.26 0.36
C VAL B 514 -17.28 3.18 0.49
N GLY B 515 -17.17 2.55 1.66
CA GLY B 515 -16.26 1.43 1.89
C GLY B 515 -16.66 0.21 1.08
N ASP B 516 -17.90 -0.26 1.22
CA ASP B 516 -18.31 -1.54 0.65
C ASP B 516 -18.37 -1.53 -0.89
N ILE B 517 -18.60 -0.39 -1.52
CA ILE B 517 -18.47 -0.25 -2.99
C ILE B 517 -17.02 -0.20 -3.43
N ALA B 518 -16.10 0.38 -2.64
CA ALA B 518 -14.68 0.41 -2.97
C ALA B 518 -14.03 -0.96 -2.86
N ASP B 519 -14.60 -1.83 -2.03
CA ASP B 519 -14.20 -3.23 -1.89
C ASP B 519 -14.84 -4.15 -2.93
N VAL B 520 -16.04 -3.85 -3.48
CA VAL B 520 -16.49 -4.48 -4.74
C VAL B 520 -15.60 -4.04 -5.90
N GLN B 521 -15.36 -2.74 -6.09
CA GLN B 521 -14.48 -2.23 -7.15
C GLN B 521 -13.05 -2.81 -7.11
N LYS B 522 -12.53 -3.16 -5.92
CA LYS B 522 -11.20 -3.78 -5.77
C LYS B 522 -11.15 -5.19 -6.35
N HIS B 523 -12.00 -6.08 -5.85
CA HIS B 523 -12.10 -7.47 -6.29
C HIS B 523 -12.88 -7.68 -7.59
N ALA B 524 -13.44 -6.63 -8.19
CA ALA B 524 -14.30 -6.70 -9.36
C ALA B 524 -13.70 -7.45 -10.54
N SER B 525 -12.42 -7.25 -10.81
CA SER B 525 -11.75 -7.78 -12.01
C SER B 525 -11.71 -9.30 -12.02
N LEU B 526 -11.42 -9.92 -10.87
CA LEU B 526 -11.52 -11.37 -10.68
C LEU B 526 -12.97 -11.84 -10.59
N LYS B 527 -13.81 -11.14 -9.83
CA LYS B 527 -15.23 -11.48 -9.63
C LYS B 527 -16.01 -11.51 -10.93
N ARG B 528 -15.69 -10.64 -11.89
CA ARG B 528 -16.27 -10.62 -13.23
C ARG B 528 -16.10 -11.95 -13.92
N ILE B 529 -14.86 -12.46 -13.97
CA ILE B 529 -14.54 -13.70 -14.66
C ILE B 529 -14.97 -14.92 -13.83
N ALA B 530 -14.88 -14.85 -12.52
CA ALA B 530 -15.37 -15.89 -11.63
C ALA B 530 -16.88 -16.12 -11.75
N MET B 531 -17.66 -15.05 -11.89
CA MET B 531 -19.10 -15.10 -12.13
C MET B 531 -19.42 -15.77 -13.47
N GLN B 532 -18.63 -15.46 -14.50
CA GLN B 532 -18.76 -16.09 -15.82
C GLN B 532 -18.41 -17.58 -15.76
N VAL B 533 -17.30 -17.99 -15.14
CA VAL B 533 -16.96 -19.42 -15.06
C VAL B 533 -17.96 -20.22 -14.24
N GLU B 534 -18.47 -19.67 -13.13
CA GLU B 534 -19.48 -20.29 -12.28
C GLU B 534 -20.83 -20.44 -12.99
N LEU B 535 -21.21 -19.47 -13.81
CA LEU B 535 -22.43 -19.54 -14.64
C LEU B 535 -22.32 -20.68 -15.62
N HIS B 536 -21.23 -20.72 -16.38
CA HIS B 536 -21.07 -21.69 -17.46
C HIS B 536 -20.89 -23.10 -16.95
N THR B 537 -20.11 -23.33 -15.90
CA THR B 537 -19.89 -24.68 -15.39
C THR B 537 -21.20 -25.29 -14.89
N SER B 538 -22.06 -24.51 -14.24
CA SER B 538 -23.39 -24.95 -13.81
C SER B 538 -24.27 -25.40 -14.98
N LEU B 539 -24.29 -24.67 -16.08
CA LEU B 539 -25.01 -25.07 -17.30
C LEU B 539 -24.39 -26.29 -17.97
N GLU B 540 -23.06 -26.42 -17.97
CA GLU B 540 -22.37 -27.59 -18.54
C GLU B 540 -22.71 -28.87 -17.76
N LYS B 541 -22.86 -28.78 -16.43
CA LYS B 541 -23.30 -29.88 -15.58
C LYS B 541 -24.75 -30.29 -15.83
N LYS B 542 -25.62 -29.33 -16.18
CA LYS B 542 -27.07 -29.54 -16.37
C LYS B 542 -27.46 -29.97 -17.78
N LEU B 543 -26.84 -29.41 -18.82
CA LEU B 543 -27.05 -29.79 -20.22
C LEU B 543 -26.56 -31.24 -20.48
N PRO B 544 -27.11 -31.96 -21.47
CA PRO B 544 -26.76 -33.35 -21.74
C PRO B 544 -25.45 -33.45 -22.50
N LEU B 545 -24.62 -34.44 -22.17
CA LEU B 545 -23.25 -34.56 -22.70
C LEU B 545 -23.17 -34.56 -24.23
N TRP B 546 -24.16 -35.14 -24.94
CA TRP B 546 -24.18 -35.08 -26.41
C TRP B 546 -24.30 -33.64 -26.94
N PHE B 547 -25.02 -32.76 -26.23
CA PHE B 547 -25.20 -31.37 -26.64
C PHE B 547 -23.92 -30.56 -26.41
N LEU B 548 -23.20 -30.80 -25.32
CA LEU B 548 -21.89 -30.18 -25.14
C LEU B 548 -20.94 -30.62 -26.24
N ARG B 549 -20.84 -31.93 -26.53
CA ARG B 549 -19.95 -32.43 -27.60
C ARG B 549 -20.39 -32.00 -29.01
N LYS B 550 -21.69 -31.73 -29.23
CA LYS B 550 -22.19 -31.11 -30.47
C LYS B 550 -21.82 -29.63 -30.59
N VAL B 551 -22.08 -28.85 -29.55
CA VAL B 551 -22.15 -27.39 -29.62
C VAL B 551 -20.87 -26.68 -29.19
N ASP B 552 -20.05 -27.31 -28.34
CA ASP B 552 -18.69 -26.85 -28.04
C ASP B 552 -17.78 -26.95 -29.27
N GLN B 553 -16.69 -26.19 -29.31
CA GLN B 553 -15.87 -25.95 -30.49
C GLN B 553 -14.41 -25.69 -30.09
N LYS B 554 -13.51 -26.63 -30.40
CA LYS B 554 -12.11 -26.66 -29.90
C LYS B 554 -11.20 -25.53 -30.38
N SER B 555 -11.57 -24.76 -31.39
CA SER B 555 -10.79 -23.62 -31.85
C SER B 555 -11.66 -22.55 -32.53
N THR B 556 -11.25 -21.29 -32.47
CA THR B 556 -11.94 -20.17 -33.11
C THR B 556 -10.98 -19.20 -33.79
N ILE B 557 -11.31 -18.78 -35.01
CA ILE B 557 -10.67 -17.69 -35.75
C ILE B 557 -11.36 -16.35 -35.41
N VAL B 558 -10.58 -15.27 -35.31
CA VAL B 558 -11.10 -13.90 -35.11
C VAL B 558 -10.41 -12.91 -36.04
N TYR B 559 -11.18 -12.04 -36.70
CA TYR B 559 -10.67 -10.93 -37.52
C TYR B 559 -10.89 -9.59 -36.79
N PRO B 560 -9.84 -8.86 -36.38
CA PRO B 560 -9.97 -7.53 -35.77
C PRO B 560 -10.74 -6.50 -36.62
N SER B 592 3.49 -6.77 -7.56
CA SER B 592 4.15 -8.09 -7.63
C SER B 592 4.89 -8.48 -6.35
N LEU B 593 5.11 -7.56 -5.41
CA LEU B 593 6.07 -7.73 -4.30
C LEU B 593 5.77 -8.90 -3.35
N GLU B 594 4.51 -9.33 -3.29
CA GLU B 594 4.08 -10.55 -2.58
C GLU B 594 4.68 -11.85 -3.17
N MET B 595 5.33 -11.78 -4.34
CA MET B 595 6.14 -12.84 -4.94
C MET B 595 7.51 -12.36 -5.47
N GLU B 596 7.70 -11.08 -5.78
CA GLU B 596 9.01 -10.53 -6.17
C GLU B 596 10.11 -10.75 -5.10
N ILE B 597 9.71 -10.66 -3.83
CA ILE B 597 10.55 -10.94 -2.67
C ILE B 597 10.67 -12.45 -2.40
N LEU B 598 9.67 -13.25 -2.78
CA LEU B 598 9.62 -14.67 -2.49
C LEU B 598 10.67 -15.44 -3.28
N LYS B 599 10.84 -15.17 -4.57
CA LYS B 599 11.88 -15.85 -5.36
C LYS B 599 13.29 -15.41 -4.93
N GLN B 600 13.43 -14.16 -4.50
CA GLN B 600 14.68 -13.64 -3.96
C GLN B 600 15.10 -14.35 -2.66
N LYS B 601 14.13 -14.82 -1.87
CA LYS B 601 14.37 -15.71 -0.73
C LYS B 601 14.97 -17.04 -1.16
N TYR B 602 14.42 -17.68 -2.18
CA TYR B 602 14.93 -18.95 -2.69
C TYR B 602 16.28 -18.85 -3.37
N ARG B 603 16.54 -17.77 -4.10
CA ARG B 603 17.85 -17.48 -4.70
C ARG B 603 18.91 -17.23 -3.64
N LEU B 604 18.57 -16.54 -2.55
CA LEU B 604 19.45 -16.39 -1.38
C LEU B 604 19.68 -17.72 -0.65
N LYS B 605 18.68 -18.59 -0.58
CA LYS B 605 18.77 -19.92 0.03
C LYS B 605 19.68 -20.88 -0.75
N ASP B 606 19.64 -20.86 -2.09
CA ASP B 606 20.54 -21.67 -2.91
C ASP B 606 21.96 -21.07 -3.00
N LEU B 607 22.11 -19.78 -2.74
CA LEU B 607 23.40 -19.10 -2.60
C LEU B 607 24.08 -19.48 -1.28
N THR B 608 23.35 -19.45 -0.16
CA THR B 608 23.89 -19.86 1.14
C THR B 608 24.21 -21.35 1.20
N PHE B 609 23.50 -22.17 0.44
CA PHE B 609 23.83 -23.59 0.25
C PHE B 609 25.13 -23.80 -0.53
N LEU B 610 25.35 -23.05 -1.61
CA LEU B 610 26.60 -23.08 -2.36
C LEU B 610 27.80 -22.60 -1.52
N LEU B 611 27.63 -21.56 -0.69
CA LEU B 611 28.68 -21.10 0.20
C LEU B 611 29.01 -22.10 1.32
N GLU B 612 28.01 -22.82 1.83
CA GLU B 612 28.20 -23.91 2.79
C GLU B 612 28.98 -25.08 2.16
N LYS B 613 28.69 -25.47 0.91
CA LYS B 613 29.43 -26.52 0.17
C LYS B 613 30.88 -26.14 -0.14
N GLN B 614 31.11 -24.86 -0.37
CA GLN B 614 32.42 -24.31 -0.66
C GLN B 614 33.28 -24.14 0.60
N HIS B 615 32.72 -23.73 1.73
CA HIS B 615 33.44 -23.68 3.01
C HIS B 615 34.03 -25.03 3.42
N GLU B 616 33.35 -26.12 3.09
CA GLU B 616 33.82 -27.50 3.35
C GLU B 616 34.94 -27.97 2.41
N LEU B 617 35.13 -27.35 1.24
CA LEU B 617 36.30 -27.59 0.39
C LEU B 617 37.52 -26.78 0.81
N ILE B 618 37.36 -25.60 1.40
CA ILE B 618 38.50 -24.83 1.93
C ILE B 618 39.14 -25.57 3.10
N LYS B 619 38.34 -26.16 3.99
CA LYS B 619 38.82 -27.01 5.07
C LYS B 619 39.49 -28.29 4.56
N LEU B 620 39.00 -28.89 3.48
CA LEU B 620 39.63 -30.05 2.85
C LEU B 620 41.01 -29.72 2.31
N ILE B 621 41.22 -28.52 1.77
CA ILE B 621 42.56 -28.03 1.41
C ILE B 621 43.47 -28.00 2.64
N ILE B 622 43.13 -27.30 3.72
CA ILE B 622 44.04 -27.14 4.87
C ILE B 622 44.37 -28.49 5.52
N GLN B 623 43.40 -29.40 5.51
CA GLN B 623 43.54 -30.76 6.00
C GLN B 623 44.50 -31.61 5.18
N LYS B 624 44.59 -31.42 3.85
CA LYS B 624 45.48 -32.18 2.96
C LYS B 624 46.77 -31.46 2.54
N MET B 625 46.81 -30.14 2.68
CA MET B 625 47.88 -29.22 2.26
C MET B 625 49.26 -29.64 2.77
N GLU B 626 50.30 -29.55 1.94
CA GLU B 626 51.65 -29.90 2.38
C GLU B 626 52.29 -28.71 3.10
N ILE B 627 52.04 -28.57 4.40
CA ILE B 627 52.65 -27.56 5.26
C ILE B 627 54.06 -28.00 5.64
N ILE B 628 55.05 -27.35 5.07
CA ILE B 628 56.49 -27.46 5.31
C ILE B 628 57.05 -26.04 5.20
N SER B 629 58.08 -25.68 5.96
CA SER B 629 58.70 -24.34 5.91
C SER B 629 57.81 -23.19 6.41
N GLU B 630 56.77 -23.50 7.21
CA GLU B 630 55.85 -22.51 7.83
C GLU B 630 55.43 -22.94 9.25
N THR B 631 56.17 -23.86 9.86
CA THR B 631 55.89 -24.48 11.17
C THR B 631 57.19 -24.80 11.91
N SER C 1 49.27 -27.96 -24.36
CA SER C 1 48.72 -28.22 -23.01
C SER C 1 49.50 -27.54 -21.88
N PRO C 2 50.76 -27.87 -21.52
CA PRO C 2 51.40 -27.29 -20.32
C PRO C 2 51.41 -25.76 -20.25
N LEU C 3 51.71 -25.08 -21.36
CA LEU C 3 51.65 -23.63 -21.43
C LEU C 3 50.21 -23.10 -21.42
N HIS C 4 49.24 -23.76 -22.05
CA HIS C 4 47.84 -23.34 -21.97
C HIS C 4 47.33 -23.37 -20.53
N PHE C 5 47.78 -24.30 -19.70
CA PHE C 5 47.52 -24.28 -18.26
C PHE C 5 48.29 -23.15 -17.56
N ALA C 6 49.59 -23.03 -17.80
CA ALA C 6 50.42 -22.04 -17.10
C ALA C 6 50.00 -20.61 -17.38
N ALA C 7 49.73 -20.27 -18.64
CA ALA C 7 49.26 -18.95 -19.02
C ALA C 7 47.84 -18.68 -18.51
N SER C 8 46.94 -19.65 -18.57
CA SER C 8 45.57 -19.50 -18.08
C SER C 8 45.45 -19.20 -16.59
N TYR C 9 46.46 -19.52 -15.79
CA TYR C 9 46.45 -19.32 -14.34
C TYR C 9 47.54 -18.37 -13.84
N GLY C 10 48.19 -17.64 -14.75
CA GLY C 10 49.08 -16.56 -14.40
C GLY C 10 50.42 -17.01 -13.86
N ARG C 11 50.81 -18.25 -14.16
CA ARG C 11 52.00 -18.93 -13.66
C ARG C 11 53.23 -18.45 -14.41
N ILE C 12 53.58 -17.19 -14.21
CA ILE C 12 54.59 -16.46 -14.98
C ILE C 12 55.94 -17.18 -14.99
N ASN C 13 56.32 -17.74 -13.86
CA ASN C 13 57.59 -18.42 -13.66
C ASN C 13 57.54 -19.91 -14.05
N THR C 14 56.41 -20.41 -14.54
CA THR C 14 56.34 -21.62 -15.39
C THR C 14 56.44 -21.24 -16.86
N CYS C 15 55.81 -20.15 -17.30
CA CYS C 15 55.91 -19.67 -18.68
C CYS C 15 57.36 -19.35 -19.07
N GLN C 16 58.12 -18.68 -18.21
CA GLN C 16 59.54 -18.38 -18.47
C GLN C 16 60.43 -19.64 -18.66
N ARG C 17 59.94 -20.84 -18.31
CA ARG C 17 60.62 -22.13 -18.51
C ARG C 17 60.12 -22.84 -19.77
N LEU C 18 58.82 -22.79 -20.03
CA LEU C 18 58.20 -23.33 -21.24
C LEU C 18 58.64 -22.55 -22.50
N LEU C 19 58.79 -21.23 -22.42
CA LEU C 19 59.26 -20.35 -23.49
C LEU C 19 60.77 -20.12 -23.47
N GLN C 20 61.56 -20.93 -22.75
CA GLN C 20 63.00 -20.67 -22.57
C GLN C 20 63.86 -20.91 -23.83
N ASP C 21 63.32 -21.60 -24.83
CA ASP C 21 63.91 -21.75 -26.16
C ASP C 21 62.87 -21.47 -27.26
N ILE C 22 63.29 -20.81 -28.34
CA ILE C 22 62.39 -20.20 -29.34
C ILE C 22 62.77 -20.50 -30.79
N SER C 23 63.30 -21.69 -31.06
CA SER C 23 63.69 -22.13 -32.42
C SER C 23 62.52 -22.15 -33.43
N ASP C 24 61.29 -22.31 -32.94
CA ASP C 24 60.05 -21.99 -33.66
C ASP C 24 58.97 -21.54 -32.67
N THR C 25 58.06 -20.66 -33.10
CA THR C 25 56.99 -20.12 -32.24
C THR C 25 55.75 -21.01 -32.20
N ARG C 26 55.78 -22.20 -32.79
CA ARG C 26 54.62 -23.10 -32.87
C ARG C 26 53.99 -23.44 -31.50
N LEU C 27 54.82 -23.52 -30.44
CA LEU C 27 54.37 -23.71 -29.05
C LEU C 27 53.68 -22.46 -28.50
N LEU C 28 54.29 -21.28 -28.72
CA LEU C 28 53.81 -19.97 -28.27
C LEU C 28 52.51 -19.51 -28.95
N ASN C 29 52.19 -20.05 -30.12
CA ASN C 29 50.99 -19.71 -30.90
C ASN C 29 50.01 -20.89 -31.05
N GLU C 30 50.21 -21.99 -30.33
CA GLU C 30 49.42 -23.22 -30.54
C GLU C 30 47.93 -23.01 -30.27
N GLY C 31 47.09 -23.71 -31.04
CA GLY C 31 45.64 -23.66 -30.94
C GLY C 31 45.10 -24.39 -29.72
N ASP C 32 43.80 -24.68 -29.71
CA ASP C 32 43.08 -25.29 -28.59
C ASP C 32 41.79 -25.95 -29.11
N LEU C 33 41.08 -26.74 -28.29
CA LEU C 33 39.75 -27.28 -28.59
C LEU C 33 38.76 -26.18 -29.07
N HIS C 34 38.93 -24.95 -28.56
CA HIS C 34 38.17 -23.75 -28.92
C HIS C 34 38.96 -22.76 -29.79
N GLY C 35 40.13 -23.15 -30.29
CA GLY C 35 40.93 -22.31 -31.19
C GLY C 35 41.66 -21.15 -30.51
N MET C 36 41.56 -21.04 -29.19
CA MET C 36 42.31 -20.09 -28.37
C MET C 36 43.82 -20.39 -28.39
N THR C 37 44.60 -19.53 -27.77
CA THR C 37 46.06 -19.62 -27.73
C THR C 37 46.58 -19.07 -26.39
N PRO C 38 47.82 -19.32 -25.94
CA PRO C 38 48.31 -18.84 -24.65
C PRO C 38 48.04 -17.36 -24.36
N LEU C 39 48.17 -16.51 -25.36
CA LEU C 39 47.90 -15.07 -25.25
C LEU C 39 46.41 -14.78 -24.95
N HIS C 40 45.50 -15.58 -25.49
CA HIS C 40 44.08 -15.48 -25.17
C HIS C 40 43.79 -15.99 -23.76
N LEU C 41 44.34 -17.15 -23.37
CA LEU C 41 44.10 -17.71 -22.05
C LEU C 41 44.55 -16.75 -20.95
N ALA C 42 45.69 -16.09 -21.12
CA ALA C 42 46.18 -15.11 -20.17
C ALA C 42 45.28 -13.88 -20.09
N ALA C 43 44.93 -13.28 -21.23
CA ALA C 43 44.07 -12.11 -21.27
C ALA C 43 42.66 -12.39 -20.74
N LYS C 44 42.10 -13.57 -21.02
CA LYS C 44 40.80 -14.01 -20.52
C LYS C 44 40.71 -14.05 -19.01
N ASN C 45 41.78 -14.36 -18.30
CA ASN C 45 41.79 -14.48 -16.84
C ASN C 45 42.44 -13.28 -16.15
N GLY C 46 43.03 -12.37 -16.91
CA GLY C 46 43.41 -11.04 -16.44
C GLY C 46 44.84 -10.89 -15.98
N HIS C 47 45.73 -11.81 -16.36
CA HIS C 47 47.13 -11.86 -15.93
C HIS C 47 48.01 -11.00 -16.81
N ASP C 48 48.10 -9.71 -16.52
CA ASP C 48 48.79 -8.77 -17.40
C ASP C 48 50.28 -9.04 -17.53
N LYS C 49 50.96 -9.56 -16.50
CA LYS C 49 52.37 -9.96 -16.61
C LYS C 49 52.59 -11.10 -17.59
N VAL C 50 51.66 -12.03 -17.71
CA VAL C 50 51.77 -13.12 -18.70
C VAL C 50 51.47 -12.60 -20.10
N VAL C 51 50.47 -11.76 -20.28
CA VAL C 51 50.21 -11.10 -21.56
C VAL C 51 51.43 -10.30 -22.00
N GLN C 52 52.04 -9.56 -21.09
CA GLN C 52 53.26 -8.81 -21.34
C GLN C 52 54.45 -9.71 -21.69
N LEU C 53 54.68 -10.82 -20.98
CA LEU C 53 55.70 -11.80 -21.34
C LEU C 53 55.47 -12.38 -22.74
N LEU C 54 54.26 -12.81 -23.06
CA LEU C 54 53.97 -13.45 -24.34
C LEU C 54 54.06 -12.46 -25.50
N LEU C 55 53.71 -11.19 -25.31
CA LEU C 55 53.88 -10.15 -26.33
C LEU C 55 55.34 -9.71 -26.46
N LYS C 56 56.12 -9.69 -25.38
CA LYS C 56 57.57 -9.50 -25.39
C LYS C 56 58.30 -10.63 -26.12
N LYS C 57 57.82 -11.88 -25.99
CA LYS C 57 58.25 -13.04 -26.80
C LYS C 57 57.71 -13.03 -28.23
N GLY C 58 56.84 -12.10 -28.60
CA GLY C 58 56.32 -11.98 -29.97
C GLY C 58 55.22 -12.99 -30.34
N ALA C 59 54.31 -13.27 -29.42
CA ALA C 59 53.01 -13.87 -29.74
C ALA C 59 52.19 -12.97 -30.67
N LEU C 60 51.24 -13.54 -31.39
CA LEU C 60 50.47 -12.85 -32.43
C LEU C 60 49.00 -12.73 -32.03
N PHE C 61 48.36 -11.61 -32.36
CA PHE C 61 46.92 -11.38 -32.11
C PHE C 61 46.03 -12.19 -33.08
N LEU C 62 46.09 -13.51 -32.98
CA LEU C 62 45.22 -14.44 -33.70
C LEU C 62 43.78 -14.43 -33.12
N SER C 63 42.86 -15.16 -33.75
CA SER C 63 41.43 -15.16 -33.42
C SER C 63 40.88 -16.57 -33.16
N ASP C 64 40.05 -16.75 -32.13
CA ASP C 64 39.53 -18.07 -31.74
C ASP C 64 38.47 -18.62 -32.71
N HIS C 65 37.82 -19.76 -32.41
CA HIS C 65 36.75 -20.30 -33.26
C HIS C 65 35.54 -19.34 -33.43
N ASN C 66 35.27 -18.50 -32.43
CA ASN C 66 34.23 -17.47 -32.47
C ASN C 66 34.71 -16.18 -33.14
N GLY C 67 36.01 -16.08 -33.42
CA GLY C 67 36.66 -14.93 -34.02
C GLY C 67 37.10 -13.88 -33.01
N TRP C 68 36.97 -14.12 -31.71
CA TRP C 68 37.36 -13.16 -30.67
C TRP C 68 38.88 -12.96 -30.62
N THR C 69 39.31 -11.77 -30.22
CA THR C 69 40.73 -11.40 -30.04
C THR C 69 41.13 -11.51 -28.57
N ALA C 70 42.43 -11.50 -28.23
CA ALA C 70 42.86 -11.37 -26.83
C ALA C 70 42.27 -10.11 -26.16
N LEU C 71 42.19 -9.00 -26.89
CA LEU C 71 41.54 -7.77 -26.41
C LEU C 71 40.02 -7.91 -26.21
N HIS C 72 39.34 -8.79 -26.93
CA HIS C 72 37.93 -9.05 -26.69
C HIS C 72 37.74 -9.81 -25.38
N HIS C 73 38.59 -10.78 -25.07
CA HIS C 73 38.57 -11.49 -23.80
C HIS C 73 38.93 -10.58 -22.62
N ALA C 74 39.94 -9.72 -22.76
CA ALA C 74 40.30 -8.75 -21.73
C ALA C 74 39.14 -7.83 -21.37
N SER C 75 38.34 -7.46 -22.37
CA SER C 75 37.22 -6.55 -22.26
C SER C 75 35.97 -7.23 -21.73
N MET C 76 35.63 -8.42 -22.25
CA MET C 76 34.59 -9.29 -21.70
C MET C 76 34.72 -9.52 -20.18
N GLY C 77 35.93 -9.60 -19.64
CA GLY C 77 36.21 -9.78 -18.22
C GLY C 77 36.48 -8.49 -17.44
N GLY C 78 36.61 -7.34 -18.11
CA GLY C 78 36.87 -6.05 -17.49
C GLY C 78 38.27 -5.86 -16.92
N TYR C 79 39.28 -6.56 -17.43
CA TYR C 79 40.65 -6.56 -16.90
C TYR C 79 41.47 -5.43 -17.49
N THR C 80 41.20 -4.21 -17.04
CA THR C 80 41.75 -2.98 -17.64
C THR C 80 43.28 -2.91 -17.65
N GLN C 81 43.99 -3.62 -16.78
CA GLN C 81 45.46 -3.69 -16.82
C GLN C 81 46.00 -4.52 -17.99
N THR C 82 45.42 -5.68 -18.32
CA THR C 82 45.80 -6.46 -19.52
C THR C 82 45.47 -5.69 -20.79
N MET C 83 44.33 -5.03 -20.76
CA MET C 83 43.77 -4.21 -21.82
C MET C 83 44.70 -3.05 -22.12
N LYS C 84 45.20 -2.38 -21.08
CA LYS C 84 46.23 -1.34 -21.16
C LYS C 84 47.55 -1.87 -21.72
N VAL C 85 48.01 -3.06 -21.35
CA VAL C 85 49.23 -3.67 -21.94
C VAL C 85 49.07 -3.86 -23.44
N ILE C 86 47.93 -4.37 -23.90
CA ILE C 86 47.64 -4.55 -25.32
C ILE C 86 47.52 -3.19 -26.04
N LEU C 87 46.72 -2.26 -25.51
CA LEU C 87 46.50 -0.93 -26.09
C LEU C 87 47.79 -0.07 -26.11
N ASP C 88 48.75 -0.32 -25.23
CA ASP C 88 50.06 0.34 -25.27
C ASP C 88 50.99 -0.21 -26.35
N THR C 89 50.82 -1.46 -26.78
CA THR C 89 51.83 -2.17 -27.60
C THR C 89 51.49 -2.27 -29.09
N ASN C 90 50.23 -2.54 -29.45
CA ASN C 90 49.81 -2.63 -30.86
C ASN C 90 48.53 -1.81 -31.15
N LEU C 91 48.47 -1.24 -32.35
CA LEU C 91 47.37 -0.36 -32.75
C LEU C 91 46.19 -1.11 -33.38
N LYS C 92 46.37 -1.69 -34.57
CA LYS C 92 45.28 -2.14 -35.45
C LYS C 92 44.35 -3.18 -34.84
N CYS C 93 44.84 -3.95 -33.88
CA CYS C 93 44.10 -4.87 -33.01
C CYS C 93 42.81 -4.25 -32.41
N THR C 94 42.84 -2.96 -32.07
CA THR C 94 41.80 -2.25 -31.30
C THR C 94 40.41 -2.26 -31.93
N ASP C 95 40.27 -2.48 -33.24
CA ASP C 95 39.00 -2.47 -33.97
C ASP C 95 38.62 -3.79 -34.65
N ARG C 96 39.36 -4.88 -34.39
CA ARG C 96 39.10 -6.22 -34.92
C ARG C 96 37.70 -6.69 -34.53
N LEU C 97 37.01 -7.35 -35.46
CA LEU C 97 35.61 -7.77 -35.33
C LEU C 97 35.47 -9.28 -35.18
N ASP C 98 34.60 -9.77 -34.29
CA ASP C 98 34.32 -11.20 -34.16
C ASP C 98 33.42 -11.72 -35.30
N GLU C 99 32.94 -12.96 -35.22
CA GLU C 99 32.06 -13.55 -36.23
C GLU C 99 30.71 -12.82 -36.40
N ASP C 100 30.24 -12.11 -35.38
CA ASP C 100 28.97 -11.38 -35.33
C ASP C 100 29.13 -9.87 -35.52
N GLY C 101 30.36 -9.40 -35.72
CA GLY C 101 30.66 -7.98 -35.93
C GLY C 101 30.72 -7.13 -34.66
N ASN C 102 30.79 -7.73 -33.47
CA ASN C 102 31.10 -6.98 -32.25
C ASN C 102 32.57 -6.55 -32.24
N THR C 103 32.87 -5.36 -31.73
CA THR C 103 34.23 -5.00 -31.29
C THR C 103 34.45 -5.38 -29.80
N ALA C 104 35.64 -5.15 -29.27
CA ALA C 104 35.91 -5.23 -27.84
C ALA C 104 35.11 -4.21 -27.01
N LEU C 105 34.79 -3.04 -27.59
CA LEU C 105 33.97 -2.03 -26.96
C LEU C 105 32.51 -2.52 -26.81
N HIS C 106 31.99 -3.27 -27.78
CA HIS C 106 30.67 -3.91 -27.67
C HIS C 106 30.60 -4.94 -26.54
N PHE C 107 31.68 -5.69 -26.33
CA PHE C 107 31.78 -6.63 -25.21
C PHE C 107 31.87 -5.91 -23.86
N ALA C 108 32.72 -4.89 -23.70
CA ALA C 108 32.83 -4.20 -22.43
C ALA C 108 31.51 -3.50 -22.03
N ALA C 109 30.80 -2.93 -23.00
CA ALA C 109 29.52 -2.28 -22.79
C ALA C 109 28.43 -3.27 -22.39
N ARG C 110 28.24 -4.36 -23.14
CA ARG C 110 27.23 -5.39 -22.83
C ARG C 110 27.40 -5.99 -21.44
N GLU C 111 28.63 -6.23 -21.03
CA GLU C 111 28.98 -6.80 -19.72
C GLU C 111 29.03 -5.78 -18.58
N GLY C 112 28.93 -4.47 -18.86
CA GLY C 112 28.83 -3.44 -17.84
C GLY C 112 30.15 -2.99 -17.22
N HIS C 113 31.27 -3.16 -17.92
CA HIS C 113 32.60 -2.80 -17.42
C HIS C 113 32.94 -1.36 -17.74
N ALA C 114 32.44 -0.45 -16.91
CA ALA C 114 32.51 0.99 -17.12
C ALA C 114 33.93 1.51 -17.42
N LYS C 115 34.90 1.12 -16.61
CA LYS C 115 36.29 1.57 -16.76
C LYS C 115 37.00 0.93 -17.96
N ALA C 116 36.54 -0.23 -18.43
CA ALA C 116 37.03 -0.80 -19.68
C ALA C 116 36.51 -0.02 -20.88
N VAL C 117 35.22 0.36 -20.87
CA VAL C 117 34.66 1.27 -21.87
C VAL C 117 35.34 2.63 -21.84
N ALA C 118 35.57 3.21 -20.67
CA ALA C 118 36.33 4.45 -20.52
C ALA C 118 37.72 4.34 -21.15
N LEU C 119 38.44 3.25 -20.91
CA LEU C 119 39.77 2.99 -21.48
C LEU C 119 39.72 2.85 -23.00
N LEU C 120 38.89 1.97 -23.57
CA LEU C 120 38.82 1.83 -25.03
C LEU C 120 38.35 3.12 -25.68
N LEU C 121 37.30 3.76 -25.16
CA LEU C 121 36.71 4.98 -25.71
C LEU C 121 37.65 6.18 -25.61
N SER C 122 38.57 6.21 -24.65
CA SER C 122 39.63 7.22 -24.54
C SER C 122 40.74 7.04 -25.60
N HIS C 123 41.00 5.80 -26.04
CA HIS C 123 41.72 5.53 -27.29
C HIS C 123 40.79 5.75 -28.49
N ASN C 124 41.30 5.72 -29.72
CA ASN C 124 40.53 6.04 -30.93
C ASN C 124 39.58 4.90 -31.38
N ALA C 125 38.92 4.19 -30.46
CA ALA C 125 38.43 2.83 -30.64
C ALA C 125 37.20 2.58 -31.55
N ASP C 126 36.93 3.41 -32.55
CA ASP C 126 36.05 3.10 -33.69
C ASP C 126 34.65 2.57 -33.35
N ILE C 127 33.78 3.48 -32.89
CA ILE C 127 32.35 3.21 -32.62
C ILE C 127 31.66 2.74 -33.90
N VAL C 128 30.87 1.66 -33.85
CA VAL C 128 30.35 0.94 -35.03
C VAL C 128 29.14 0.08 -34.66
N LEU C 129 28.40 -0.42 -35.66
CA LEU C 129 27.26 -1.32 -35.47
C LEU C 129 27.66 -2.77 -35.78
N ASN C 130 27.23 -3.70 -34.96
CA ASN C 130 27.37 -5.14 -35.24
C ASN C 130 26.34 -5.67 -36.26
N LYS C 131 26.37 -6.97 -36.59
CA LYS C 131 25.45 -7.60 -37.56
C LYS C 131 24.01 -7.75 -37.06
N GLN C 132 23.70 -7.33 -35.83
CA GLN C 132 22.36 -7.15 -35.30
C GLN C 132 21.98 -5.67 -35.18
N GLN C 133 22.62 -4.82 -36.00
CA GLN C 133 22.35 -3.39 -36.13
C GLN C 133 22.42 -2.61 -34.81
N ALA C 134 23.31 -3.03 -33.91
CA ALA C 134 23.46 -2.45 -32.58
C ALA C 134 24.84 -1.83 -32.37
N SER C 135 24.87 -0.58 -31.95
CA SER C 135 26.06 0.06 -31.39
C SER C 135 26.25 -0.31 -29.92
N PHE C 136 27.46 -0.08 -29.39
CA PHE C 136 27.78 -0.37 -27.99
C PHE C 136 26.86 0.33 -26.99
N LEU C 137 26.47 1.59 -27.24
CA LEU C 137 25.50 2.33 -26.43
C LEU C 137 24.14 1.64 -26.40
N HIS C 138 23.68 1.07 -27.53
CA HIS C 138 22.48 0.23 -27.50
C HIS C 138 22.66 -1.01 -26.61
N LEU C 139 23.79 -1.70 -26.68
CA LEU C 139 24.04 -2.92 -25.89
C LEU C 139 24.05 -2.62 -24.39
N ALA C 140 24.55 -1.45 -23.99
CA ALA C 140 24.48 -1.00 -22.61
C ALA C 140 23.03 -0.73 -22.17
N LEU C 141 22.27 0.00 -22.98
CA LEU C 141 20.89 0.37 -22.68
C LEU C 141 19.98 -0.85 -22.57
N HIS C 142 20.01 -1.77 -23.55
CA HIS C 142 19.23 -3.02 -23.54
C HIS C 142 19.55 -3.97 -22.38
N ASN C 143 20.64 -3.75 -21.65
CA ASN C 143 21.05 -4.56 -20.50
C ASN C 143 21.07 -3.77 -19.18
N LYS C 144 20.57 -2.53 -19.18
CA LYS C 144 20.47 -1.66 -18.00
C LYS C 144 21.82 -1.40 -17.31
N ARG C 145 22.85 -1.10 -18.09
CA ARG C 145 24.20 -0.79 -17.58
C ARG C 145 24.37 0.69 -17.21
N LYS C 146 23.85 1.12 -16.06
CA LYS C 146 23.87 2.53 -15.61
C LYS C 146 25.26 3.17 -15.66
N GLU C 147 26.27 2.52 -15.07
CA GLU C 147 27.62 3.10 -14.94
C GLU C 147 28.38 3.23 -16.27
N VAL C 148 28.10 2.34 -17.22
CA VAL C 148 28.71 2.41 -18.55
C VAL C 148 28.04 3.46 -19.41
N VAL C 149 26.72 3.68 -19.30
CA VAL C 149 26.09 4.79 -20.04
C VAL C 149 26.35 6.15 -19.39
N LEU C 150 26.46 6.25 -18.06
CA LEU C 150 26.95 7.48 -17.45
C LEU C 150 28.36 7.79 -17.93
N THR C 151 29.23 6.78 -18.07
CA THR C 151 30.57 6.97 -18.64
C THR C 151 30.51 7.45 -20.10
N ILE C 152 29.62 6.89 -20.93
CA ILE C 152 29.44 7.30 -22.33
C ILE C 152 28.84 8.71 -22.45
N ILE C 153 27.96 9.13 -21.54
CA ILE C 153 27.34 10.47 -21.49
C ILE C 153 28.34 11.52 -21.00
N ARG C 154 29.13 11.19 -19.97
CA ARG C 154 30.18 12.05 -19.42
C ARG C 154 31.41 12.10 -20.33
N SER C 155 31.48 11.24 -21.35
CA SER C 155 32.57 11.15 -22.32
C SER C 155 32.79 12.44 -23.11
N LYS C 156 34.03 12.70 -23.51
CA LYS C 156 34.40 13.72 -24.50
C LYS C 156 33.91 13.38 -25.92
N ARG C 157 33.25 12.24 -26.10
CA ARG C 157 32.75 11.68 -27.36
C ARG C 157 31.24 11.44 -27.38
N TRP C 158 30.46 11.88 -26.38
CA TRP C 158 29.02 11.59 -26.28
C TRP C 158 28.25 11.95 -27.55
N ASP C 159 28.49 13.14 -28.06
CA ASP C 159 27.82 13.66 -29.25
C ASP C 159 28.24 12.94 -30.55
N GLU C 160 29.34 12.19 -30.55
CA GLU C 160 29.69 11.21 -31.58
C GLU C 160 28.94 9.88 -31.37
N CYS C 161 28.91 9.38 -30.12
CA CYS C 161 28.22 8.14 -29.74
C CYS C 161 26.71 8.20 -30.02
N LEU C 162 26.14 9.39 -29.94
CA LEU C 162 24.73 9.66 -30.23
C LEU C 162 24.35 9.55 -31.74
N LYS C 163 25.25 9.85 -32.68
CA LYS C 163 24.95 9.86 -34.14
C LYS C 163 25.06 8.51 -34.84
N ILE C 164 25.78 7.56 -34.26
CA ILE C 164 26.15 6.29 -34.91
C ILE C 164 25.10 5.22 -34.61
N PHE C 165 23.93 5.37 -35.25
CA PHE C 165 22.78 4.46 -35.21
C PHE C 165 21.94 4.59 -36.51
N SER C 166 21.01 3.66 -36.74
CA SER C 166 20.13 3.68 -37.92
C SER C 166 18.68 4.09 -37.60
N HIS C 167 18.15 5.05 -38.37
CA HIS C 167 16.76 5.53 -38.25
C HIS C 167 15.71 4.48 -38.70
N ASN C 168 16.13 3.45 -39.44
CA ASN C 168 15.29 2.37 -39.94
C ASN C 168 14.89 1.35 -38.87
N SER C 169 15.68 1.15 -37.81
CA SER C 169 15.45 0.08 -36.84
C SER C 169 14.30 0.38 -35.86
N PRO C 170 13.30 -0.52 -35.71
CA PRO C 170 12.32 -0.44 -34.62
C PRO C 170 12.86 -0.97 -33.28
N GLY C 171 13.90 -1.80 -33.30
CA GLY C 171 14.50 -2.41 -32.11
C GLY C 171 15.64 -1.60 -31.47
N ASN C 172 16.33 -0.76 -32.25
CA ASN C 172 17.47 0.07 -31.83
C ASN C 172 17.23 1.54 -32.21
N LYS C 173 16.16 2.15 -31.69
CA LYS C 173 15.70 3.51 -32.02
C LYS C 173 16.69 4.60 -31.56
N CYS C 174 16.35 5.85 -31.87
CA CYS C 174 17.00 7.07 -31.37
C CYS C 174 17.44 6.89 -29.91
N PRO C 175 18.75 6.96 -29.59
CA PRO C 175 19.26 6.60 -28.27
C PRO C 175 18.59 7.30 -27.10
N ILE C 176 18.08 8.52 -27.30
CA ILE C 176 17.37 9.25 -26.25
C ILE C 176 16.03 8.56 -25.92
N THR C 177 15.33 8.02 -26.92
CA THR C 177 14.09 7.26 -26.68
C THR C 177 14.37 5.91 -26.02
N GLU C 178 15.52 5.29 -26.32
CA GLU C 178 15.95 4.05 -25.70
C GLU C 178 16.39 4.26 -24.24
N MET C 179 17.01 5.40 -23.92
CA MET C 179 17.28 5.78 -22.53
C MET C 179 16.00 6.01 -21.73
N ILE C 180 14.98 6.63 -22.33
CA ILE C 180 13.69 6.82 -21.66
C ILE C 180 12.99 5.47 -21.47
N GLU C 181 13.12 4.57 -22.44
CA GLU C 181 12.52 3.24 -22.39
C GLU C 181 13.18 2.31 -21.35
N TYR C 182 14.50 2.34 -21.18
CA TYR C 182 15.25 1.37 -20.35
C TYR C 182 15.98 1.91 -19.13
N LEU C 183 16.55 3.12 -19.18
CA LEU C 183 17.42 3.68 -18.13
C LEU C 183 17.09 5.16 -17.87
N PRO C 184 15.93 5.45 -17.25
CA PRO C 184 15.45 6.82 -17.09
C PRO C 184 16.28 7.65 -16.10
N GLU C 185 16.96 7.04 -15.13
CA GLU C 185 17.83 7.79 -14.23
C GLU C 185 19.08 8.35 -14.95
N CYS C 186 19.55 7.68 -16.01
CA CYS C 186 20.57 8.19 -16.90
C CYS C 186 20.05 9.35 -17.75
N MET C 187 18.77 9.36 -18.10
CA MET C 187 18.11 10.47 -18.80
C MET C 187 17.93 11.70 -17.91
N LYS C 188 17.63 11.51 -16.62
CA LYS C 188 17.67 12.57 -15.61
C LYS C 188 19.05 13.24 -15.56
N VAL C 189 20.13 12.45 -15.54
CA VAL C 189 21.51 12.96 -15.63
C VAL C 189 21.75 13.74 -16.92
N LEU C 190 21.30 13.24 -18.06
CA LEU C 190 21.48 13.87 -19.36
C LEU C 190 20.73 15.22 -19.47
N LEU C 191 19.52 15.33 -18.91
CA LEU C 191 18.75 16.56 -18.85
C LEU C 191 19.29 17.58 -17.83
N ASP C 192 19.97 17.16 -16.77
CA ASP C 192 20.66 18.11 -15.88
C ASP C 192 21.73 18.92 -16.63
N PHE C 193 22.40 18.32 -17.62
CA PHE C 193 23.33 19.04 -18.50
C PHE C 193 22.65 20.04 -19.44
N CYS C 194 21.32 20.06 -19.50
CA CYS C 194 20.55 21.03 -20.29
C CYS C 194 20.16 22.30 -19.50
N MET C 195 20.37 22.32 -18.19
CA MET C 195 20.14 23.48 -17.33
C MET C 195 21.47 24.20 -17.10
N LEU C 196 21.61 25.46 -17.52
CA LEU C 196 22.79 26.30 -17.28
C LEU C 196 22.44 27.49 -16.39
N HIS C 197 23.13 27.65 -15.25
CA HIS C 197 22.83 28.68 -14.26
C HIS C 197 23.85 29.82 -14.32
N SER C 198 23.40 31.07 -14.33
CA SER C 198 24.25 32.22 -14.64
C SER C 198 25.29 32.57 -13.56
N THR C 199 24.91 32.58 -12.28
CA THR C 199 25.72 33.22 -11.22
C THR C 199 25.58 32.66 -9.80
N GLU C 200 24.92 31.51 -9.60
CA GLU C 200 24.72 30.88 -8.28
C GLU C 200 24.15 31.83 -7.20
N ASP C 201 23.23 32.71 -7.58
CA ASP C 201 22.81 33.89 -6.80
C ASP C 201 21.28 34.11 -6.87
N LYS C 202 20.49 33.12 -6.48
CA LYS C 202 19.02 33.14 -6.59
C LYS C 202 18.31 34.27 -5.81
N SER C 203 18.99 34.94 -4.88
CA SER C 203 18.51 36.15 -4.23
C SER C 203 18.62 37.42 -5.11
N CYS C 204 19.50 37.45 -6.11
CA CYS C 204 19.69 38.59 -7.01
C CYS C 204 18.55 38.72 -8.02
N ARG C 205 18.08 39.94 -8.28
CA ARG C 205 17.00 40.19 -9.23
C ARG C 205 17.38 39.82 -10.68
N ASP C 206 18.64 40.01 -11.05
CA ASP C 206 19.19 39.72 -12.37
C ASP C 206 19.47 38.23 -12.66
N TYR C 207 19.34 37.35 -11.65
CA TYR C 207 19.64 35.92 -11.78
C TYR C 207 18.82 35.21 -12.86
N TYR C 208 19.46 34.33 -13.62
CA TYR C 208 18.79 33.56 -14.66
C TYR C 208 19.33 32.14 -14.81
N ILE C 209 18.47 31.31 -15.39
CA ILE C 209 18.74 29.94 -15.80
C ILE C 209 18.33 29.76 -17.25
N GLU C 210 19.16 29.09 -18.04
CA GLU C 210 18.88 28.78 -19.46
C GLU C 210 18.63 27.28 -19.62
N TYR C 211 17.61 26.94 -20.41
CA TYR C 211 17.23 25.58 -20.76
C TYR C 211 17.50 25.32 -22.24
N ASN C 212 18.23 24.26 -22.57
CA ASN C 212 18.53 23.85 -23.94
C ASN C 212 17.74 22.59 -24.30
N PHE C 213 17.05 22.57 -25.44
CA PHE C 213 16.13 21.48 -25.77
C PHE C 213 16.68 20.42 -26.72
N LYS C 214 17.99 20.38 -27.00
CA LYS C 214 18.55 19.51 -28.05
C LYS C 214 18.28 18.01 -27.90
N TYR C 215 18.08 17.49 -26.70
CA TYR C 215 17.72 16.09 -26.49
C TYR C 215 16.21 15.81 -26.50
N LEU C 216 15.35 16.82 -26.40
CA LEU C 216 13.88 16.63 -26.42
C LEU C 216 13.31 16.56 -27.84
N GLN C 217 13.91 17.32 -28.76
CA GLN C 217 13.61 17.27 -30.19
C GLN C 217 14.11 15.96 -30.86
N CYS C 218 13.89 15.85 -32.17
CA CYS C 218 14.58 14.90 -33.04
C CYS C 218 16.08 14.78 -32.71
N LEU C 236 6.58 15.55 -30.83
CA LEU C 236 7.25 15.71 -29.54
C LEU C 236 7.82 14.38 -29.04
N THR C 237 8.80 13.84 -29.76
CA THR C 237 9.28 12.45 -29.61
C THR C 237 9.79 12.06 -28.23
N ALA C 238 10.62 12.87 -27.56
CA ALA C 238 11.08 12.50 -26.21
C ALA C 238 9.97 12.53 -25.17
N LEU C 239 9.05 13.50 -25.21
CA LEU C 239 7.97 13.57 -24.23
C LEU C 239 6.89 12.52 -24.52
N ASN C 240 6.63 12.20 -25.78
CA ASN C 240 5.80 11.05 -26.12
C ASN C 240 6.42 9.76 -25.55
N ALA C 241 7.74 9.59 -25.63
CA ALA C 241 8.40 8.43 -25.06
C ALA C 241 8.33 8.43 -23.53
N MET C 242 8.47 9.58 -22.87
CA MET C 242 8.35 9.67 -21.41
C MET C 242 6.92 9.38 -20.94
N VAL C 243 5.90 9.77 -21.71
CA VAL C 243 4.51 9.43 -21.44
C VAL C 243 4.24 7.95 -21.66
N GLN C 244 4.67 7.38 -22.80
CA GLN C 244 4.43 5.97 -23.12
C GLN C 244 5.16 4.98 -22.21
N ASN C 245 6.25 5.40 -21.57
CA ASN C 245 7.01 4.60 -20.61
C ASN C 245 6.72 4.95 -19.15
N ASN C 246 5.69 5.76 -18.86
CA ASN C 246 5.27 6.16 -17.51
C ASN C 246 6.37 6.84 -16.70
N ARG C 247 7.25 7.60 -17.36
CA ARG C 247 8.40 8.27 -16.74
C ARG C 247 7.99 9.58 -16.11
N ILE C 248 7.13 9.50 -15.11
CA ILE C 248 6.54 10.66 -14.45
C ILE C 248 7.59 11.62 -13.84
N GLU C 249 8.68 11.09 -13.29
CA GLU C 249 9.78 11.89 -12.75
C GLU C 249 10.68 12.55 -13.81
N LEU C 250 10.56 12.17 -15.09
CA LEU C 250 11.14 12.87 -16.24
C LEU C 250 10.18 13.92 -16.81
N LEU C 251 8.89 13.60 -16.92
CA LEU C 251 7.80 14.55 -17.25
C LEU C 251 7.85 15.80 -16.36
N ASN C 252 8.05 15.59 -15.06
CA ASN C 252 8.10 16.65 -14.05
C ASN C 252 9.47 17.34 -13.91
N HIS C 253 10.44 17.07 -14.78
CA HIS C 253 11.74 17.74 -14.75
C HIS C 253 11.66 19.18 -15.28
N PRO C 254 12.37 20.17 -14.72
CA PRO C 254 12.35 21.55 -15.21
C PRO C 254 12.53 21.73 -16.70
N VAL C 255 13.39 20.95 -17.36
CA VAL C 255 13.60 21.07 -18.81
C VAL C 255 12.35 20.64 -19.59
N CYS C 256 11.57 19.68 -19.08
CA CYS C 256 10.35 19.22 -19.73
C CYS C 256 9.19 20.19 -19.52
N LYS C 257 9.06 20.74 -18.30
CA LYS C 257 8.07 21.77 -17.98
C LYS C 257 8.28 23.03 -18.79
N GLU C 258 9.54 23.44 -18.97
CA GLU C 258 9.91 24.57 -19.81
C GLU C 258 9.79 24.28 -21.31
N TYR C 259 10.04 23.06 -21.76
CA TYR C 259 9.83 22.68 -23.16
C TYR C 259 8.34 22.74 -23.54
N LEU C 260 7.44 22.22 -22.69
CA LEU C 260 6.00 22.30 -22.91
C LEU C 260 5.48 23.73 -22.78
N LEU C 261 5.86 24.48 -21.75
CA LEU C 261 5.42 25.87 -21.62
C LEU C 261 5.96 26.74 -22.77
N MET C 262 7.12 26.42 -23.36
CA MET C 262 7.57 27.04 -24.61
C MET C 262 6.67 26.63 -25.77
N LYS C 263 6.29 25.37 -25.91
CA LYS C 263 5.39 24.91 -26.99
C LYS C 263 4.00 25.56 -26.92
N TRP C 264 3.48 25.77 -25.71
CA TRP C 264 2.22 26.47 -25.47
C TRP C 264 2.31 27.95 -25.79
N LEU C 265 3.34 28.65 -25.33
CA LEU C 265 3.53 30.06 -25.66
C LEU C 265 3.96 30.29 -27.11
N ALA C 266 4.51 29.29 -27.79
CA ALA C 266 4.92 29.37 -29.18
C ALA C 266 3.74 29.34 -30.15
N TYR C 267 2.90 28.29 -30.11
CA TYR C 267 1.68 28.21 -30.92
C TYR C 267 0.42 27.78 -30.14
N GLY C 268 0.51 26.91 -29.13
CA GLY C 268 -0.66 26.20 -28.60
C GLY C 268 -1.70 27.08 -27.89
N PHE C 269 -1.29 28.10 -27.14
CA PHE C 269 -2.21 29.07 -26.53
C PHE C 269 -3.01 29.82 -27.59
N ARG C 270 -2.33 30.35 -28.61
CA ARG C 270 -2.96 31.07 -29.72
C ARG C 270 -3.89 30.17 -30.54
N ALA C 271 -3.54 28.90 -30.71
CA ALA C 271 -4.44 27.95 -31.34
C ALA C 271 -5.74 27.76 -30.53
N HIS C 272 -5.63 27.57 -29.22
CA HIS C 272 -6.81 27.37 -28.38
C HIS C 272 -7.69 28.62 -28.26
N MET C 273 -7.08 29.78 -28.03
CA MET C 273 -7.79 31.05 -27.92
C MET C 273 -8.54 31.44 -29.20
N MET C 274 -8.05 31.07 -30.39
CA MET C 274 -8.78 31.34 -31.62
C MET C 274 -9.98 30.40 -31.82
N ASN C 275 -9.88 29.14 -31.38
CA ASN C 275 -11.01 28.20 -31.35
C ASN C 275 -12.12 28.70 -30.39
N LEU C 276 -11.76 29.06 -29.16
CA LEU C 276 -12.69 29.61 -28.17
C LEU C 276 -13.27 30.95 -28.60
N GLY C 277 -12.48 31.84 -29.21
CA GLY C 277 -12.97 33.10 -29.78
C GLY C 277 -13.94 32.90 -30.94
N SER C 278 -13.74 31.88 -31.79
CA SER C 278 -14.69 31.55 -32.86
C SER C 278 -16.03 31.08 -32.32
N TYR C 279 -16.02 30.41 -31.17
CA TYR C 279 -17.21 29.90 -30.52
C TYR C 279 -17.94 31.01 -29.76
N CYS C 280 -17.20 31.86 -29.05
CA CYS C 280 -17.76 33.00 -28.34
C CYS C 280 -18.54 33.96 -29.23
N LEU C 281 -18.19 34.04 -30.52
CA LEU C 281 -18.87 34.87 -31.51
C LEU C 281 -20.28 34.38 -31.90
N GLY C 282 -20.69 33.19 -31.48
CA GLY C 282 -22.09 32.75 -31.49
C GLY C 282 -22.73 32.74 -30.10
N LEU C 283 -22.00 32.27 -29.10
CA LEU C 283 -22.42 32.12 -27.71
C LEU C 283 -22.86 33.45 -27.08
N ILE C 284 -22.07 34.52 -27.24
CA ILE C 284 -22.31 35.77 -26.54
C ILE C 284 -23.45 36.57 -27.20
N PRO C 285 -23.45 36.82 -28.52
CA PRO C 285 -24.61 37.36 -29.24
C PRO C 285 -25.94 36.66 -28.97
N MET C 286 -25.99 35.34 -28.83
CA MET C 286 -27.22 34.67 -28.44
C MET C 286 -27.61 34.93 -26.99
N THR C 287 -26.67 34.90 -26.06
CA THR C 287 -26.95 35.20 -24.65
C THR C 287 -27.52 36.61 -24.47
N ILE C 288 -26.96 37.59 -25.19
CA ILE C 288 -27.46 38.98 -25.23
C ILE C 288 -28.92 39.01 -25.71
N LEU C 289 -29.24 38.23 -26.74
CA LEU C 289 -30.55 38.13 -27.38
C LEU C 289 -31.59 37.41 -26.51
N VAL C 290 -31.17 36.64 -25.49
CA VAL C 290 -32.05 36.10 -24.45
C VAL C 290 -32.37 37.14 -23.38
N VAL C 291 -31.37 37.84 -22.85
CA VAL C 291 -31.61 38.75 -21.72
C VAL C 291 -32.22 40.09 -22.14
N ASN C 292 -32.23 40.46 -23.43
CA ASN C 292 -32.77 41.74 -23.91
C ASN C 292 -34.15 41.66 -24.58
N ILE C 293 -34.71 40.47 -24.75
CA ILE C 293 -36.04 40.27 -25.33
C ILE C 293 -36.85 39.37 -24.40
N LYS C 294 -38.11 39.70 -24.11
CA LYS C 294 -38.93 38.89 -23.20
C LYS C 294 -39.22 37.53 -23.83
N PRO C 295 -38.95 36.39 -23.18
CA PRO C 295 -39.22 35.08 -23.75
C PRO C 295 -40.67 34.92 -24.22
N GLY C 296 -40.84 34.38 -25.42
CA GLY C 296 -42.11 34.13 -26.07
C GLY C 296 -42.55 35.18 -27.08
N MET C 297 -42.03 36.41 -27.02
CA MET C 297 -42.33 37.45 -28.01
C MET C 297 -41.71 37.13 -29.37
N ALA C 298 -42.39 37.43 -30.48
CA ALA C 298 -41.74 37.43 -31.79
C ALA C 298 -40.72 38.58 -31.87
N PHE C 299 -39.59 38.38 -32.55
CA PHE C 299 -38.66 39.46 -32.83
C PHE C 299 -38.05 39.36 -34.23
N ASN C 300 -37.85 40.51 -34.88
CA ASN C 300 -37.25 40.70 -36.21
C ASN C 300 -36.02 41.62 -36.11
N SER C 301 -35.37 41.92 -37.22
CA SER C 301 -34.26 42.89 -37.25
C SER C 301 -34.69 44.30 -36.79
N THR C 302 -35.95 44.65 -37.04
CA THR C 302 -36.63 45.85 -36.54
C THR C 302 -36.84 45.88 -35.03
N GLY C 303 -36.56 44.79 -34.29
CA GLY C 303 -36.70 44.71 -32.83
C GLY C 303 -37.78 43.74 -32.36
N ILE C 304 -38.28 43.96 -31.14
CA ILE C 304 -39.27 43.10 -30.46
C ILE C 304 -40.69 43.45 -30.94
N ILE C 305 -41.56 42.45 -31.12
CA ILE C 305 -42.97 42.65 -31.47
C ILE C 305 -43.87 42.33 -30.27
N ASN C 306 -44.65 43.31 -29.81
CA ASN C 306 -45.51 43.24 -28.62
C ASN C 306 -46.77 44.09 -28.79
N ASN C 319 -33.80 49.02 -29.03
CA ASN C 319 -32.81 47.95 -29.02
C ASN C 319 -32.57 47.31 -30.41
N SER C 320 -33.20 47.81 -31.48
CA SER C 320 -33.14 47.22 -32.82
C SER C 320 -31.71 47.07 -33.35
N TYR C 321 -30.79 47.99 -33.08
CA TYR C 321 -29.40 47.84 -33.53
C TYR C 321 -28.68 46.69 -32.81
N LEU C 322 -28.84 46.58 -31.49
CA LEU C 322 -28.31 45.45 -30.70
C LEU C 322 -28.91 44.13 -31.16
N ILE C 323 -30.23 44.07 -31.29
CA ILE C 323 -31.00 42.90 -31.75
C ILE C 323 -30.56 42.46 -33.14
N LYS C 324 -30.45 43.39 -34.10
CA LYS C 324 -30.04 43.16 -35.48
C LYS C 324 -28.61 42.65 -35.55
N THR C 325 -27.66 43.33 -34.92
CA THR C 325 -26.24 42.93 -34.95
C THR C 325 -26.00 41.58 -34.26
N CYS C 326 -26.65 41.31 -33.13
CA CYS C 326 -26.57 40.01 -32.47
C CYS C 326 -27.23 38.88 -33.27
N MET C 327 -28.31 39.13 -34.00
CA MET C 327 -28.86 38.17 -34.94
C MET C 327 -27.93 37.89 -36.12
N ILE C 328 -27.34 38.93 -36.72
CA ILE C 328 -26.39 38.76 -37.82
C ILE C 328 -25.20 37.92 -37.37
N LEU C 329 -24.67 38.17 -36.17
CA LEU C 329 -23.62 37.36 -35.57
C LEU C 329 -24.03 35.91 -35.29
N VAL C 330 -25.19 35.64 -34.67
CA VAL C 330 -25.69 34.27 -34.47
C VAL C 330 -25.89 33.54 -35.79
N PHE C 331 -26.36 34.21 -36.82
CA PHE C 331 -26.55 33.61 -38.14
C PHE C 331 -25.20 33.28 -38.79
N LEU C 332 -24.30 34.25 -38.92
CA LEU C 332 -22.94 34.07 -39.47
C LEU C 332 -22.19 32.96 -38.73
N SER C 333 -22.20 32.99 -37.40
CA SER C 333 -21.53 31.97 -36.59
C SER C 333 -22.19 30.58 -36.72
N SER C 334 -23.48 30.49 -37.00
CA SER C 334 -24.12 29.19 -37.27
C SER C 334 -23.78 28.64 -38.66
N ILE C 335 -23.71 29.48 -39.70
CA ILE C 335 -23.28 29.01 -41.04
C ILE C 335 -21.77 28.73 -41.10
N PHE C 336 -20.93 29.47 -40.38
CA PHE C 336 -19.53 29.11 -40.14
C PHE C 336 -19.41 27.80 -39.32
N GLY C 337 -20.33 27.57 -38.39
CA GLY C 337 -20.45 26.31 -37.66
C GLY C 337 -20.70 25.10 -38.58
N TYR C 338 -21.62 25.21 -39.53
CA TYR C 338 -21.82 24.20 -40.56
C TYR C 338 -20.60 24.01 -41.48
N CYS C 339 -19.77 25.05 -41.68
CA CYS C 339 -18.49 24.89 -42.39
C CYS C 339 -17.51 24.02 -41.59
N LYS C 340 -17.29 24.32 -40.30
CA LYS C 340 -16.37 23.54 -39.44
C LYS C 340 -16.88 22.10 -39.21
N GLU C 341 -18.19 21.90 -39.13
CA GLU C 341 -18.83 20.61 -39.46
C GLU C 341 -18.90 20.43 -40.98
N ILE C 356 -19.29 13.50 -27.00
CA ILE C 356 -20.55 13.82 -27.68
C ILE C 356 -20.47 15.14 -28.46
N SER C 357 -19.31 15.79 -28.47
CA SER C 357 -19.05 17.13 -29.04
C SER C 357 -19.58 17.32 -30.47
N ASN C 358 -19.41 16.32 -31.34
CA ASN C 358 -19.90 16.35 -32.72
C ASN C 358 -21.43 16.47 -32.80
N VAL C 359 -22.16 15.86 -31.86
CA VAL C 359 -23.63 15.90 -31.81
C VAL C 359 -24.11 17.23 -31.23
N LEU C 360 -23.47 17.70 -30.15
CA LEU C 360 -23.83 18.96 -29.50
C LEU C 360 -23.73 20.15 -30.44
N GLU C 361 -22.67 20.23 -31.24
CA GLU C 361 -22.50 21.29 -32.24
C GLU C 361 -23.58 21.22 -33.34
N TRP C 362 -24.05 20.02 -33.71
CA TRP C 362 -25.15 19.90 -34.67
C TRP C 362 -26.48 20.37 -34.12
N ILE C 363 -26.78 20.08 -32.85
CA ILE C 363 -27.96 20.65 -32.17
C ILE C 363 -27.85 22.18 -32.16
N ILE C 364 -26.70 22.72 -31.76
CA ILE C 364 -26.47 24.16 -31.62
C ILE C 364 -26.68 24.90 -32.93
N TYR C 365 -25.98 24.54 -34.02
CA TYR C 365 -26.08 25.32 -35.25
C TYR C 365 -27.45 25.18 -35.91
N THR C 366 -28.06 23.99 -35.91
CA THR C 366 -29.42 23.83 -36.43
C THR C 366 -30.46 24.62 -35.64
N THR C 367 -30.39 24.57 -34.32
CA THR C 367 -31.39 25.21 -33.45
C THR C 367 -31.19 26.72 -33.37
N GLY C 368 -29.95 27.18 -33.32
CA GLY C 368 -29.59 28.59 -33.32
C GLY C 368 -29.97 29.31 -34.60
N ILE C 369 -30.01 28.63 -35.75
CA ILE C 369 -30.60 29.18 -36.97
C ILE C 369 -32.09 29.45 -36.78
N ILE C 370 -32.87 28.50 -36.25
CA ILE C 370 -34.33 28.69 -36.12
C ILE C 370 -34.66 29.88 -35.22
N PHE C 371 -33.95 30.10 -34.10
CA PHE C 371 -34.14 31.26 -33.21
C PHE C 371 -33.99 32.61 -33.94
N VAL C 372 -33.30 32.62 -35.08
CA VAL C 372 -32.85 33.82 -35.80
C VAL C 372 -33.33 33.82 -37.26
N LEU C 373 -34.11 32.83 -37.72
CA LEU C 373 -34.74 32.88 -39.05
C LEU C 373 -35.55 34.18 -39.31
N PRO C 374 -36.22 34.80 -38.34
CA PRO C 374 -36.75 36.16 -38.46
C PRO C 374 -35.77 37.29 -38.81
N LEU C 375 -34.49 37.01 -39.03
CA LEU C 375 -33.58 37.91 -39.75
C LEU C 375 -33.95 38.00 -41.24
N PHE C 376 -34.64 36.99 -41.79
CA PHE C 376 -34.98 36.85 -43.22
C PHE C 376 -36.39 36.28 -43.51
N VAL C 377 -37.01 35.55 -42.58
CA VAL C 377 -38.18 34.66 -42.81
C VAL C 377 -39.24 34.85 -41.73
N GLU C 378 -40.53 34.91 -42.05
CA GLU C 378 -41.59 34.95 -41.02
C GLU C 378 -41.80 33.57 -40.38
N ILE C 379 -41.52 33.47 -39.07
CA ILE C 379 -41.57 32.23 -38.27
C ILE C 379 -42.44 32.48 -37.02
N PRO C 380 -43.26 31.51 -36.57
CA PRO C 380 -44.10 31.68 -35.39
C PRO C 380 -43.32 31.79 -34.08
N ALA C 381 -43.76 32.67 -33.20
CA ALA C 381 -43.03 33.06 -32.00
C ALA C 381 -42.74 31.89 -31.05
N HIS C 382 -43.68 30.97 -30.93
CA HIS C 382 -43.55 29.77 -30.10
C HIS C 382 -42.43 28.84 -30.57
N LEU C 383 -42.27 28.63 -31.88
CA LEU C 383 -41.17 27.86 -32.46
C LEU C 383 -39.84 28.58 -32.31
N GLN C 384 -39.84 29.90 -32.50
CA GLN C 384 -38.65 30.72 -32.31
C GLN C 384 -38.09 30.51 -30.91
N TRP C 385 -38.88 30.70 -29.86
CA TRP C 385 -38.41 30.50 -28.49
C TRP C 385 -38.27 29.05 -28.05
N GLN C 386 -38.94 28.09 -28.68
CA GLN C 386 -38.69 26.68 -28.41
C GLN C 386 -37.24 26.33 -28.78
N CYS C 387 -36.78 26.83 -29.92
CA CYS C 387 -35.39 26.73 -30.33
C CYS C 387 -34.48 27.66 -29.54
N GLY C 388 -34.93 28.84 -29.16
CA GLY C 388 -34.18 29.71 -28.24
C GLY C 388 -33.81 29.01 -26.95
N ALA C 389 -34.74 28.31 -26.31
CA ALA C 389 -34.50 27.52 -25.10
C ALA C 389 -33.48 26.40 -25.30
N ILE C 390 -33.64 25.57 -26.34
CA ILE C 390 -32.72 24.46 -26.63
C ILE C 390 -31.32 24.96 -27.00
N ALA C 391 -31.21 25.99 -27.84
CA ALA C 391 -29.92 26.48 -28.30
C ALA C 391 -29.11 27.06 -27.16
N VAL C 392 -29.71 27.89 -26.31
CA VAL C 392 -29.03 28.58 -25.22
C VAL C 392 -28.52 27.59 -24.19
N TYR C 393 -29.30 26.56 -23.88
CA TYR C 393 -28.87 25.49 -23.00
C TYR C 393 -27.63 24.78 -23.57
N PHE C 394 -27.71 24.22 -24.77
CA PHE C 394 -26.59 23.47 -25.33
C PHE C 394 -25.37 24.34 -25.66
N TYR C 395 -25.52 25.63 -25.99
CA TYR C 395 -24.39 26.53 -26.17
C TYR C 395 -23.50 26.59 -24.94
N TRP C 396 -24.08 26.64 -23.74
CA TRP C 396 -23.33 26.71 -22.48
C TRP C 396 -22.90 25.33 -21.98
N MET C 397 -23.67 24.26 -22.20
CA MET C 397 -23.18 22.91 -21.90
C MET C 397 -21.94 22.56 -22.73
N ASN C 398 -21.97 22.86 -24.04
CA ASN C 398 -20.86 22.64 -24.96
C ASN C 398 -19.70 23.64 -24.76
N PHE C 399 -19.90 24.74 -24.03
CA PHE C 399 -18.80 25.64 -23.63
C PHE C 399 -17.87 25.02 -22.59
N LEU C 400 -18.31 24.03 -21.79
CA LEU C 400 -17.45 23.31 -20.85
C LEU C 400 -16.35 22.53 -21.54
N LEU C 401 -16.61 21.99 -22.73
CA LEU C 401 -15.64 21.22 -23.52
C LEU C 401 -14.48 22.10 -24.01
N TYR C 402 -14.69 23.42 -24.13
CA TYR C 402 -13.63 24.38 -24.40
C TYR C 402 -12.85 24.75 -23.13
N LEU C 403 -13.34 24.48 -21.92
CA LEU C 403 -12.58 24.67 -20.67
C LEU C 403 -11.66 23.49 -20.34
N GLN C 404 -11.84 22.36 -21.02
CA GLN C 404 -11.04 21.15 -20.81
C GLN C 404 -9.53 21.34 -21.12
N ARG C 405 -9.17 22.44 -21.79
CA ARG C 405 -7.79 22.81 -22.17
C ARG C 405 -7.27 24.05 -21.43
N PHE C 406 -7.74 24.34 -20.22
CA PHE C 406 -7.14 25.35 -19.32
C PHE C 406 -6.68 24.76 -17.97
N GLU C 407 -5.60 25.30 -17.43
CA GLU C 407 -4.73 24.62 -16.46
C GLU C 407 -5.34 24.39 -15.08
N ASN C 408 -6.33 25.19 -14.67
CA ASN C 408 -7.04 25.00 -13.40
C ASN C 408 -8.40 24.29 -13.56
N CYS C 409 -8.90 24.16 -14.78
CA CYS C 409 -10.27 23.73 -15.08
C CYS C 409 -10.33 22.27 -15.49
N GLY C 410 -9.40 21.82 -16.34
CA GLY C 410 -9.55 20.58 -17.10
C GLY C 410 -9.77 19.33 -16.28
N ILE C 411 -9.19 19.25 -15.08
CA ILE C 411 -9.39 18.13 -14.17
C ILE C 411 -10.85 17.97 -13.76
N PHE C 412 -11.59 19.07 -13.55
CA PHE C 412 -13.01 19.04 -13.21
C PHE C 412 -13.87 18.58 -14.37
N ILE C 413 -13.55 18.91 -15.62
CA ILE C 413 -14.29 18.42 -16.79
C ILE C 413 -14.01 16.95 -17.02
N VAL C 414 -12.78 16.50 -16.79
CA VAL C 414 -12.40 15.07 -16.81
C VAL C 414 -13.12 14.28 -15.72
N MET C 415 -13.24 14.83 -14.50
CA MET C 415 -14.02 14.20 -13.42
C MET C 415 -15.52 14.24 -13.67
N LEU C 416 -16.08 15.31 -14.22
CA LEU C 416 -17.51 15.42 -14.51
C LEU C 416 -17.94 14.35 -15.51
N GLU C 417 -17.14 14.12 -16.55
CA GLU C 417 -17.41 13.10 -17.56
C GLU C 417 -17.27 11.68 -17.01
N VAL C 418 -16.32 11.41 -16.11
CA VAL C 418 -16.18 10.11 -15.45
C VAL C 418 -17.40 9.76 -14.59
N ILE C 419 -17.86 10.68 -13.74
CA ILE C 419 -19.03 10.44 -12.88
C ILE C 419 -20.33 10.38 -13.69
N LEU C 420 -20.45 11.16 -14.77
CA LEU C 420 -21.60 11.13 -15.67
C LEU C 420 -21.67 9.84 -16.48
N LYS C 421 -20.56 9.37 -17.08
CA LYS C 421 -20.51 8.08 -17.80
C LYS C 421 -20.81 6.90 -16.88
N THR C 422 -20.37 6.94 -15.63
CA THR C 422 -20.65 5.89 -14.64
C THR C 422 -22.15 5.85 -14.30
N LEU C 423 -22.79 7.00 -14.09
CA LEU C 423 -24.21 7.09 -13.83
C LEU C 423 -25.05 6.66 -15.05
N LEU C 424 -24.70 7.11 -16.25
CA LEU C 424 -25.42 6.76 -17.47
C LEU C 424 -25.35 5.27 -17.78
N ARG C 425 -24.28 4.56 -17.42
CA ARG C 425 -24.23 3.09 -17.45
C ARG C 425 -25.17 2.50 -16.40
N SER C 426 -25.08 2.99 -15.17
CA SER C 426 -25.90 2.55 -14.03
C SER C 426 -27.40 2.68 -14.27
N THR C 427 -27.78 3.67 -15.10
CA THR C 427 -29.16 4.01 -15.44
C THR C 427 -29.93 2.86 -16.06
N VAL C 428 -29.34 2.03 -16.91
CA VAL C 428 -30.06 0.90 -17.54
C VAL C 428 -30.65 -0.06 -16.51
N VAL C 429 -29.98 -0.22 -15.37
CA VAL C 429 -30.40 -1.04 -14.25
C VAL C 429 -31.49 -0.36 -13.45
N PHE C 430 -31.24 0.84 -12.95
CA PHE C 430 -32.10 1.47 -11.96
C PHE C 430 -33.29 2.26 -12.53
N ILE C 431 -33.44 2.31 -13.85
CA ILE C 431 -34.75 2.57 -14.49
C ILE C 431 -35.80 1.56 -14.04
N PHE C 432 -35.48 0.28 -13.93
CA PHE C 432 -36.43 -0.74 -13.49
C PHE C 432 -36.71 -0.66 -11.99
N LEU C 433 -35.74 -0.27 -11.17
CA LEU C 433 -35.98 0.07 -9.77
C LEU C 433 -36.95 1.26 -9.62
N LEU C 434 -36.94 2.20 -10.55
CA LEU C 434 -37.83 3.37 -10.57
C LEU C 434 -39.23 3.05 -11.11
N LEU C 435 -39.33 2.23 -12.16
CA LEU C 435 -40.55 1.75 -12.80
C LEU C 435 -41.39 0.86 -11.87
N ALA C 436 -40.74 0.13 -10.95
CA ALA C 436 -41.40 -0.65 -9.90
C ALA C 436 -42.21 0.24 -8.95
N PHE C 437 -41.58 1.25 -8.35
CA PHE C 437 -42.28 2.20 -7.49
C PHE C 437 -43.20 3.14 -8.26
N GLY C 438 -42.88 3.47 -9.50
CA GLY C 438 -43.70 4.31 -10.37
C GLY C 438 -45.06 3.70 -10.67
N LEU C 439 -45.10 2.48 -11.19
CA LEU C 439 -46.36 1.80 -11.46
C LEU C 439 -47.05 1.33 -10.17
N SER C 440 -46.35 1.14 -9.06
CA SER C 440 -46.97 0.76 -7.79
C SER C 440 -47.65 1.94 -7.07
N PHE C 441 -47.01 3.12 -6.96
CA PHE C 441 -47.68 4.32 -6.46
C PHE C 441 -48.80 4.80 -7.39
N TYR C 442 -48.74 4.50 -8.69
CA TYR C 442 -49.85 4.73 -9.62
C TYR C 442 -51.10 3.91 -9.25
N ILE C 443 -51.00 2.74 -8.62
CA ILE C 443 -52.18 2.05 -8.07
C ILE C 443 -52.64 2.69 -6.76
N LEU C 444 -51.72 2.80 -5.81
CA LEU C 444 -52.03 3.07 -4.41
C LEU C 444 -52.41 4.53 -4.16
N LEU C 445 -51.91 5.45 -4.97
CA LEU C 445 -52.11 6.89 -4.82
C LEU C 445 -52.86 7.51 -6.01
N ASN C 446 -53.58 6.70 -6.81
CA ASN C 446 -54.21 7.12 -8.07
C ASN C 446 -55.13 8.34 -7.93
N LEU C 447 -55.81 8.45 -6.79
CA LEU C 447 -56.78 9.51 -6.51
C LEU C 447 -56.14 10.87 -6.20
N GLN C 448 -54.81 10.97 -6.20
CA GLN C 448 -54.05 12.21 -5.98
C GLN C 448 -53.47 12.75 -7.28
N ASP C 449 -53.56 14.06 -7.48
CA ASP C 449 -53.15 14.78 -8.68
C ASP C 449 -51.72 14.44 -9.19
N PRO C 450 -50.68 14.38 -8.33
CA PRO C 450 -49.32 14.03 -8.73
C PRO C 450 -49.12 12.65 -9.35
N PHE C 451 -50.01 11.70 -9.07
CA PHE C 451 -49.91 10.32 -9.54
C PHE C 451 -51.03 9.99 -10.53
N SER C 452 -51.67 10.99 -11.15
CA SER C 452 -52.86 10.84 -12.00
C SER C 452 -52.72 9.91 -13.21
N SER C 453 -51.50 9.65 -13.68
CA SER C 453 -51.19 8.94 -14.92
C SER C 453 -49.90 8.16 -14.76
N PRO C 454 -49.66 7.08 -15.51
CA PRO C 454 -48.47 6.26 -15.29
C PRO C 454 -47.16 7.00 -15.55
N LEU C 455 -47.11 7.91 -16.53
CA LEU C 455 -45.91 8.71 -16.79
C LEU C 455 -45.70 9.83 -15.77
N LEU C 456 -46.75 10.49 -15.28
CA LEU C 456 -46.62 11.47 -14.20
C LEU C 456 -46.14 10.82 -12.91
N SER C 457 -46.61 9.61 -12.63
CA SER C 457 -46.17 8.82 -11.49
C SER C 457 -44.67 8.50 -11.53
N ILE C 458 -44.10 8.24 -12.71
CA ILE C 458 -42.67 8.01 -12.88
C ILE C 458 -41.85 9.30 -12.76
N ILE C 459 -42.29 10.44 -13.33
CA ILE C 459 -41.60 11.73 -13.13
C ILE C 459 -41.66 12.18 -11.65
N GLN C 460 -42.69 11.77 -10.92
CA GLN C 460 -42.84 12.01 -9.50
C GLN C 460 -41.90 11.15 -8.65
N THR C 461 -41.77 9.83 -8.87
CA THR C 461 -40.81 9.03 -8.08
C THR C 461 -39.37 9.40 -8.40
N PHE C 462 -39.09 9.80 -9.63
CA PHE C 462 -37.80 10.39 -9.99
C PHE C 462 -37.51 11.63 -9.14
N SER C 463 -38.48 12.53 -8.98
CA SER C 463 -38.32 13.70 -8.12
C SER C 463 -38.34 13.42 -6.61
N MET C 464 -38.76 12.24 -6.14
CA MET C 464 -38.62 11.79 -4.74
C MET C 464 -37.23 11.21 -4.42
N MET C 465 -36.45 10.88 -5.44
CA MET C 465 -35.14 10.19 -5.35
C MET C 465 -34.12 10.98 -4.51
N LEU C 466 -34.14 12.30 -4.59
CA LEU C 466 -33.37 13.23 -3.77
C LEU C 466 -33.86 13.35 -2.31
N GLY C 467 -34.81 12.53 -1.87
CA GLY C 467 -35.30 12.49 -0.49
C GLY C 467 -36.43 13.46 -0.16
N ASP C 468 -37.06 14.11 -1.13
CA ASP C 468 -38.26 14.94 -0.91
C ASP C 468 -39.55 14.15 -1.20
N ILE C 469 -39.89 13.25 -0.28
CA ILE C 469 -40.92 12.22 -0.42
C ILE C 469 -42.36 12.77 -0.48
N ASN C 470 -42.55 14.04 -0.09
CA ASN C 470 -43.86 14.71 0.10
C ASN C 470 -44.77 14.00 1.12
N TYR C 471 -44.20 13.48 2.21
CA TYR C 471 -44.88 12.59 3.16
C TYR C 471 -46.19 13.13 3.69
N ARG C 472 -46.20 14.35 4.28
CA ARG C 472 -47.41 14.87 4.89
C ARG C 472 -48.50 15.10 3.86
N GLU C 473 -48.12 15.64 2.72
CA GLU C 473 -49.04 16.01 1.64
C GLU C 473 -49.68 14.80 0.94
N SER C 474 -49.01 13.65 0.85
CA SER C 474 -49.45 12.48 0.06
C SER C 474 -49.71 11.17 0.82
N PHE C 475 -49.35 11.05 2.09
CA PHE C 475 -49.63 9.86 2.89
C PHE C 475 -50.42 10.21 4.15
N LEU C 476 -49.87 11.05 5.02
CA LEU C 476 -50.45 11.37 6.33
C LEU C 476 -51.79 12.09 6.23
N GLU C 477 -51.84 13.20 5.51
CA GLU C 477 -53.05 14.01 5.44
C GLU C 477 -54.19 13.26 4.74
N PRO C 478 -53.98 12.60 3.59
CA PRO C 478 -54.98 11.68 3.02
C PRO C 478 -55.43 10.56 3.95
N TYR C 479 -54.55 10.00 4.78
CA TYR C 479 -54.92 8.95 5.73
C TYR C 479 -55.86 9.46 6.83
N LEU C 480 -55.57 10.63 7.38
CA LEU C 480 -56.42 11.24 8.42
C LEU C 480 -57.76 11.75 7.87
N ARG C 481 -57.88 11.98 6.55
CA ARG C 481 -59.15 12.26 5.84
C ARG C 481 -59.90 11.01 5.35
N ASN C 482 -59.32 9.82 5.50
CA ASN C 482 -59.83 8.55 4.95
C ASN C 482 -59.93 8.53 3.42
N GLU C 483 -58.90 9.04 2.74
CA GLU C 483 -58.79 9.11 1.28
C GLU C 483 -57.74 8.19 0.66
N LEU C 484 -56.88 7.51 1.44
CA LEU C 484 -56.05 6.43 0.90
C LEU C 484 -56.93 5.20 0.67
N ALA C 485 -56.90 4.63 -0.54
CA ALA C 485 -57.67 3.44 -0.88
C ALA C 485 -57.08 2.14 -0.27
N HIS C 486 -55.78 2.15 0.05
CA HIS C 486 -55.02 1.02 0.60
C HIS C 486 -54.02 1.51 1.64
N PRO C 487 -54.44 2.07 2.80
CA PRO C 487 -53.55 2.78 3.68
C PRO C 487 -52.38 1.93 4.21
N VAL C 488 -52.60 0.71 4.70
CA VAL C 488 -51.51 -0.14 5.21
C VAL C 488 -50.47 -0.45 4.13
N LEU C 489 -50.91 -0.77 2.93
CA LEU C 489 -50.05 -1.12 1.81
C LEU C 489 -49.31 0.11 1.26
N SER C 490 -49.92 1.27 1.34
CA SER C 490 -49.35 2.56 0.96
C SER C 490 -48.20 2.97 1.88
N PHE C 491 -48.37 2.86 3.20
CA PHE C 491 -47.31 3.12 4.16
C PHE C 491 -46.17 2.10 4.09
N ALA C 492 -46.42 0.85 3.69
CA ALA C 492 -45.36 -0.13 3.44
C ALA C 492 -44.54 0.25 2.19
N GLN C 493 -45.20 0.69 1.12
CA GLN C 493 -44.52 1.13 -0.09
C GLN C 493 -43.73 2.42 0.14
N LEU C 494 -44.11 3.24 1.12
CA LEU C 494 -43.42 4.47 1.54
C LEU C 494 -42.12 4.17 2.29
N VAL C 495 -42.14 3.30 3.30
CA VAL C 495 -40.93 2.89 4.02
C VAL C 495 -39.95 2.14 3.10
N SER C 496 -40.44 1.22 2.27
CA SER C 496 -39.61 0.53 1.30
C SER C 496 -39.08 1.42 0.17
N PHE C 497 -39.84 2.38 -0.36
CA PHE C 497 -39.28 3.36 -1.31
C PHE C 497 -38.13 4.12 -0.69
N THR C 498 -38.32 4.60 0.55
CA THR C 498 -37.35 5.41 1.29
C THR C 498 -36.06 4.64 1.57
N ILE C 499 -36.16 3.36 1.91
CA ILE C 499 -35.04 2.43 2.03
C ILE C 499 -34.35 2.26 0.67
N PHE C 500 -35.01 1.74 -0.37
CA PHE C 500 -34.33 1.38 -1.61
C PHE C 500 -33.78 2.56 -2.41
N VAL C 501 -34.49 3.69 -2.47
CA VAL C 501 -34.15 4.79 -3.38
C VAL C 501 -33.37 5.91 -2.66
N PRO C 502 -33.95 6.79 -1.82
CA PRO C 502 -33.20 7.83 -1.12
C PRO C 502 -32.02 7.37 -0.26
N ILE C 503 -32.08 6.20 0.37
CA ILE C 503 -30.99 5.70 1.21
C ILE C 503 -30.06 4.82 0.37
N VAL C 504 -30.50 3.66 -0.11
CA VAL C 504 -29.64 2.71 -0.81
C VAL C 504 -29.13 3.23 -2.16
N LEU C 505 -30.00 3.52 -3.13
CA LEU C 505 -29.58 3.92 -4.47
C LEU C 505 -28.75 5.21 -4.47
N MET C 506 -29.13 6.23 -3.70
CA MET C 506 -28.37 7.47 -3.66
C MET C 506 -27.00 7.31 -3.02
N ASN C 507 -26.85 6.46 -2.00
CA ASN C 507 -25.54 6.14 -1.43
C ASN C 507 -24.69 5.30 -2.38
N LEU C 508 -25.28 4.38 -3.15
CA LEU C 508 -24.57 3.67 -4.20
C LEU C 508 -23.98 4.61 -5.26
N LEU C 509 -24.65 5.72 -5.61
CA LEU C 509 -24.12 6.73 -6.51
C LEU C 509 -23.06 7.63 -5.87
N ILE C 510 -23.17 7.94 -4.58
CA ILE C 510 -22.12 8.65 -3.83
C ILE C 510 -20.88 7.77 -3.74
N GLY C 511 -21.04 6.49 -3.38
CA GLY C 511 -19.96 5.52 -3.27
C GLY C 511 -19.20 5.30 -4.57
N LEU C 512 -19.91 5.22 -5.69
CA LEU C 512 -19.33 5.15 -7.03
C LEU C 512 -18.55 6.41 -7.40
N ALA C 513 -19.09 7.60 -7.11
CA ALA C 513 -18.44 8.88 -7.35
C ALA C 513 -17.20 9.07 -6.50
N VAL C 514 -17.26 8.70 -5.22
CA VAL C 514 -16.14 8.77 -4.27
C VAL C 514 -14.99 7.87 -4.71
N GLY C 515 -15.28 6.70 -5.28
CA GLY C 515 -14.27 5.83 -5.87
C GLY C 515 -13.63 6.49 -7.08
N ASP C 516 -14.41 6.82 -8.10
CA ASP C 516 -13.89 7.24 -9.39
C ASP C 516 -13.21 8.61 -9.41
N ILE C 517 -13.55 9.53 -8.51
CA ILE C 517 -12.78 10.77 -8.35
C ILE C 517 -11.42 10.51 -7.72
N ALA C 518 -11.30 9.48 -6.87
CA ALA C 518 -10.02 9.10 -6.28
C ALA C 518 -9.10 8.41 -7.28
N ASP C 519 -9.64 7.84 -8.36
CA ASP C 519 -8.87 7.36 -9.51
C ASP C 519 -8.36 8.50 -10.38
N VAL C 520 -9.20 9.49 -10.71
CA VAL C 520 -8.71 10.69 -11.42
C VAL C 520 -7.66 11.41 -10.59
N GLN C 521 -7.87 11.64 -9.29
CA GLN C 521 -6.86 12.26 -8.41
C GLN C 521 -5.57 11.42 -8.29
N LYS C 522 -5.61 10.09 -8.41
CA LYS C 522 -4.43 9.22 -8.34
C LYS C 522 -3.58 9.32 -9.59
N HIS C 523 -4.19 9.13 -10.76
CA HIS C 523 -3.53 9.18 -12.06
C HIS C 523 -3.35 10.60 -12.62
N ALA C 524 -3.83 11.63 -11.91
CA ALA C 524 -3.86 13.02 -12.34
C ALA C 524 -2.52 13.53 -12.83
N SER C 525 -1.47 13.30 -12.04
CA SER C 525 -0.16 13.93 -12.24
C SER C 525 0.45 13.56 -13.58
N LEU C 526 0.31 12.31 -14.02
CA LEU C 526 0.68 11.85 -15.36
C LEU C 526 -0.32 12.32 -16.40
N LYS C 527 -1.63 12.13 -16.17
CA LYS C 527 -2.70 12.47 -17.11
C LYS C 527 -2.66 13.94 -17.51
N ARG C 528 -2.28 14.82 -16.59
CA ARG C 528 -2.09 16.25 -16.80
C ARG C 528 -1.09 16.54 -17.90
N ILE C 529 0.10 15.96 -17.80
CA ILE C 529 1.18 16.15 -18.77
C ILE C 529 0.91 15.36 -20.04
N ALA C 530 0.29 14.19 -19.94
CA ALA C 530 -0.13 13.40 -21.08
C ALA C 530 -1.14 14.13 -21.96
N MET C 531 -2.12 14.81 -21.36
CA MET C 531 -3.09 15.67 -22.06
C MET C 531 -2.39 16.82 -22.77
N GLN C 532 -1.39 17.44 -22.14
CA GLN C 532 -0.60 18.51 -22.76
C GLN C 532 0.23 17.98 -23.94
N VAL C 533 0.95 16.86 -23.82
CA VAL C 533 1.75 16.35 -24.95
C VAL C 533 0.88 15.91 -26.12
N GLU C 534 -0.27 15.29 -25.83
CA GLU C 534 -1.24 14.84 -26.85
C GLU C 534 -1.92 16.01 -27.57
N LEU C 535 -2.13 17.14 -26.89
CA LEU C 535 -2.66 18.38 -27.47
C LEU C 535 -1.68 18.94 -28.48
N HIS C 536 -0.43 19.16 -28.03
CA HIS C 536 0.59 19.80 -28.85
C HIS C 536 1.03 18.95 -30.03
N THR C 537 1.14 17.64 -29.86
CA THR C 537 1.55 16.76 -30.97
C THR C 537 0.53 16.78 -32.10
N SER C 538 -0.77 16.78 -31.78
CA SER C 538 -1.83 16.90 -32.78
C SER C 538 -1.74 18.19 -33.57
N LEU C 539 -1.44 19.33 -32.93
CA LEU C 539 -1.23 20.61 -33.60
C LEU C 539 0.02 20.61 -34.48
N GLU C 540 1.13 19.99 -34.04
CA GLU C 540 2.35 19.88 -34.84
C GLU C 540 2.09 19.07 -36.12
N LYS C 541 1.29 18.01 -36.04
CA LYS C 541 0.89 17.19 -37.19
C LYS C 541 0.00 17.94 -38.19
N LYS C 542 -0.62 19.06 -37.80
CA LYS C 542 -1.57 19.84 -38.62
C LYS C 542 -0.99 21.15 -39.14
N LEU C 543 -0.26 21.90 -38.32
CA LEU C 543 0.41 23.14 -38.69
C LEU C 543 1.46 22.92 -39.79
N PRO C 544 1.74 23.90 -40.66
CA PRO C 544 2.70 23.74 -41.75
C PRO C 544 4.13 23.88 -41.27
N LEU C 545 5.03 23.06 -41.81
CA LEU C 545 6.39 22.90 -41.29
C LEU C 545 7.22 24.20 -41.33
N TRP C 546 6.96 25.11 -42.27
CA TRP C 546 7.65 26.42 -42.29
C TRP C 546 7.30 27.28 -41.06
N PHE C 547 6.02 27.30 -40.67
CA PHE C 547 5.57 28.04 -39.49
C PHE C 547 6.12 27.38 -38.23
N LEU C 548 6.11 26.05 -38.18
CA LEU C 548 6.70 25.29 -37.09
C LEU C 548 8.18 25.64 -36.92
N ARG C 549 8.98 25.66 -38.00
CA ARG C 549 10.39 26.08 -37.95
C ARG C 549 10.59 27.55 -37.55
N LYS C 550 9.70 28.45 -37.96
CA LYS C 550 9.75 29.87 -37.53
C LYS C 550 9.47 30.05 -36.05
N VAL C 551 8.50 29.29 -35.53
CA VAL C 551 7.86 29.53 -34.24
C VAL C 551 8.42 28.68 -33.11
N ASP C 552 8.95 27.48 -33.41
CA ASP C 552 9.72 26.67 -32.46
C ASP C 552 11.03 27.38 -32.04
N GLN C 553 11.61 26.99 -30.90
CA GLN C 553 12.54 27.80 -30.15
C GLN C 553 13.47 26.92 -29.30
N LYS C 554 14.64 26.54 -29.87
CA LYS C 554 15.52 25.46 -29.35
C LYS C 554 16.13 25.69 -27.96
N SER C 555 16.09 26.90 -27.42
CA SER C 555 16.50 27.17 -26.04
C SER C 555 15.76 28.39 -25.49
N THR C 556 15.59 28.47 -24.17
CA THR C 556 14.94 29.61 -23.50
C THR C 556 15.62 29.98 -22.19
N ILE C 557 15.62 31.27 -21.88
CA ILE C 557 16.12 31.88 -20.65
C ILE C 557 14.94 32.23 -19.74
N VAL C 558 15.08 31.97 -18.44
CA VAL C 558 14.10 32.33 -17.40
C VAL C 558 14.78 33.11 -16.27
N TYR C 559 14.10 34.09 -15.70
CA TYR C 559 14.60 34.89 -14.57
C TYR C 559 13.75 34.64 -13.30
N PRO C 560 14.06 33.61 -12.47
CA PRO C 560 13.36 33.34 -11.22
C PRO C 560 13.26 34.54 -10.27
N SER C 592 9.12 3.51 -4.61
CA SER C 592 10.22 2.97 -5.41
C SER C 592 10.24 1.44 -5.48
N LEU C 593 9.57 0.74 -4.54
CA LEU C 593 9.79 -0.69 -4.28
C LEU C 593 9.51 -1.62 -5.47
N GLU C 594 8.62 -1.18 -6.36
CA GLU C 594 8.28 -1.79 -7.65
C GLU C 594 9.46 -1.85 -8.67
N MET C 595 10.57 -1.17 -8.37
CA MET C 595 11.85 -1.24 -9.10
C MET C 595 13.09 -1.31 -8.19
N GLU C 596 12.97 -1.01 -6.90
CA GLU C 596 14.02 -1.22 -5.91
C GLU C 596 14.45 -2.70 -5.85
N ILE C 597 13.48 -3.58 -5.60
CA ILE C 597 13.66 -5.02 -5.51
C ILE C 597 14.05 -5.64 -6.87
N LEU C 598 13.79 -4.96 -7.99
CA LEU C 598 14.25 -5.40 -9.29
C LEU C 598 15.78 -5.32 -9.40
N LYS C 599 16.43 -4.28 -8.86
CA LYS C 599 17.90 -4.20 -8.86
C LYS C 599 18.53 -5.13 -7.83
N GLN C 600 17.84 -5.34 -6.71
CA GLN C 600 18.22 -6.32 -5.70
C GLN C 600 18.35 -7.74 -6.29
N LYS C 601 17.43 -8.11 -7.18
CA LYS C 601 17.48 -9.36 -7.97
C LYS C 601 18.79 -9.46 -8.75
N TYR C 602 19.13 -8.45 -9.53
CA TYR C 602 20.31 -8.45 -10.38
C TYR C 602 21.63 -8.42 -9.61
N ARG C 603 21.73 -7.69 -8.49
CA ARG C 603 22.94 -7.71 -7.66
C ARG C 603 23.16 -9.11 -7.06
N LEU C 604 22.10 -9.78 -6.63
CA LEU C 604 22.18 -11.14 -6.14
C LEU C 604 22.48 -12.15 -7.25
N LYS C 605 21.92 -11.98 -8.44
CA LYS C 605 22.18 -12.84 -9.60
C LYS C 605 23.63 -12.79 -10.06
N ASP C 606 24.28 -11.62 -10.04
CA ASP C 606 25.70 -11.51 -10.38
C ASP C 606 26.64 -11.84 -9.19
N LEU C 607 26.12 -11.87 -7.96
CA LEU C 607 26.83 -12.40 -6.80
C LEU C 607 26.89 -13.93 -6.84
N THR C 608 25.78 -14.59 -7.16
CA THR C 608 25.75 -16.06 -7.29
C THR C 608 26.55 -16.54 -8.50
N PHE C 609 26.68 -15.73 -9.55
CA PHE C 609 27.58 -16.01 -10.67
C PHE C 609 29.05 -15.98 -10.24
N LEU C 610 29.46 -14.96 -9.49
CA LEU C 610 30.81 -14.87 -8.92
C LEU C 610 31.12 -16.01 -7.95
N LEU C 611 30.17 -16.42 -7.09
CA LEU C 611 30.36 -17.53 -6.17
C LEU C 611 30.50 -18.87 -6.89
N GLU C 612 29.83 -19.07 -8.02
CA GLU C 612 30.00 -20.28 -8.83
C GLU C 612 31.32 -20.29 -9.61
N LYS C 613 31.83 -19.14 -10.09
CA LYS C 613 33.18 -19.01 -10.68
C LYS C 613 34.29 -19.34 -9.68
N GLN C 614 34.07 -18.97 -8.44
CA GLN C 614 35.01 -19.21 -7.35
C GLN C 614 34.99 -20.67 -6.87
N HIS C 615 33.83 -21.33 -6.87
CA HIS C 615 33.73 -22.76 -6.55
C HIS C 615 34.45 -23.66 -7.57
N GLU C 616 34.54 -23.25 -8.84
CA GLU C 616 35.36 -23.91 -9.88
C GLU C 616 36.87 -23.80 -9.63
N LEU C 617 37.36 -22.66 -9.12
CA LEU C 617 38.78 -22.48 -8.80
C LEU C 617 39.20 -23.26 -7.57
N ILE C 618 38.34 -23.44 -6.59
CA ILE C 618 38.66 -24.19 -5.37
C ILE C 618 38.79 -25.68 -5.67
N LYS C 619 37.94 -26.21 -6.56
CA LYS C 619 38.08 -27.57 -7.08
C LYS C 619 39.33 -27.73 -7.94
N LEU C 620 39.71 -26.73 -8.73
CA LEU C 620 40.97 -26.72 -9.48
C LEU C 620 42.18 -26.77 -8.54
N ILE C 621 42.15 -26.10 -7.38
CA ILE C 621 43.16 -26.28 -6.34
C ILE C 621 43.23 -27.73 -5.91
N ILE C 622 42.16 -28.37 -5.40
CA ILE C 622 42.24 -29.74 -4.86
C ILE C 622 42.68 -30.75 -5.93
N GLN C 623 42.32 -30.50 -7.18
CA GLN C 623 42.71 -31.31 -8.32
C GLN C 623 44.21 -31.24 -8.61
N LYS C 624 44.84 -30.06 -8.52
CA LYS C 624 46.27 -29.86 -8.82
C LYS C 624 47.18 -29.86 -7.58
N MET C 625 46.60 -29.69 -6.39
CA MET C 625 47.27 -29.63 -5.09
C MET C 625 48.16 -30.85 -4.87
N GLU C 626 49.39 -30.63 -4.42
CA GLU C 626 50.30 -31.71 -4.08
C GLU C 626 49.94 -32.26 -2.70
N ILE C 627 49.46 -33.51 -2.64
CA ILE C 627 49.15 -34.20 -1.40
C ILE C 627 50.21 -35.27 -1.14
N ILE C 628 50.89 -35.11 -0.02
CA ILE C 628 51.95 -35.95 0.56
C ILE C 628 51.75 -35.82 2.08
N SER C 629 52.13 -36.81 2.88
CA SER C 629 51.96 -36.82 4.34
C SER C 629 50.52 -37.02 4.81
N GLU C 630 49.59 -36.18 4.37
CA GLU C 630 48.19 -36.20 4.83
C GLU C 630 47.27 -37.10 3.99
N THR C 631 47.82 -38.07 3.26
CA THR C 631 47.04 -39.05 2.48
C THR C 631 46.14 -39.90 3.38
N SER D 1 61.41 -6.78 -3.11
CA SER D 1 60.27 -7.55 -3.65
C SER D 1 59.95 -8.84 -2.88
N PRO D 2 60.85 -9.81 -2.63
CA PRO D 2 60.49 -11.05 -1.93
C PRO D 2 59.90 -10.84 -0.53
N LEU D 3 60.46 -9.92 0.26
CA LEU D 3 59.91 -9.56 1.56
C LEU D 3 58.58 -8.80 1.42
N HIS D 4 58.40 -7.94 0.42
CA HIS D 4 57.12 -7.30 0.17
C HIS D 4 56.01 -8.31 -0.11
N PHE D 5 56.30 -9.45 -0.73
CA PHE D 5 55.36 -10.57 -0.82
C PHE D 5 55.18 -11.27 0.53
N ALA D 6 56.26 -11.64 1.21
CA ALA D 6 56.20 -12.40 2.45
C ALA D 6 55.47 -11.67 3.58
N ALA D 7 55.77 -10.39 3.77
CA ALA D 7 55.09 -9.57 4.76
C ALA D 7 53.65 -9.27 4.35
N SER D 8 53.35 -9.06 3.07
CA SER D 8 51.97 -8.82 2.61
C SER D 8 51.02 -10.00 2.86
N TYR D 9 51.52 -11.23 2.96
CA TYR D 9 50.71 -12.43 3.13
C TYR D 9 50.94 -13.13 4.47
N GLY D 10 51.63 -12.47 5.40
CA GLY D 10 51.72 -12.92 6.79
C GLY D 10 52.66 -14.08 7.00
N ARG D 11 53.59 -14.29 6.07
CA ARG D 11 54.53 -15.43 6.01
C ARG D 11 55.68 -15.22 7.00
N ILE D 12 55.37 -15.26 8.29
CA ILE D 12 56.27 -14.89 9.38
C ILE D 12 57.59 -15.66 9.33
N ASN D 13 57.53 -16.94 9.02
CA ASN D 13 58.68 -17.83 8.97
C ASN D 13 59.42 -17.78 7.62
N THR D 14 58.99 -16.93 6.67
CA THR D 14 59.80 -16.44 5.54
C THR D 14 60.46 -15.12 5.89
N CYS D 15 59.75 -14.21 6.58
CA CYS D 15 60.31 -12.95 7.05
C CYS D 15 61.52 -13.19 7.96
N GLN D 16 61.44 -14.10 8.92
CA GLN D 16 62.58 -14.40 9.80
C GLN D 16 63.84 -14.83 9.02
N ARG D 17 63.71 -15.45 7.85
CA ARG D 17 64.84 -15.88 7.01
C ARG D 17 65.35 -14.73 6.14
N LEU D 18 64.44 -13.95 5.56
CA LEU D 18 64.72 -12.77 4.75
C LEU D 18 65.43 -11.69 5.59
N LEU D 19 64.94 -11.39 6.80
CA LEU D 19 65.53 -10.37 7.66
C LEU D 19 66.81 -10.82 8.33
N GLN D 20 67.01 -12.12 8.62
CA GLN D 20 68.32 -12.59 9.06
C GLN D 20 69.38 -12.47 7.95
N ASP D 21 69.02 -12.81 6.70
CA ASP D 21 69.89 -12.60 5.53
C ASP D 21 70.18 -11.10 5.29
N ILE D 22 69.13 -10.27 5.31
CA ILE D 22 69.20 -8.81 5.23
C ILE D 22 69.50 -8.16 6.59
N SER D 23 70.62 -8.53 7.22
CA SER D 23 71.05 -8.03 8.54
C SER D 23 71.34 -6.53 8.62
N ASP D 24 71.41 -5.82 7.49
CA ASP D 24 71.41 -4.37 7.39
C ASP D 24 70.03 -3.84 6.97
N THR D 25 69.55 -2.81 7.65
CA THR D 25 68.14 -2.36 7.60
C THR D 25 67.69 -1.69 6.30
N ARG D 26 68.54 -1.51 5.29
CA ARG D 26 68.13 -0.90 4.02
C ARG D 26 67.01 -1.66 3.29
N LEU D 27 67.00 -2.99 3.40
CA LEU D 27 65.97 -3.88 2.84
C LEU D 27 64.65 -3.82 3.63
N LEU D 28 64.75 -3.76 4.97
CA LEU D 28 63.64 -3.69 5.92
C LEU D 28 62.75 -2.44 5.76
N ASN D 29 63.22 -1.39 5.08
CA ASN D 29 62.47 -0.15 4.81
C ASN D 29 62.35 0.16 3.30
N GLU D 30 62.59 -0.80 2.42
CA GLU D 30 62.57 -0.55 0.97
C GLU D 30 61.20 -0.07 0.49
N GLY D 31 61.19 0.82 -0.50
CA GLY D 31 59.97 1.37 -1.11
C GLY D 31 59.24 0.35 -1.97
N ASP D 32 58.28 0.81 -2.77
CA ASP D 32 57.43 -0.04 -3.62
C ASP D 32 56.92 0.76 -4.84
N LEU D 33 56.44 0.07 -5.88
CA LEU D 33 55.88 0.65 -7.09
C LEU D 33 54.75 1.66 -6.80
N HIS D 34 53.92 1.36 -5.79
CA HIS D 34 52.88 2.25 -5.28
C HIS D 34 53.27 3.03 -4.01
N GLY D 35 54.51 2.89 -3.53
CA GLY D 35 55.12 3.76 -2.50
C GLY D 35 55.22 3.21 -1.09
N MET D 36 54.64 2.04 -0.82
CA MET D 36 54.59 1.37 0.48
C MET D 36 55.93 0.78 0.93
N THR D 37 55.94 0.01 2.02
CA THR D 37 57.12 -0.65 2.60
C THR D 37 56.67 -1.91 3.37
N PRO D 38 57.52 -2.90 3.70
CA PRO D 38 57.08 -4.14 4.36
C PRO D 38 56.16 -3.96 5.57
N LEU D 39 56.44 -2.98 6.41
CA LEU D 39 55.62 -2.66 7.58
C LEU D 39 54.19 -2.20 7.21
N HIS D 40 54.04 -1.51 6.09
CA HIS D 40 52.73 -1.14 5.54
C HIS D 40 52.01 -2.33 4.96
N LEU D 41 52.71 -3.20 4.21
CA LEU D 41 52.08 -4.38 3.62
C LEU D 41 51.52 -5.30 4.71
N ALA D 42 52.27 -5.51 5.79
CA ALA D 42 51.82 -6.35 6.90
C ALA D 42 50.62 -5.74 7.64
N ALA D 43 50.64 -4.44 7.92
CA ALA D 43 49.53 -3.77 8.57
C ALA D 43 48.27 -3.70 7.70
N LYS D 44 48.41 -3.47 6.39
CA LYS D 44 47.30 -3.41 5.43
C LYS D 44 46.46 -4.67 5.38
N ASN D 45 47.06 -5.86 5.54
CA ASN D 45 46.35 -7.14 5.51
C ASN D 45 46.16 -7.77 6.90
N GLY D 46 46.67 -7.13 7.95
CA GLY D 46 46.26 -7.39 9.31
C GLY D 46 47.07 -8.41 10.09
N HIS D 47 48.30 -8.70 9.66
CA HIS D 47 49.17 -9.71 10.25
C HIS D 47 49.98 -9.14 11.41
N ASP D 48 49.39 -9.08 12.59
CA ASP D 48 50.03 -8.47 13.76
C ASP D 48 51.31 -9.18 14.19
N LYS D 49 51.42 -10.50 13.98
CA LYS D 49 52.68 -11.26 14.15
C LYS D 49 53.82 -10.70 13.33
N VAL D 50 53.57 -10.33 12.07
CA VAL D 50 54.60 -9.77 11.19
C VAL D 50 54.88 -8.31 11.50
N VAL D 51 53.86 -7.51 11.81
CA VAL D 51 54.05 -6.13 12.26
C VAL D 51 54.90 -6.10 13.52
N GLN D 52 54.63 -6.97 14.48
CA GLN D 52 55.43 -7.08 15.68
C GLN D 52 56.87 -7.50 15.38
N LEU D 53 57.09 -8.48 14.50
CA LEU D 53 58.43 -8.89 14.08
C LEU D 53 59.18 -7.73 13.40
N LEU D 54 58.58 -7.01 12.46
CA LEU D 54 59.23 -5.89 11.79
C LEU D 54 59.53 -4.73 12.74
N LEU D 55 58.67 -4.45 13.73
CA LEU D 55 58.93 -3.41 14.73
C LEU D 55 59.96 -3.84 15.77
N LYS D 56 60.03 -5.13 16.11
CA LYS D 56 61.09 -5.74 16.94
C LYS D 56 62.45 -5.68 16.23
N LYS D 57 62.49 -5.87 14.90
CA LYS D 57 63.66 -5.60 14.05
C LYS D 57 63.95 -4.11 13.83
N GLY D 58 63.08 -3.20 14.31
CA GLY D 58 63.30 -1.76 14.21
C GLY D 58 62.98 -1.14 12.84
N ALA D 59 61.92 -1.60 12.17
CA ALA D 59 61.33 -0.88 11.06
C ALA D 59 60.80 0.50 11.49
N LEU D 60 60.70 1.44 10.56
CA LEU D 60 60.37 2.83 10.83
C LEU D 60 58.99 3.19 10.28
N PHE D 61 58.21 4.01 11.00
CA PHE D 61 56.87 4.46 10.60
C PHE D 61 56.91 5.50 9.47
N LEU D 62 57.52 5.14 8.34
CA LEU D 62 57.56 5.91 7.11
C LEU D 62 56.16 6.03 6.48
N SER D 63 56.03 6.80 5.41
CA SER D 63 54.74 7.19 4.83
C SER D 63 54.65 6.91 3.34
N ASP D 64 53.48 6.46 2.90
CA ASP D 64 53.17 6.05 1.53
C ASP D 64 53.32 7.19 0.51
N HIS D 65 53.17 6.93 -0.80
CA HIS D 65 53.03 8.02 -1.77
C HIS D 65 51.79 8.90 -1.48
N ASN D 66 50.73 8.29 -0.95
CA ASN D 66 49.55 9.00 -0.42
C ASN D 66 49.77 9.62 0.96
N GLY D 67 50.93 9.43 1.58
CA GLY D 67 51.27 9.93 2.91
C GLY D 67 50.69 9.10 4.06
N TRP D 68 49.92 8.05 3.79
CA TRP D 68 49.36 7.15 4.81
C TRP D 68 50.46 6.44 5.60
N THR D 69 50.22 6.17 6.88
CA THR D 69 51.10 5.41 7.78
C THR D 69 50.69 3.93 7.84
N ALA D 70 51.49 3.05 8.43
CA ALA D 70 51.07 1.69 8.76
C ALA D 70 49.78 1.67 9.62
N LEU D 71 49.66 2.59 10.58
CA LEU D 71 48.45 2.73 11.40
C LEU D 71 47.22 3.20 10.60
N HIS D 72 47.40 3.94 9.52
CA HIS D 72 46.27 4.31 8.66
C HIS D 72 45.76 3.10 7.90
N HIS D 73 46.64 2.25 7.38
CA HIS D 73 46.24 1.01 6.73
C HIS D 73 45.60 0.02 7.69
N ALA D 74 46.13 -0.12 8.91
CA ALA D 74 45.56 -0.98 9.94
C ALA D 74 44.12 -0.60 10.28
N SER D 75 43.85 0.70 10.28
CA SER D 75 42.57 1.31 10.60
C SER D 75 41.59 1.24 9.44
N MET D 76 42.03 1.60 8.22
CA MET D 76 41.28 1.41 6.98
C MET D 76 40.71 -0.02 6.80
N GLY D 77 41.43 -1.04 7.27
CA GLY D 77 40.99 -2.44 7.22
C GLY D 77 40.33 -2.96 8.50
N GLY D 78 40.33 -2.19 9.59
CA GLY D 78 39.70 -2.55 10.86
C GLY D 78 40.41 -3.62 11.67
N TYR D 79 41.73 -3.80 11.50
CA TYR D 79 42.51 -4.86 12.15
C TYR D 79 42.99 -4.44 13.52
N THR D 80 42.11 -4.46 14.50
CA THR D 80 42.37 -3.90 15.84
C THR D 80 43.54 -4.54 16.57
N GLN D 81 43.92 -5.78 16.26
CA GLN D 81 45.12 -6.40 16.83
C GLN D 81 46.43 -5.78 16.30
N THR D 82 46.52 -5.40 15.02
CA THR D 82 47.70 -4.68 14.51
C THR D 82 47.77 -3.26 15.05
N MET D 83 46.63 -2.58 15.19
CA MET D 83 46.58 -1.29 15.86
C MET D 83 47.05 -1.41 17.29
N LYS D 84 46.60 -2.42 18.03
CA LYS D 84 47.01 -2.66 19.41
C LYS D 84 48.50 -2.93 19.53
N VAL D 85 49.12 -3.64 18.57
CA VAL D 85 50.58 -3.80 18.51
C VAL D 85 51.28 -2.46 18.29
N ILE D 86 50.85 -1.69 17.29
CA ILE D 86 51.45 -0.38 16.98
C ILE D 86 51.27 0.61 18.17
N LEU D 87 50.06 0.76 18.70
CA LEU D 87 49.72 1.67 19.80
C LEU D 87 50.38 1.26 21.14
N ASP D 88 50.95 0.07 21.27
CA ASP D 88 51.79 -0.31 22.41
C ASP D 88 53.25 0.18 22.30
N THR D 89 53.63 0.85 21.20
CA THR D 89 55.02 1.21 20.86
C THR D 89 55.11 2.61 20.25
N ASN D 90 56.29 3.24 20.28
CA ASN D 90 56.66 4.44 19.48
C ASN D 90 55.50 5.48 19.34
N LEU D 91 55.03 6.01 20.47
CA LEU D 91 53.67 6.53 20.61
C LEU D 91 53.31 7.76 19.76
N LYS D 92 54.27 8.54 19.31
CA LYS D 92 54.04 9.77 18.53
C LYS D 92 53.35 9.57 17.18
N CYS D 93 53.22 8.30 16.74
CA CYS D 93 52.62 7.89 15.49
C CYS D 93 51.10 8.22 15.36
N THR D 94 50.35 8.17 16.47
CA THR D 94 48.87 8.09 16.48
C THR D 94 48.12 9.26 15.82
N ASP D 95 48.75 10.43 15.65
CA ASP D 95 48.13 11.64 15.09
C ASP D 95 48.69 12.10 13.74
N ARG D 96 49.54 11.30 13.09
CA ARG D 96 50.12 11.60 11.77
C ARG D 96 49.04 11.79 10.71
N LEU D 97 49.21 12.75 9.81
CA LEU D 97 48.22 13.16 8.81
C LEU D 97 48.62 12.77 7.39
N ASP D 98 47.68 12.26 6.58
CA ASP D 98 47.97 11.90 5.19
C ASP D 98 48.05 13.12 4.26
N GLU D 99 48.16 12.92 2.94
CA GLU D 99 48.25 14.04 1.98
C GLU D 99 46.99 14.91 1.87
N ASP D 100 45.88 14.52 2.47
CA ASP D 100 44.59 15.26 2.49
C ASP D 100 44.18 15.68 3.91
N GLY D 101 45.01 15.41 4.90
CA GLY D 101 44.79 15.81 6.30
C GLY D 101 43.91 14.86 7.11
N ASN D 102 43.59 13.67 6.62
CA ASN D 102 42.91 12.64 7.41
C ASN D 102 43.88 12.07 8.47
N THR D 103 43.38 11.75 9.67
CA THR D 103 44.07 10.85 10.60
C THR D 103 43.66 9.39 10.37
N ALA D 104 44.26 8.44 11.10
CA ALA D 104 43.80 7.06 11.14
C ALA D 104 42.37 6.91 11.70
N LEU D 105 41.96 7.80 12.61
CA LEU D 105 40.61 7.83 13.16
C LEU D 105 39.60 8.26 12.09
N HIS D 106 39.95 9.16 11.18
CA HIS D 106 39.12 9.52 10.03
C HIS D 106 38.91 8.34 9.08
N PHE D 107 39.93 7.50 8.88
CA PHE D 107 39.81 6.28 8.10
C PHE D 107 38.96 5.22 8.80
N ALA D 108 39.15 4.94 10.08
CA ALA D 108 38.34 3.94 10.77
C ALA D 108 36.86 4.32 10.79
N ALA D 109 36.55 5.60 10.99
CA ALA D 109 35.19 6.09 11.03
C ALA D 109 34.51 6.07 9.66
N ARG D 110 35.18 6.54 8.60
CA ARG D 110 34.65 6.50 7.24
C ARG D 110 34.30 5.09 6.78
N GLU D 111 35.17 4.13 7.06
CA GLU D 111 35.03 2.73 6.64
C GLU D 111 34.09 1.92 7.54
N GLY D 112 33.66 2.45 8.68
CA GLY D 112 32.66 1.79 9.53
C GLY D 112 33.19 0.81 10.56
N HIS D 113 34.45 0.92 10.96
CA HIS D 113 35.11 -0.03 11.86
C HIS D 113 35.03 0.42 13.31
N ALA D 114 33.89 0.14 13.94
CA ALA D 114 33.56 0.70 15.25
C ALA D 114 34.58 0.39 16.34
N LYS D 115 35.08 -0.84 16.43
CA LYS D 115 36.08 -1.21 17.43
C LYS D 115 37.44 -0.56 17.18
N ALA D 116 37.76 -0.20 15.94
CA ALA D 116 38.96 0.55 15.62
C ALA D 116 38.81 2.01 16.03
N VAL D 117 37.65 2.60 15.78
CA VAL D 117 37.27 3.94 16.29
C VAL D 117 37.35 3.95 17.81
N ALA D 118 36.74 2.97 18.48
CA ALA D 118 36.79 2.82 19.92
C ALA D 118 38.22 2.69 20.47
N LEU D 119 39.08 1.90 19.83
CA LEU D 119 40.48 1.74 20.21
C LEU D 119 41.27 3.05 20.06
N LEU D 120 41.26 3.69 18.90
CA LEU D 120 41.98 4.94 18.69
C LEU D 120 41.43 6.08 19.55
N LEU D 121 40.12 6.12 19.80
CA LEU D 121 39.45 7.14 20.61
C LEU D 121 39.65 6.90 22.12
N SER D 122 39.85 5.66 22.56
CA SER D 122 40.17 5.31 23.94
C SER D 122 41.65 5.57 24.28
N HIS D 123 42.55 5.39 23.32
CA HIS D 123 43.85 6.08 23.32
C HIS D 123 43.64 7.58 23.10
N ASN D 124 44.66 8.41 23.32
CA ASN D 124 44.48 9.86 23.34
C ASN D 124 44.44 10.54 21.95
N ALA D 125 43.83 9.92 20.93
CA ALA D 125 43.92 10.40 19.55
C ALA D 125 43.34 11.81 19.38
N ASP D 126 43.98 12.62 18.54
CA ASP D 126 43.60 14.01 18.29
C ASP D 126 42.43 14.09 17.33
N ILE D 127 41.24 14.43 17.85
CA ILE D 127 40.06 14.75 17.05
C ILE D 127 40.33 16.07 16.33
N VAL D 128 40.13 16.12 15.01
CA VAL D 128 40.59 17.23 14.15
C VAL D 128 39.81 17.28 12.84
N LEU D 129 39.87 18.38 12.10
CA LEU D 129 39.31 18.47 10.75
C LEU D 129 40.38 18.17 9.69
N ASN D 130 40.02 17.40 8.67
CA ASN D 130 40.82 17.24 7.46
C ASN D 130 40.71 18.45 6.51
N LYS D 131 41.44 18.46 5.39
CA LYS D 131 41.35 19.55 4.39
C LYS D 131 40.09 19.53 3.52
N GLN D 132 39.16 18.61 3.79
CA GLN D 132 37.76 18.64 3.33
C GLN D 132 36.82 19.22 4.41
N GLN D 133 37.39 19.85 5.43
CA GLN D 133 36.72 20.53 6.54
C GLN D 133 35.83 19.62 7.39
N ALA D 134 36.18 18.33 7.51
CA ALA D 134 35.36 17.31 8.15
C ALA D 134 36.10 16.59 9.29
N SER D 135 35.38 16.28 10.37
CA SER D 135 35.86 15.44 11.47
C SER D 135 35.51 13.98 11.23
N PHE D 136 36.05 13.08 12.06
CA PHE D 136 35.68 11.68 12.03
C PHE D 136 34.17 11.43 12.26
N LEU D 137 33.53 12.21 13.14
CA LEU D 137 32.08 12.16 13.39
C LEU D 137 31.30 12.59 12.15
N HIS D 138 31.75 13.61 11.42
CA HIS D 138 31.16 13.94 10.12
C HIS D 138 31.30 12.82 9.12
N LEU D 139 32.48 12.21 8.98
CA LEU D 139 32.73 11.15 8.00
C LEU D 139 31.88 9.91 8.28
N ALA D 140 31.61 9.61 9.54
CA ALA D 140 30.70 8.56 9.93
C ALA D 140 29.25 8.90 9.52
N LEU D 141 28.78 10.09 9.87
CA LEU D 141 27.41 10.52 9.59
C LEU D 141 27.12 10.58 8.09
N HIS D 142 27.98 11.21 7.29
CA HIS D 142 27.84 11.28 5.82
C HIS D 142 27.89 9.93 5.10
N ASN D 143 28.30 8.85 5.76
CA ASN D 143 28.36 7.50 5.21
C ASN D 143 27.41 6.52 5.91
N LYS D 144 26.53 7.00 6.81
CA LYS D 144 25.56 6.21 7.57
C LYS D 144 26.20 5.10 8.41
N ARG D 145 27.30 5.39 9.09
CA ARG D 145 28.01 4.42 9.94
C ARG D 145 27.41 4.33 11.36
N LYS D 146 26.24 3.72 11.50
CA LYS D 146 25.47 3.64 12.76
C LYS D 146 26.32 3.20 13.95
N GLU D 147 27.03 2.09 13.85
CA GLU D 147 27.80 1.50 14.97
C GLU D 147 29.01 2.35 15.38
N VAL D 148 29.64 3.08 14.45
CA VAL D 148 30.72 4.00 14.83
C VAL D 148 30.19 5.26 15.48
N VAL D 149 29.08 5.84 15.02
CA VAL D 149 28.53 7.03 15.72
C VAL D 149 27.91 6.65 17.06
N LEU D 150 27.33 5.47 17.17
CA LEU D 150 26.77 4.98 18.43
C LEU D 150 27.87 4.74 19.47
N THR D 151 29.04 4.23 19.09
CA THR D 151 30.18 4.12 20.02
C THR D 151 30.85 5.48 20.29
N ILE D 152 30.79 6.45 19.38
CA ILE D 152 31.19 7.85 19.64
C ILE D 152 30.23 8.54 20.62
N ILE D 153 28.93 8.29 20.54
CA ILE D 153 27.89 8.82 21.44
C ILE D 153 28.02 8.19 22.84
N ARG D 154 28.21 6.88 22.90
CA ARG D 154 28.43 6.14 24.16
C ARG D 154 29.86 6.32 24.71
N SER D 155 30.74 7.05 24.02
CA SER D 155 32.11 7.34 24.42
C SER D 155 32.22 8.18 25.70
N LYS D 156 33.33 8.05 26.43
CA LYS D 156 33.73 8.98 27.50
C LYS D 156 34.16 10.35 26.97
N ARG D 157 34.17 10.55 25.66
CA ARG D 157 34.61 11.77 24.94
C ARG D 157 33.53 12.42 24.08
N TRP D 158 32.26 12.02 24.15
CA TRP D 158 31.21 12.53 23.25
C TRP D 158 31.10 14.05 23.25
N ASP D 159 31.13 14.65 24.42
CA ASP D 159 31.03 16.10 24.59
C ASP D 159 32.28 16.87 24.10
N GLU D 160 33.39 16.19 23.85
CA GLU D 160 34.52 16.70 23.06
C GLU D 160 34.28 16.52 21.56
N CYS D 161 33.81 15.33 21.15
CA CYS D 161 33.52 14.98 19.74
C CYS D 161 32.44 15.86 19.11
N LEU D 162 31.54 16.41 19.93
CA LEU D 162 30.50 17.34 19.54
C LEU D 162 30.99 18.78 19.25
N LYS D 163 32.07 19.26 19.89
CA LYS D 163 32.55 20.66 19.77
C LYS D 163 33.42 20.95 18.54
N ILE D 164 33.90 19.92 17.84
CA ILE D 164 34.89 20.05 16.76
C ILE D 164 34.18 19.96 15.40
N PHE D 165 33.70 21.11 14.94
CA PHE D 165 33.11 21.39 13.63
C PHE D 165 33.21 22.91 13.36
N SER D 166 33.01 23.36 12.12
CA SER D 166 32.97 24.79 11.80
C SER D 166 31.53 25.28 11.58
N HIS D 167 31.14 26.33 12.33
CA HIS D 167 29.79 26.93 12.27
C HIS D 167 29.46 27.54 10.89
N ASN D 168 30.48 27.87 10.11
CA ASN D 168 30.38 28.47 8.78
C ASN D 168 30.04 27.46 7.66
N SER D 169 30.24 26.15 7.88
CA SER D 169 30.03 25.14 6.83
C SER D 169 28.54 24.82 6.59
N PRO D 170 28.05 24.87 5.33
CA PRO D 170 26.73 24.35 4.99
C PRO D 170 26.70 22.80 4.83
N GLY D 171 27.86 22.18 4.57
CA GLY D 171 27.99 20.74 4.34
C GLY D 171 28.24 19.91 5.60
N ASN D 172 28.85 20.50 6.63
CA ASN D 172 29.22 19.86 7.90
C ASN D 172 28.68 20.69 9.08
N LYS D 173 27.35 20.84 9.18
CA LYS D 173 26.64 21.68 10.17
C LYS D 173 26.79 21.14 11.59
N CYS D 174 26.19 21.82 12.57
CA CYS D 174 26.04 21.35 13.95
C CYS D 174 25.73 19.84 13.98
N PRO D 175 26.59 18.97 14.56
CA PRO D 175 26.49 17.53 14.41
C PRO D 175 25.14 16.92 14.76
N ILE D 176 24.38 17.55 15.66
CA ILE D 176 23.03 17.08 15.99
C ILE D 176 22.08 17.21 14.78
N THR D 177 22.22 18.25 13.97
CA THR D 177 21.42 18.43 12.75
C THR D 177 21.83 17.47 11.64
N GLU D 178 23.11 17.07 11.59
CA GLU D 178 23.62 16.06 10.66
C GLU D 178 23.16 14.65 11.05
N MET D 179 23.03 14.34 12.34
CA MET D 179 22.40 13.11 12.80
C MET D 179 20.93 13.04 12.42
N ILE D 180 20.19 14.15 12.52
CA ILE D 180 18.77 14.17 12.11
C ILE D 180 18.66 14.01 10.60
N GLU D 181 19.57 14.61 9.85
CA GLU D 181 19.62 14.53 8.39
C GLU D 181 19.95 13.13 7.85
N TYR D 182 20.88 12.39 8.47
CA TYR D 182 21.42 11.14 7.94
C TYR D 182 21.20 9.87 8.76
N LEU D 183 21.20 9.94 10.10
CA LEU D 183 21.15 8.77 10.99
C LEU D 183 20.20 9.06 12.17
N PRO D 184 18.89 9.08 11.94
CA PRO D 184 17.92 9.48 12.97
C PRO D 184 17.76 8.44 14.08
N GLU D 185 18.04 7.16 13.85
CA GLU D 185 18.01 6.16 14.91
C GLU D 185 19.11 6.39 15.97
N CYS D 186 20.26 6.93 15.56
CA CYS D 186 21.30 7.36 16.48
C CYS D 186 20.88 8.60 17.28
N MET D 187 20.04 9.47 16.71
CA MET D 187 19.45 10.61 17.43
C MET D 187 18.40 10.17 18.45
N LYS D 188 17.60 9.14 18.14
CA LYS D 188 16.73 8.48 19.13
C LYS D 188 17.51 7.97 20.34
N VAL D 189 18.66 7.31 20.11
CA VAL D 189 19.59 6.89 21.18
C VAL D 189 20.09 8.08 21.99
N LEU D 190 20.47 9.17 21.34
CA LEU D 190 20.99 10.37 22.01
C LEU D 190 19.93 11.12 22.84
N LEU D 191 18.67 11.14 22.39
CA LEU D 191 17.53 11.69 23.13
C LEU D 191 17.08 10.79 24.29
N ASP D 192 17.24 9.47 24.22
CA ASP D 192 16.99 8.60 25.38
C ASP D 192 17.89 8.97 26.56
N PHE D 193 19.14 9.37 26.33
CA PHE D 193 20.04 9.88 27.37
C PHE D 193 19.60 11.24 27.95
N CYS D 194 18.60 11.90 27.37
CA CYS D 194 18.03 13.15 27.88
C CYS D 194 16.84 12.94 28.83
N MET D 195 16.37 11.71 29.01
CA MET D 195 15.33 11.34 29.97
C MET D 195 15.99 10.71 31.20
N LEU D 196 15.73 11.24 32.39
CA LEU D 196 16.21 10.69 33.67
C LEU D 196 15.03 10.29 34.56
N HIS D 197 14.96 9.04 35.00
CA HIS D 197 13.84 8.53 35.78
C HIS D 197 14.22 8.42 37.26
N SER D 198 13.42 9.01 38.14
CA SER D 198 13.86 9.33 39.51
C SER D 198 13.85 8.14 40.49
N THR D 199 12.93 7.19 40.32
CA THR D 199 12.68 6.13 41.33
C THR D 199 12.19 4.77 40.80
N GLU D 200 12.09 4.57 39.47
CA GLU D 200 11.65 3.31 38.85
C GLU D 200 10.33 2.74 39.40
N ASP D 201 9.36 3.62 39.71
CA ASP D 201 8.19 3.30 40.54
C ASP D 201 6.92 4.04 40.06
N LYS D 202 6.46 3.75 38.85
CA LYS D 202 5.32 4.44 38.23
C LYS D 202 3.98 4.33 38.99
N SER D 203 3.85 3.38 39.91
CA SER D 203 2.72 3.28 40.84
C SER D 203 2.77 4.30 41.99
N CYS D 204 3.94 4.84 42.35
CA CYS D 204 4.11 5.83 43.42
C CYS D 204 3.64 7.22 42.98
N ARG D 205 2.95 7.95 43.86
CA ARG D 205 2.48 9.31 43.57
C ARG D 205 3.64 10.31 43.39
N ASP D 206 4.73 10.13 44.13
CA ASP D 206 5.92 10.98 44.10
C ASP D 206 6.85 10.78 42.90
N TYR D 207 6.60 9.76 42.06
CA TYR D 207 7.45 9.43 40.90
C TYR D 207 7.57 10.58 39.89
N TYR D 208 8.79 10.79 39.38
CA TYR D 208 9.05 11.81 38.36
C TYR D 208 10.08 11.39 37.33
N ILE D 209 10.01 12.07 36.19
CA ILE D 209 10.96 11.99 35.10
C ILE D 209 11.43 13.41 34.76
N GLU D 210 12.73 13.58 34.54
CA GLU D 210 13.32 14.86 34.14
C GLU D 210 13.79 14.80 32.68
N TYR D 211 13.50 15.86 31.92
CA TYR D 211 13.88 16.02 30.53
C TYR D 211 14.94 17.11 30.39
N ASN D 212 16.06 16.83 29.76
CA ASN D 212 17.15 17.78 29.55
C ASN D 212 17.21 18.19 28.08
N PHE D 213 17.23 19.49 27.77
CA PHE D 213 17.12 19.96 26.40
C PHE D 213 18.44 20.34 25.73
N LYS D 214 19.61 19.96 26.26
CA LYS D 214 20.89 20.46 25.75
C LYS D 214 21.16 20.19 24.26
N TYR D 215 20.72 19.06 23.71
CA TYR D 215 20.87 18.76 22.28
C TYR D 215 19.81 19.41 21.38
N LEU D 216 18.77 20.03 21.92
CA LEU D 216 17.58 20.45 21.15
C LEU D 216 17.71 21.84 20.52
N GLN D 217 18.68 22.65 20.90
CA GLN D 217 18.97 23.93 20.25
C GLN D 217 20.46 24.29 20.26
N CYS D 218 20.86 25.19 19.35
CA CYS D 218 22.23 25.66 19.17
C CYS D 218 23.25 24.53 18.99
N LEU D 236 14.53 27.27 16.86
CA LEU D 236 14.33 25.87 17.28
C LEU D 236 15.07 24.91 16.34
N THR D 237 16.40 24.96 16.31
CA THR D 237 17.23 24.31 15.28
C THR D 237 17.05 22.79 15.15
N ALA D 238 17.03 22.01 16.23
CA ALA D 238 16.86 20.57 16.10
C ALA D 238 15.46 20.18 15.61
N LEU D 239 14.41 20.83 16.09
CA LEU D 239 13.05 20.50 15.67
C LEU D 239 12.75 20.99 14.25
N ASN D 240 13.31 22.11 13.83
CA ASN D 240 13.27 22.50 12.42
C ASN D 240 13.96 21.46 11.55
N ALA D 241 15.10 20.91 11.98
CA ALA D 241 15.81 19.89 11.24
C ALA D 241 15.02 18.57 11.20
N MET D 242 14.31 18.22 12.28
CA MET D 242 13.48 17.02 12.30
C MET D 242 12.24 17.18 11.41
N VAL D 243 11.64 18.37 11.35
CA VAL D 243 10.53 18.68 10.45
C VAL D 243 11.00 18.66 8.99
N GLN D 244 12.11 19.33 8.66
CA GLN D 244 12.61 19.40 7.28
C GLN D 244 13.08 18.05 6.72
N ASN D 245 13.46 17.11 7.59
CA ASN D 245 13.88 15.76 7.20
C ASN D 245 12.78 14.71 7.39
N ASN D 246 11.54 15.11 7.70
CA ASN D 246 10.38 14.22 7.90
C ASN D 246 10.60 13.17 8.99
N ARG D 247 11.34 13.50 10.05
CA ARG D 247 11.69 12.59 11.14
C ARG D 247 10.57 12.52 12.16
N ILE D 248 9.42 12.02 11.72
CA ILE D 248 8.19 11.99 12.49
C ILE D 248 8.32 11.21 13.81
N GLU D 249 9.11 10.13 13.84
CA GLU D 249 9.38 9.34 15.04
C GLU D 249 10.35 10.01 16.04
N LEU D 250 11.05 11.08 15.63
CA LEU D 250 11.81 11.97 16.52
C LEU D 250 10.95 13.10 17.06
N LEU D 251 10.09 13.71 16.22
CA LEU D 251 9.06 14.67 16.61
C LEU D 251 8.15 14.12 17.73
N ASN D 252 7.72 12.87 17.58
CA ASN D 252 6.87 12.18 18.54
C ASN D 252 7.60 11.60 19.77
N HIS D 253 8.88 11.89 19.98
CA HIS D 253 9.63 11.44 21.15
C HIS D 253 9.29 12.28 22.40
N PRO D 254 9.20 11.70 23.60
CA PRO D 254 8.90 12.43 24.83
C PRO D 254 9.72 13.70 25.07
N VAL D 255 11.00 13.73 24.71
CA VAL D 255 11.83 14.93 24.90
C VAL D 255 11.40 16.07 23.97
N CYS D 256 10.90 15.76 22.78
CA CYS D 256 10.44 16.76 21.82
C CYS D 256 9.06 17.30 22.19
N LYS D 257 8.14 16.42 22.63
CA LYS D 257 6.83 16.81 23.12
C LYS D 257 6.91 17.70 24.36
N GLU D 258 7.84 17.40 25.26
CA GLU D 258 8.13 18.23 26.43
C GLU D 258 8.87 19.53 26.11
N TYR D 259 9.78 19.54 25.13
CA TYR D 259 10.45 20.76 24.72
C TYR D 259 9.47 21.76 24.09
N LEU D 260 8.54 21.30 23.25
CA LEU D 260 7.48 22.14 22.69
C LEU D 260 6.48 22.59 23.75
N LEU D 261 5.99 21.70 24.61
CA LEU D 261 5.07 22.10 25.68
C LEU D 261 5.73 23.06 26.69
N MET D 262 7.05 22.99 26.89
CA MET D 262 7.79 24.02 27.61
C MET D 262 7.82 25.33 26.84
N LYS D 263 8.05 25.31 25.53
CA LYS D 263 8.06 26.53 24.70
C LYS D 263 6.69 27.24 24.67
N TRP D 264 5.62 26.45 24.68
CA TRP D 264 4.24 26.95 24.74
C TRP D 264 3.92 27.56 26.10
N LEU D 265 4.24 26.87 27.20
CA LEU D 265 4.02 27.41 28.54
C LEU D 265 4.99 28.55 28.90
N ALA D 266 6.14 28.65 28.24
CA ALA D 266 7.12 29.71 28.48
C ALA D 266 6.71 31.05 27.87
N TYR D 267 6.29 31.08 26.60
CA TYR D 267 5.78 32.31 25.99
C TYR D 267 4.61 32.11 25.02
N GLY D 268 4.50 31.01 24.29
CA GLY D 268 3.57 30.90 23.15
C GLY D 268 2.08 30.93 23.51
N PHE D 269 1.66 30.34 24.62
CA PHE D 269 0.28 30.43 25.11
C PHE D 269 -0.10 31.87 25.44
N ARG D 270 0.75 32.58 26.19
CA ARG D 270 0.53 33.98 26.57
C ARG D 270 0.56 34.90 25.35
N ALA D 271 1.37 34.61 24.34
CA ALA D 271 1.34 35.34 23.08
C ALA D 271 -0.01 35.16 22.36
N HIS D 272 -0.50 33.93 22.21
CA HIS D 272 -1.75 33.68 21.51
C HIS D 272 -2.97 34.23 22.25
N MET D 273 -3.05 34.02 23.57
CA MET D 273 -4.14 34.53 24.40
C MET D 273 -4.21 36.05 24.42
N MET D 274 -3.09 36.77 24.28
CA MET D 274 -3.13 38.24 24.21
C MET D 274 -3.60 38.75 22.85
N ASN D 275 -3.27 38.06 21.76
CA ASN D 275 -3.79 38.33 20.42
C ASN D 275 -5.32 38.10 20.37
N LEU D 276 -5.78 36.93 20.82
CA LEU D 276 -7.20 36.61 20.89
C LEU D 276 -7.95 37.54 21.85
N GLY D 277 -7.37 37.89 22.99
CA GLY D 277 -7.94 38.87 23.92
C GLY D 277 -8.06 40.28 23.31
N SER D 278 -7.10 40.71 22.49
CA SER D 278 -7.20 42.00 21.79
C SER D 278 -8.34 42.04 20.78
N TYR D 279 -8.62 40.90 20.14
CA TYR D 279 -9.68 40.75 19.15
C TYR D 279 -11.04 40.61 19.83
N CYS D 280 -11.11 39.78 20.85
CA CYS D 280 -12.25 39.57 21.74
C CYS D 280 -12.84 40.90 22.24
N LEU D 281 -12.01 41.90 22.53
CA LEU D 281 -12.42 43.21 23.05
C LEU D 281 -13.18 44.08 22.02
N GLY D 282 -13.05 43.83 20.72
CA GLY D 282 -13.93 44.41 19.71
C GLY D 282 -15.12 43.50 19.35
N LEU D 283 -14.88 42.19 19.28
CA LEU D 283 -15.86 41.16 18.95
C LEU D 283 -17.04 41.15 19.92
N ILE D 284 -16.82 41.03 21.22
CA ILE D 284 -17.89 40.78 22.18
C ILE D 284 -18.81 42.00 22.34
N PRO D 285 -18.30 43.22 22.63
CA PRO D 285 -19.08 44.46 22.64
C PRO D 285 -19.95 44.71 21.41
N MET D 286 -19.53 44.30 20.20
CA MET D 286 -20.40 44.41 19.05
C MET D 286 -21.58 43.44 19.10
N THR D 287 -21.39 42.18 19.47
CA THR D 287 -22.53 41.25 19.53
C THR D 287 -23.51 41.61 20.63
N ILE D 288 -23.03 42.19 21.74
CA ILE D 288 -23.88 42.76 22.80
C ILE D 288 -24.78 43.85 22.21
N LEU D 289 -24.21 44.69 21.35
CA LEU D 289 -24.87 45.80 20.67
C LEU D 289 -25.83 45.35 19.56
N VAL D 290 -25.74 44.09 19.11
CA VAL D 290 -26.72 43.45 18.24
C VAL D 290 -27.89 42.88 19.02
N VAL D 291 -27.66 42.13 20.09
CA VAL D 291 -28.73 41.46 20.82
C VAL D 291 -29.52 42.40 21.76
N ASN D 292 -29.02 43.60 22.07
CA ASN D 292 -29.68 44.55 22.98
C ASN D 292 -30.37 45.73 22.29
N ILE D 293 -30.28 45.85 20.97
CA ILE D 293 -30.95 46.89 20.18
C ILE D 293 -31.69 46.23 19.02
N LYS D 294 -32.93 46.64 18.74
CA LYS D 294 -33.71 46.04 17.65
C LYS D 294 -33.08 46.41 16.30
N PRO D 295 -32.77 45.47 15.40
CA PRO D 295 -32.22 45.79 14.11
C PRO D 295 -33.05 46.81 13.33
N GLY D 296 -32.37 47.82 12.79
CA GLY D 296 -32.96 48.90 12.00
C GLY D 296 -33.19 50.20 12.75
N MET D 297 -33.34 50.18 14.08
CA MET D 297 -33.45 51.39 14.89
C MET D 297 -32.13 52.16 14.91
N ALA D 298 -32.16 53.49 14.77
CA ALA D 298 -30.97 54.30 15.03
C ALA D 298 -30.59 54.27 16.52
N PHE D 299 -29.31 54.30 16.85
CA PHE D 299 -28.86 54.38 18.25
C PHE D 299 -27.67 55.32 18.46
N ASN D 300 -27.65 55.98 19.61
CA ASN D 300 -26.66 56.95 20.09
C ASN D 300 -26.11 56.50 21.45
N SER D 301 -25.17 57.25 22.04
CA SER D 301 -24.68 57.00 23.40
C SER D 301 -25.80 57.06 24.45
N THR D 302 -26.81 57.90 24.21
CA THR D 302 -28.05 58.03 24.98
C THR D 302 -28.97 56.81 24.89
N GLY D 303 -28.70 55.82 24.02
CA GLY D 303 -29.51 54.61 23.85
C GLY D 303 -30.20 54.51 22.49
N ILE D 304 -31.39 53.92 22.46
CA ILE D 304 -32.09 53.49 21.23
C ILE D 304 -33.14 54.53 20.82
N ILE D 305 -33.08 55.04 19.60
CA ILE D 305 -33.98 56.09 19.10
C ILE D 305 -35.25 55.45 18.50
N ASN D 306 -36.26 55.21 19.34
CA ASN D 306 -37.54 54.63 18.94
C ASN D 306 -38.28 55.51 17.91
N ASN D 319 -30.83 50.79 28.40
CA ASN D 319 -29.53 50.16 28.18
C ASN D 319 -28.39 51.17 27.89
N SER D 320 -28.60 52.47 28.10
CA SER D 320 -27.66 53.52 27.66
C SER D 320 -26.23 53.36 28.17
N TYR D 321 -26.00 52.92 29.41
CA TYR D 321 -24.64 52.68 29.91
C TYR D 321 -23.96 51.49 29.21
N LEU D 322 -24.69 50.38 29.01
CA LEU D 322 -24.22 49.21 28.25
C LEU D 322 -23.93 49.59 26.79
N ILE D 323 -24.86 50.29 26.14
CA ILE D 323 -24.77 50.79 24.76
C ILE D 323 -23.57 51.72 24.60
N LYS D 324 -23.39 52.68 25.51
CA LYS D 324 -22.29 53.66 25.48
C LYS D 324 -20.94 52.98 25.66
N THR D 325 -20.79 52.14 26.68
CA THR D 325 -19.51 51.43 26.92
C THR D 325 -19.16 50.46 25.81
N CYS D 326 -20.13 49.70 25.27
CA CYS D 326 -19.89 48.81 24.15
C CYS D 326 -19.59 49.54 22.83
N MET D 327 -20.15 50.73 22.61
CA MET D 327 -19.76 51.59 21.49
C MET D 327 -18.34 52.13 21.66
N ILE D 328 -17.99 52.63 22.84
CA ILE D 328 -16.63 53.12 23.10
C ILE D 328 -15.61 52.01 22.86
N LEU D 329 -15.90 50.79 23.31
CA LEU D 329 -15.08 49.60 23.06
C LEU D 329 -14.97 49.23 21.57
N VAL D 330 -16.07 49.15 20.82
CA VAL D 330 -16.04 48.88 19.37
C VAL D 330 -15.28 49.95 18.62
N PHE D 331 -15.41 51.22 19.00
CA PHE D 331 -14.69 52.32 18.37
C PHE D 331 -13.18 52.24 18.64
N LEU D 332 -12.77 52.19 19.92
CA LEU D 332 -11.37 52.05 20.34
C LEU D 332 -10.72 50.82 19.71
N SER D 333 -11.39 49.66 19.76
CA SER D 333 -10.87 48.44 19.17
C SER D 333 -10.81 48.48 17.63
N SER D 334 -11.62 49.30 16.96
CA SER D 334 -11.49 49.52 15.52
C SER D 334 -10.33 50.45 15.16
N ILE D 335 -10.06 51.51 15.92
CA ILE D 335 -8.90 52.39 15.67
C ILE D 335 -7.57 51.73 16.10
N PHE D 336 -7.56 50.93 17.16
CA PHE D 336 -6.44 50.02 17.47
C PHE D 336 -6.27 48.94 16.39
N GLY D 337 -7.36 48.51 15.77
CA GLY D 337 -7.36 47.64 14.60
C GLY D 337 -6.64 48.26 13.40
N TYR D 338 -6.94 49.51 13.04
CA TYR D 338 -6.19 50.23 12.02
C TYR D 338 -4.70 50.41 12.35
N CYS D 339 -4.33 50.53 13.63
CA CYS D 339 -2.92 50.57 14.05
C CYS D 339 -2.20 49.24 13.73
N LYS D 340 -2.78 48.09 14.11
CA LYS D 340 -2.20 46.77 13.81
C LYS D 340 -2.22 46.44 12.30
N GLU D 341 -3.26 46.87 11.58
CA GLU D 341 -3.26 46.95 10.12
C GLU D 341 -2.48 48.18 9.64
N ILE D 356 -6.83 34.96 3.55
CA ILE D 356 -7.60 36.20 3.28
C ILE D 356 -7.63 37.15 4.49
N SER D 357 -6.94 36.80 5.57
CA SER D 357 -6.95 37.48 6.87
C SER D 357 -6.74 39.00 6.82
N ASN D 358 -5.81 39.47 5.98
CA ASN D 358 -5.55 40.90 5.78
C ASN D 358 -6.80 41.65 5.27
N VAL D 359 -7.60 41.05 4.39
CA VAL D 359 -8.79 41.66 3.80
C VAL D 359 -9.95 41.66 4.79
N LEU D 360 -10.14 40.54 5.52
CA LEU D 360 -11.22 40.43 6.50
C LEU D 360 -11.10 41.46 7.61
N GLU D 361 -9.90 41.74 8.08
CA GLU D 361 -9.65 42.79 9.09
C GLU D 361 -9.90 44.20 8.53
N TRP D 362 -9.67 44.46 7.24
CA TRP D 362 -10.04 45.74 6.63
C TRP D 362 -11.55 45.92 6.59
N ILE D 363 -12.30 44.90 6.18
CA ILE D 363 -13.77 44.94 6.21
C ILE D 363 -14.27 45.21 7.62
N ILE D 364 -13.75 44.48 8.61
CA ILE D 364 -14.19 44.59 10.01
C ILE D 364 -13.98 46.01 10.56
N TYR D 365 -12.78 46.57 10.48
CA TYR D 365 -12.53 47.87 11.10
C TYR D 365 -13.21 49.01 10.34
N THR D 366 -13.24 48.99 9.00
CA THR D 366 -13.99 50.00 8.24
C THR D 366 -15.49 49.97 8.50
N THR D 367 -16.07 48.77 8.62
CA THR D 367 -17.52 48.59 8.74
C THR D 367 -18.00 48.75 10.18
N GLY D 368 -17.24 48.22 11.14
CA GLY D 368 -17.51 48.36 12.56
C GLY D 368 -17.42 49.80 13.04
N ILE D 369 -16.61 50.65 12.41
CA ILE D 369 -16.65 52.10 12.63
C ILE D 369 -18.04 52.63 12.27
N ILE D 370 -18.56 52.36 11.06
CA ILE D 370 -19.84 52.94 10.62
C ILE D 370 -20.99 52.56 11.56
N PHE D 371 -21.08 51.31 12.02
CA PHE D 371 -22.12 50.85 12.96
C PHE D 371 -22.18 51.67 14.24
N VAL D 372 -21.05 52.23 14.66
CA VAL D 372 -20.86 52.93 15.93
C VAL D 372 -20.55 54.41 15.74
N LEU D 373 -20.45 54.90 14.50
CA LEU D 373 -20.14 56.28 14.18
C LEU D 373 -21.08 57.33 14.81
N PRO D 374 -22.36 57.03 15.13
CA PRO D 374 -23.17 57.89 15.99
C PRO D 374 -22.67 58.12 17.43
N LEU D 375 -21.57 57.49 17.85
CA LEU D 375 -20.81 57.89 19.04
C LEU D 375 -20.23 59.32 18.89
N PHE D 376 -20.16 59.83 17.66
CA PHE D 376 -19.55 61.11 17.29
C PHE D 376 -20.36 61.92 16.25
N VAL D 377 -21.25 61.29 15.49
CA VAL D 377 -21.85 61.83 14.23
C VAL D 377 -23.37 61.62 14.20
N GLU D 378 -24.08 62.14 13.21
CA GLU D 378 -25.46 61.72 12.89
C GLU D 378 -25.48 60.96 11.56
N ILE D 379 -25.93 59.71 11.57
CA ILE D 379 -25.84 58.76 10.45
C ILE D 379 -27.23 58.14 10.21
N PRO D 380 -27.66 57.90 8.95
CA PRO D 380 -28.92 57.21 8.65
C PRO D 380 -29.05 55.84 9.30
N ALA D 381 -30.23 55.54 9.83
CA ALA D 381 -30.48 54.29 10.56
C ALA D 381 -30.23 53.05 9.70
N HIS D 382 -30.67 53.10 8.44
CA HIS D 382 -30.48 52.04 7.46
C HIS D 382 -29.01 51.74 7.15
N LEU D 383 -28.16 52.77 7.02
CA LEU D 383 -26.73 52.61 6.81
C LEU D 383 -26.03 52.06 8.05
N GLN D 384 -26.43 52.51 9.24
CA GLN D 384 -25.88 51.99 10.49
C GLN D 384 -26.04 50.48 10.55
N TRP D 385 -27.24 49.95 10.35
CA TRP D 385 -27.48 48.52 10.37
C TRP D 385 -27.03 47.76 9.13
N GLN D 386 -26.88 48.41 7.98
CA GLN D 386 -26.29 47.77 6.82
C GLN D 386 -24.84 47.38 7.12
N CYS D 387 -24.11 48.27 7.80
CA CYS D 387 -22.78 47.96 8.30
C CYS D 387 -22.79 47.04 9.51
N GLY D 388 -23.75 47.16 10.42
CA GLY D 388 -23.93 46.20 11.51
C GLY D 388 -24.06 44.76 11.02
N ALA D 389 -24.86 44.51 9.99
CA ALA D 389 -24.99 43.19 9.38
C ALA D 389 -23.68 42.64 8.81
N ILE D 390 -22.93 43.45 8.04
CA ILE D 390 -21.65 43.05 7.44
C ILE D 390 -20.58 42.83 8.51
N ALA D 391 -20.46 43.74 9.48
CA ALA D 391 -19.43 43.68 10.50
C ALA D 391 -19.59 42.44 11.38
N VAL D 392 -20.79 42.19 11.88
CA VAL D 392 -21.07 41.09 12.82
C VAL D 392 -20.81 39.75 12.17
N TYR D 393 -21.15 39.60 10.90
CA TYR D 393 -20.84 38.40 10.14
C TYR D 393 -19.34 38.19 10.04
N PHE D 394 -18.58 39.14 9.47
CA PHE D 394 -17.15 38.96 9.27
C PHE D 394 -16.35 38.89 10.58
N TYR D 395 -16.80 39.51 11.67
CA TYR D 395 -16.18 39.37 12.99
C TYR D 395 -16.09 37.91 13.44
N TRP D 396 -17.10 37.09 13.17
CA TRP D 396 -17.14 35.68 13.54
C TRP D 396 -16.52 34.76 12.49
N MET D 397 -16.64 35.07 11.20
CA MET D 397 -15.89 34.33 10.18
C MET D 397 -14.39 34.45 10.40
N ASN D 398 -13.90 35.66 10.71
CA ASN D 398 -12.50 35.93 11.02
C ASN D 398 -12.08 35.39 12.40
N PHE D 399 -13.01 35.21 13.36
CA PHE D 399 -12.72 34.56 14.65
C PHE D 399 -12.32 33.09 14.52
N LEU D 400 -12.71 32.38 13.44
CA LEU D 400 -12.23 31.02 13.18
C LEU D 400 -10.72 30.95 12.94
N LEU D 401 -10.11 31.99 12.38
CA LEU D 401 -8.66 32.02 12.13
C LEU D 401 -7.87 32.06 13.44
N TYR D 402 -8.41 32.71 14.47
CA TYR D 402 -7.85 32.68 15.83
C TYR D 402 -8.02 31.30 16.50
N LEU D 403 -8.79 30.36 15.94
CA LEU D 403 -8.89 28.99 16.46
C LEU D 403 -7.92 28.02 15.76
N GLN D 404 -7.17 28.43 14.74
CA GLN D 404 -6.15 27.58 14.13
C GLN D 404 -5.05 27.16 15.11
N ARG D 405 -4.84 27.90 16.21
CA ARG D 405 -3.76 27.68 17.16
C ARG D 405 -4.23 27.16 18.52
N PHE D 406 -5.27 26.34 18.53
CA PHE D 406 -5.64 25.51 19.68
C PHE D 406 -5.72 24.02 19.31
N GLU D 407 -5.33 23.16 20.24
CA GLU D 407 -4.94 21.77 19.95
C GLU D 407 -6.10 20.83 19.59
N ASN D 408 -7.33 21.23 19.90
CA ASN D 408 -8.53 20.47 19.52
C ASN D 408 -9.16 20.93 18.19
N CYS D 409 -8.77 22.09 17.68
CA CYS D 409 -9.56 22.87 16.72
C CYS D 409 -8.90 23.01 15.36
N GLY D 410 -7.59 23.25 15.32
CA GLY D 410 -6.88 23.69 14.11
C GLY D 410 -6.94 22.69 12.96
N ILE D 411 -7.04 21.41 13.26
CA ILE D 411 -7.26 20.33 12.29
C ILE D 411 -8.50 20.58 11.46
N PHE D 412 -9.63 20.98 12.07
CA PHE D 412 -10.87 21.26 11.36
C PHE D 412 -10.81 22.52 10.52
N ILE D 413 -10.03 23.53 10.90
CA ILE D 413 -9.93 24.80 10.16
C ILE D 413 -8.96 24.68 8.99
N VAL D 414 -7.91 23.88 9.14
CA VAL D 414 -7.06 23.43 8.04
C VAL D 414 -7.86 22.61 7.02
N MET D 415 -8.74 21.72 7.47
CA MET D 415 -9.65 21.00 6.58
C MET D 415 -10.72 21.89 5.95
N LEU D 416 -11.27 22.86 6.68
CA LEU D 416 -12.28 23.77 6.16
C LEU D 416 -11.76 24.58 4.98
N GLU D 417 -10.54 25.13 5.08
CA GLU D 417 -9.97 25.89 3.98
C GLU D 417 -9.46 25.03 2.85
N VAL D 418 -9.06 23.79 3.07
CA VAL D 418 -8.78 22.83 1.99
C VAL D 418 -10.02 22.55 1.15
N ILE D 419 -11.16 22.23 1.77
CA ILE D 419 -12.41 21.97 1.04
C ILE D 419 -12.99 23.24 0.41
N LEU D 420 -12.86 24.40 1.06
CA LEU D 420 -13.30 25.68 0.50
C LEU D 420 -12.47 26.11 -0.71
N LYS D 421 -11.13 26.07 -0.64
CA LYS D 421 -10.24 26.40 -1.78
C LYS D 421 -10.42 25.45 -2.95
N THR D 422 -10.71 24.18 -2.68
CA THR D 422 -11.00 23.19 -3.72
C THR D 422 -12.32 23.48 -4.43
N LEU D 423 -13.37 23.87 -3.70
CA LEU D 423 -14.63 24.29 -4.27
C LEU D 423 -14.50 25.59 -5.06
N LEU D 424 -13.87 26.62 -4.51
CA LEU D 424 -13.71 27.92 -5.15
C LEU D 424 -12.89 27.85 -6.45
N ARG D 425 -11.97 26.89 -6.60
CA ARG D 425 -11.34 26.59 -7.90
C ARG D 425 -12.33 25.93 -8.85
N SER D 426 -13.05 24.92 -8.38
CA SER D 426 -14.08 24.21 -9.15
C SER D 426 -15.19 25.12 -9.65
N THR D 427 -15.44 26.23 -8.96
CA THR D 427 -16.60 27.10 -9.21
C THR D 427 -16.54 27.79 -10.56
N VAL D 428 -15.35 28.15 -11.07
CA VAL D 428 -15.24 28.85 -12.37
C VAL D 428 -15.74 28.00 -13.53
N VAL D 429 -15.65 26.67 -13.39
CA VAL D 429 -16.17 25.70 -14.35
C VAL D 429 -17.69 25.61 -14.25
N PHE D 430 -18.22 25.32 -13.06
CA PHE D 430 -19.64 24.99 -12.91
C PHE D 430 -20.57 26.18 -12.71
N ILE D 431 -20.08 27.41 -12.68
CA ILE D 431 -20.88 28.60 -12.97
C ILE D 431 -21.57 28.48 -14.34
N PHE D 432 -20.88 28.01 -15.38
CA PHE D 432 -21.47 27.84 -16.70
C PHE D 432 -22.47 26.69 -16.76
N LEU D 433 -22.34 25.67 -15.92
CA LEU D 433 -23.34 24.62 -15.78
C LEU D 433 -24.65 25.16 -15.19
N LEU D 434 -24.61 26.07 -14.22
CA LEU D 434 -25.80 26.70 -13.67
C LEU D 434 -26.33 27.87 -14.50
N LEU D 435 -25.49 28.52 -15.31
CA LEU D 435 -25.89 29.52 -16.31
C LEU D 435 -26.65 28.88 -17.48
N ALA D 436 -26.31 27.65 -17.86
CA ALA D 436 -27.05 26.89 -18.88
C ALA D 436 -28.49 26.58 -18.45
N PHE D 437 -28.68 26.03 -17.25
CA PHE D 437 -30.01 25.78 -16.72
C PHE D 437 -30.74 27.06 -16.33
N GLY D 438 -30.05 28.09 -15.86
CA GLY D 438 -30.64 29.36 -15.47
C GLY D 438 -31.23 30.13 -16.63
N LEU D 439 -30.48 30.33 -17.71
CA LEU D 439 -30.98 31.01 -18.91
C LEU D 439 -31.99 30.15 -19.68
N SER D 440 -32.04 28.84 -19.45
CA SER D 440 -33.01 27.94 -20.09
C SER D 440 -34.33 27.82 -19.33
N PHE D 441 -34.34 27.66 -18.00
CA PHE D 441 -35.57 27.78 -17.21
C PHE D 441 -36.17 29.18 -17.28
N TYR D 442 -35.36 30.22 -17.50
CA TYR D 442 -35.85 31.56 -17.80
C TYR D 442 -36.70 31.63 -19.07
N ILE D 443 -36.50 30.77 -20.08
CA ILE D 443 -37.41 30.67 -21.23
C ILE D 443 -38.66 29.87 -20.87
N LEU D 444 -38.45 28.66 -20.33
CA LEU D 444 -39.48 27.65 -20.21
C LEU D 444 -40.47 27.92 -19.09
N LEU D 445 -40.05 28.61 -18.03
CA LEU D 445 -40.83 28.86 -16.83
C LEU D 445 -41.08 30.35 -16.60
N ASN D 446 -40.94 31.20 -17.63
CA ASN D 446 -40.96 32.66 -17.53
C ASN D 446 -42.20 33.24 -16.84
N LEU D 447 -43.34 32.57 -16.99
CA LEU D 447 -44.63 33.01 -16.45
C LEU D 447 -44.75 32.88 -14.93
N GLN D 448 -43.78 32.25 -14.25
CA GLN D 448 -43.78 32.01 -12.81
C GLN D 448 -42.86 32.97 -12.06
N ASP D 449 -43.30 33.51 -10.91
CA ASP D 449 -42.54 34.48 -10.12
C ASP D 449 -41.05 34.17 -9.90
N PRO D 450 -40.63 32.94 -9.54
CA PRO D 450 -39.22 32.60 -9.28
C PRO D 450 -38.28 32.74 -10.46
N PHE D 451 -38.82 32.70 -11.69
CA PHE D 451 -38.04 32.74 -12.91
C PHE D 451 -38.32 34.02 -13.70
N SER D 452 -38.87 35.07 -13.07
CA SER D 452 -39.33 36.30 -13.73
C SER D 452 -38.26 37.08 -14.50
N SER D 453 -36.99 36.92 -14.13
CA SER D 453 -35.85 37.70 -14.61
C SER D 453 -34.64 36.79 -14.75
N PRO D 454 -33.66 37.10 -15.61
CA PRO D 454 -32.53 36.20 -15.82
C PRO D 454 -31.68 36.01 -14.56
N LEU D 455 -31.50 37.04 -13.74
CA LEU D 455 -30.75 36.93 -12.48
C LEU D 455 -31.53 36.20 -11.37
N LEU D 456 -32.85 36.37 -11.28
CA LEU D 456 -33.65 35.59 -10.33
C LEU D 456 -33.65 34.10 -10.70
N SER D 457 -33.71 33.80 -11.99
CA SER D 457 -33.62 32.44 -12.50
C SER D 457 -32.30 31.77 -12.14
N ILE D 458 -31.18 32.48 -12.15
CA ILE D 458 -29.88 31.94 -11.72
C ILE D 458 -29.81 31.75 -10.19
N ILE D 459 -30.30 32.68 -9.38
CA ILE D 459 -30.36 32.48 -7.90
C ILE D 459 -31.30 31.31 -7.55
N GLN D 460 -32.31 31.04 -8.37
CA GLN D 460 -33.22 29.92 -8.20
C GLN D 460 -32.60 28.57 -8.57
N THR D 461 -31.87 28.41 -9.69
CA THR D 461 -31.21 27.13 -9.99
C THR D 461 -30.10 26.82 -9.01
N PHE D 462 -29.41 27.85 -8.52
CA PHE D 462 -28.46 27.72 -7.44
C PHE D 462 -29.13 27.16 -6.17
N SER D 463 -30.30 27.65 -5.80
CA SER D 463 -31.06 27.10 -4.67
C SER D 463 -31.66 25.70 -4.91
N MET D 464 -31.87 25.28 -6.15
CA MET D 464 -32.26 23.90 -6.52
C MET D 464 -31.09 22.90 -6.44
N MET D 465 -29.84 23.37 -6.40
CA MET D 465 -28.61 22.56 -6.43
C MET D 465 -28.52 21.55 -5.28
N LEU D 466 -28.99 21.95 -4.10
CA LEU D 466 -29.17 21.12 -2.90
C LEU D 466 -30.30 20.08 -3.02
N GLY D 467 -30.95 19.92 -4.17
CA GLY D 467 -31.97 18.91 -4.42
C GLY D 467 -33.40 19.30 -4.05
N ASP D 468 -33.68 20.56 -3.73
CA ASP D 468 -35.06 21.05 -3.51
C ASP D 468 -35.62 21.74 -4.76
N ILE D 469 -36.03 20.91 -5.73
CA ILE D 469 -36.38 21.28 -7.11
C ILE D 469 -37.68 22.11 -7.24
N ASN D 470 -38.52 22.11 -6.21
CA ASN D 470 -39.90 22.66 -6.21
C ASN D 470 -40.81 22.00 -7.26
N TYR D 471 -40.69 20.69 -7.48
CA TYR D 471 -41.34 19.97 -8.59
C TYR D 471 -42.85 20.19 -8.67
N ARG D 472 -43.59 19.94 -7.58
CA ARG D 472 -45.05 20.05 -7.62
C ARG D 472 -45.46 21.49 -7.89
N GLU D 473 -44.79 22.42 -7.25
CA GLU D 473 -45.08 23.84 -7.26
C GLU D 473 -44.83 24.52 -8.61
N SER D 474 -43.84 24.06 -9.41
CA SER D 474 -43.37 24.70 -10.65
C SER D 474 -43.46 23.88 -11.94
N PHE D 475 -43.71 22.58 -11.90
CA PHE D 475 -43.87 21.76 -13.10
C PHE D 475 -45.24 21.08 -13.13
N LEU D 476 -45.56 20.26 -12.13
CA LEU D 476 -46.79 19.46 -12.11
C LEU D 476 -48.05 20.30 -12.05
N GLU D 477 -48.16 21.20 -11.08
CA GLU D 477 -49.38 21.96 -10.89
C GLU D 477 -49.63 22.91 -12.08
N PRO D 478 -48.65 23.68 -12.58
CA PRO D 478 -48.79 24.40 -13.84
C PRO D 478 -49.17 23.55 -15.05
N TYR D 479 -48.70 22.31 -15.15
CA TYR D 479 -49.06 21.40 -16.24
C TYR D 479 -50.53 20.97 -16.16
N LEU D 480 -51.02 20.64 -14.97
CA LEU D 480 -52.42 20.26 -14.77
C LEU D 480 -53.39 21.45 -14.93
N ARG D 481 -52.91 22.69 -14.75
CA ARG D 481 -53.65 23.92 -15.07
C ARG D 481 -53.55 24.40 -16.52
N ASN D 482 -52.72 23.75 -17.35
CA ASN D 482 -52.39 24.15 -18.72
C ASN D 482 -51.70 25.51 -18.82
N GLU D 483 -50.76 25.79 -17.91
CA GLU D 483 -50.00 27.03 -17.84
C GLU D 483 -48.51 26.92 -18.25
N LEU D 484 -47.94 25.71 -18.39
CA LEU D 484 -46.61 25.57 -19.00
C LEU D 484 -46.70 25.88 -20.50
N ALA D 485 -45.87 26.80 -21.00
CA ALA D 485 -45.84 27.15 -22.42
C ALA D 485 -45.19 26.06 -23.31
N HIS D 486 -44.37 25.19 -22.70
CA HIS D 486 -43.57 24.16 -23.34
C HIS D 486 -43.50 22.89 -22.47
N PRO D 487 -44.62 22.20 -22.18
CA PRO D 487 -44.63 21.19 -21.14
C PRO D 487 -43.66 20.03 -21.37
N VAL D 488 -43.59 19.45 -22.57
CA VAL D 488 -42.66 18.33 -22.86
C VAL D 488 -41.20 18.74 -22.67
N LEU D 489 -40.83 19.90 -23.18
CA LEU D 489 -39.46 20.42 -23.12
C LEU D 489 -39.07 20.85 -21.70
N SER D 490 -40.04 21.31 -20.92
CA SER D 490 -39.90 21.68 -19.52
C SER D 490 -39.63 20.46 -18.64
N PHE D 491 -40.37 19.37 -18.81
CA PHE D 491 -40.12 18.12 -18.11
C PHE D 491 -38.81 17.44 -18.53
N ALA D 492 -38.33 17.63 -19.76
CA ALA D 492 -37.00 17.17 -20.17
C ALA D 492 -35.88 17.95 -19.47
N GLN D 493 -36.03 19.27 -19.36
CA GLN D 493 -35.08 20.13 -18.69
C GLN D 493 -35.05 19.87 -17.17
N LEU D 494 -36.15 19.37 -16.60
CA LEU D 494 -36.30 18.98 -15.20
C LEU D 494 -35.55 17.67 -14.87
N VAL D 495 -35.75 16.62 -15.66
CA VAL D 495 -35.02 15.35 -15.50
C VAL D 495 -33.51 15.55 -15.74
N SER D 496 -33.12 16.29 -16.77
CA SER D 496 -31.71 16.60 -17.04
C SER D 496 -31.09 17.56 -16.03
N PHE D 497 -31.78 18.57 -15.49
CA PHE D 497 -31.24 19.35 -14.38
C PHE D 497 -30.93 18.47 -13.18
N THR D 498 -31.88 17.60 -12.82
CA THR D 498 -31.80 16.72 -11.65
C THR D 498 -30.65 15.73 -11.77
N ILE D 499 -30.42 15.18 -12.96
CA ILE D 499 -29.25 14.38 -13.30
C ILE D 499 -27.96 15.21 -13.16
N PHE D 500 -27.76 16.28 -13.93
CA PHE D 500 -26.47 16.98 -13.96
C PHE D 500 -26.10 17.69 -12.65
N VAL D 501 -27.06 18.31 -11.95
CA VAL D 501 -26.77 19.18 -10.81
C VAL D 501 -26.95 18.45 -9.47
N PRO D 502 -28.16 18.18 -8.93
CA PRO D 502 -28.32 17.47 -7.66
C PRO D 502 -27.65 16.11 -7.54
N ILE D 503 -27.57 15.32 -8.61
CA ILE D 503 -26.92 14.00 -8.57
C ILE D 503 -25.44 14.13 -8.95
N VAL D 504 -25.12 14.47 -10.19
CA VAL D 504 -23.73 14.48 -10.68
C VAL D 504 -22.87 15.55 -10.00
N LEU D 505 -23.17 16.83 -10.12
CA LEU D 505 -22.34 17.91 -9.58
C LEU D 505 -22.17 17.82 -8.06
N MET D 506 -23.24 17.53 -7.32
CA MET D 506 -23.14 17.43 -5.86
C MET D 506 -22.33 16.22 -5.41
N ASN D 507 -22.38 15.10 -6.10
CA ASN D 507 -21.55 13.94 -5.80
C ASN D 507 -20.08 14.18 -6.19
N LEU D 508 -19.81 14.95 -7.24
CA LEU D 508 -18.46 15.39 -7.57
C LEU D 508 -17.84 16.26 -6.47
N LEU D 509 -18.61 17.09 -5.76
CA LEU D 509 -18.13 17.86 -4.62
C LEU D 509 -17.98 17.03 -3.35
N ILE D 510 -18.81 16.02 -3.13
CA ILE D 510 -18.63 15.06 -2.03
C ILE D 510 -17.37 14.22 -2.28
N GLY D 511 -17.18 13.72 -3.50
CA GLY D 511 -16.02 12.91 -3.90
C GLY D 511 -14.71 13.66 -3.76
N LEU D 512 -14.67 14.93 -4.13
CA LEU D 512 -13.52 15.81 -3.92
C LEU D 512 -13.22 16.07 -2.45
N ALA D 513 -14.24 16.33 -1.65
CA ALA D 513 -14.12 16.53 -0.20
C ALA D 513 -13.63 15.29 0.52
N VAL D 514 -14.16 14.12 0.17
CA VAL D 514 -13.77 12.83 0.74
C VAL D 514 -12.31 12.52 0.46
N GLY D 515 -11.80 12.90 -0.71
CA GLY D 515 -10.38 12.79 -1.05
C GLY D 515 -9.53 13.72 -0.19
N ASP D 516 -9.76 15.02 -0.30
CA ASP D 516 -8.92 16.06 0.29
C ASP D 516 -8.91 16.09 1.82
N ILE D 517 -9.95 15.59 2.48
CA ILE D 517 -9.92 15.38 3.94
C ILE D 517 -9.10 14.17 4.33
N ALA D 518 -9.09 13.10 3.51
CA ALA D 518 -8.34 11.89 3.79
C ALA D 518 -6.83 12.09 3.61
N ASP D 519 -6.44 13.11 2.87
CA ASP D 519 -5.06 13.56 2.72
C ASP D 519 -4.62 14.53 3.81
N VAL D 520 -5.49 15.41 4.33
CA VAL D 520 -5.19 16.12 5.58
C VAL D 520 -5.04 15.13 6.73
N GLN D 521 -5.94 14.16 6.88
CA GLN D 521 -5.82 13.12 7.92
C GLN D 521 -4.59 12.20 7.74
N LYS D 522 -4.08 11.99 6.52
CA LYS D 522 -2.85 11.22 6.28
C LYS D 522 -1.61 11.96 6.78
N HIS D 523 -1.39 13.17 6.28
CA HIS D 523 -0.25 14.03 6.64
C HIS D 523 -0.40 14.77 7.98
N ALA D 524 -1.52 14.58 8.69
CA ALA D 524 -1.88 15.30 9.91
C ALA D 524 -0.80 15.26 10.97
N SER D 525 -0.24 14.07 11.23
CA SER D 525 0.63 13.82 12.38
C SER D 525 1.90 14.65 12.32
N LEU D 526 2.51 14.77 11.13
CA LEU D 526 3.63 15.67 10.87
C LEU D 526 3.17 17.13 10.83
N LYS D 527 2.10 17.45 10.09
CA LYS D 527 1.59 18.81 9.94
C LYS D 527 1.27 19.45 11.28
N ARG D 528 0.80 18.67 12.25
CA ARG D 528 0.52 19.12 13.62
C ARG D 528 1.75 19.70 14.26
N ILE D 529 2.84 18.94 14.33
CA ILE D 529 4.07 19.39 14.97
C ILE D 529 4.77 20.46 14.15
N ALA D 530 4.70 20.39 12.82
CA ALA D 530 5.24 21.39 11.93
C ALA D 530 4.58 22.77 12.11
N MET D 531 3.27 22.82 12.34
CA MET D 531 2.53 24.05 12.65
C MET D 531 3.02 24.68 13.96
N GLN D 532 3.31 23.86 14.96
CA GLN D 532 3.84 24.32 16.25
C GLN D 532 5.27 24.83 16.13
N VAL D 533 6.18 24.10 15.48
CA VAL D 533 7.55 24.57 15.33
C VAL D 533 7.61 25.87 14.54
N GLU D 534 6.77 26.01 13.51
CA GLU D 534 6.66 27.22 12.69
C GLU D 534 6.07 28.41 13.45
N LEU D 535 5.13 28.18 14.38
CA LEU D 535 4.64 29.23 15.27
C LEU D 535 5.75 29.71 16.18
N HIS D 536 6.36 28.78 16.91
CA HIS D 536 7.30 29.14 17.97
C HIS D 536 8.56 29.75 17.41
N THR D 537 9.06 29.28 16.26
CA THR D 537 10.23 29.91 15.64
C THR D 537 9.94 31.34 15.20
N SER D 538 8.76 31.61 14.64
CA SER D 538 8.35 32.98 14.28
C SER D 538 8.32 33.91 15.50
N LEU D 539 7.81 33.44 16.63
CA LEU D 539 7.84 34.18 17.90
C LEU D 539 9.25 34.39 18.44
N GLU D 540 10.13 33.39 18.38
CA GLU D 540 11.53 33.54 18.80
C GLU D 540 12.25 34.61 17.94
N LYS D 541 12.00 34.63 16.63
CA LYS D 541 12.57 35.64 15.71
C LYS D 541 12.07 37.05 16.01
N LYS D 542 10.89 37.21 16.60
CA LYS D 542 10.26 38.51 16.90
C LYS D 542 10.52 39.02 18.32
N LEU D 543 10.45 38.16 19.33
CA LEU D 543 10.71 38.49 20.73
C LEU D 543 12.18 38.92 20.96
N PRO D 544 12.46 39.74 22.00
CA PRO D 544 13.80 40.24 22.27
C PRO D 544 14.67 39.19 22.98
N LEU D 545 15.94 39.10 22.61
CA LEU D 545 16.82 38.00 23.04
C LEU D 545 16.91 37.85 24.57
N TRP D 546 16.88 38.95 25.34
CA TRP D 546 16.89 38.86 26.80
C TRP D 546 15.66 38.11 27.35
N PHE D 547 14.50 38.23 26.70
CA PHE D 547 13.27 37.58 27.14
C PHE D 547 13.30 36.07 26.84
N LEU D 548 13.89 35.66 25.72
CA LEU D 548 14.14 34.25 25.48
C LEU D 548 15.07 33.69 26.56
N ARG D 549 16.17 34.38 26.88
CA ARG D 549 17.06 33.97 27.99
C ARG D 549 16.35 33.96 29.35
N LYS D 550 15.38 34.83 29.59
CA LYS D 550 14.59 34.86 30.83
C LYS D 550 13.73 33.61 31.03
N VAL D 551 13.08 33.08 29.99
CA VAL D 551 12.04 32.04 30.15
C VAL D 551 12.37 30.70 29.47
N ASP D 552 13.40 30.61 28.63
CA ASP D 552 13.72 29.37 27.91
C ASP D 552 14.43 28.33 28.79
N GLN D 553 13.64 27.63 29.62
CA GLN D 553 14.15 26.72 30.64
C GLN D 553 14.82 25.47 30.05
N LYS D 554 16.13 25.30 30.28
CA LYS D 554 16.99 24.22 29.73
C LYS D 554 16.58 22.79 30.14
N SER D 555 15.79 22.60 31.19
CA SER D 555 15.29 21.29 31.60
C SER D 555 13.98 21.40 32.39
N THR D 556 13.15 20.36 32.36
CA THR D 556 11.89 20.29 33.12
C THR D 556 11.65 18.94 33.76
N ILE D 557 11.20 18.93 35.02
CA ILE D 557 10.68 17.77 35.74
C ILE D 557 9.17 17.60 35.48
N VAL D 558 8.69 16.36 35.38
CA VAL D 558 7.28 16.00 35.24
C VAL D 558 6.93 14.86 36.19
N TYR D 559 5.73 14.89 36.79
CA TYR D 559 5.21 13.86 37.68
C TYR D 559 4.03 13.10 37.05
N PRO D 560 4.26 11.99 36.32
CA PRO D 560 3.19 11.15 35.76
C PRO D 560 2.13 10.71 36.78
N SER D 592 7.97 0.59 7.34
CA SER D 592 9.41 0.87 7.26
C SER D 592 10.04 0.56 5.90
N LEU D 593 9.33 -0.09 4.96
CA LEU D 593 9.93 -0.75 3.79
C LEU D 593 10.70 0.17 2.82
N GLU D 594 10.42 1.46 2.80
CA GLU D 594 11.22 2.47 2.08
C GLU D 594 12.68 2.56 2.59
N MET D 595 12.98 2.07 3.78
CA MET D 595 14.33 1.95 4.35
C MET D 595 14.69 0.54 4.84
N GLU D 596 13.71 -0.33 5.13
CA GLU D 596 13.97 -1.74 5.45
C GLU D 596 14.72 -2.48 4.31
N ILE D 597 14.38 -2.13 3.07
CA ILE D 597 15.05 -2.60 1.86
C ILE D 597 16.31 -1.77 1.54
N LEU D 598 16.45 -0.54 2.03
CA LEU D 598 17.63 0.28 1.73
C LEU D 598 18.89 -0.32 2.38
N LYS D 599 18.81 -0.80 3.62
CA LYS D 599 19.96 -1.45 4.26
C LYS D 599 20.28 -2.82 3.65
N GLN D 600 19.26 -3.52 3.15
CA GLN D 600 19.41 -4.76 2.39
C GLN D 600 20.27 -4.56 1.14
N LYS D 601 20.22 -3.38 0.51
CA LYS D 601 21.11 -3.01 -0.60
C LYS D 601 22.56 -2.89 -0.15
N TYR D 602 22.80 -2.18 0.94
CA TYR D 602 24.15 -1.91 1.44
C TYR D 602 24.83 -3.14 2.06
N ARG D 603 24.12 -3.99 2.79
CA ARG D 603 24.69 -5.24 3.31
C ARG D 603 25.08 -6.17 2.16
N LEU D 604 24.27 -6.21 1.10
CA LEU D 604 24.59 -6.96 -0.11
C LEU D 604 25.76 -6.35 -0.90
N LYS D 605 25.90 -5.02 -0.92
CA LYS D 605 27.01 -4.32 -1.57
C LYS D 605 28.36 -4.57 -0.88
N ASP D 606 28.41 -4.65 0.45
CA ASP D 606 29.65 -5.01 1.17
C ASP D 606 29.91 -6.52 1.18
N LEU D 607 28.91 -7.34 0.87
CA LEU D 607 29.05 -8.78 0.66
C LEU D 607 29.71 -9.10 -0.68
N THR D 608 29.32 -8.42 -1.77
CA THR D 608 30.02 -8.54 -3.06
C THR D 608 31.44 -7.99 -3.00
N PHE D 609 31.69 -6.95 -2.21
CA PHE D 609 33.06 -6.46 -2.00
C PHE D 609 33.93 -7.53 -1.35
N LEU D 610 33.46 -8.16 -0.27
CA LEU D 610 34.15 -9.28 0.37
C LEU D 610 34.33 -10.49 -0.57
N LEU D 611 33.34 -10.84 -1.38
CA LEU D 611 33.44 -11.95 -2.32
C LEU D 611 34.42 -11.69 -3.46
N GLU D 612 34.55 -10.46 -3.94
CA GLU D 612 35.52 -10.12 -4.98
C GLU D 612 36.94 -10.00 -4.42
N LYS D 613 37.12 -9.55 -3.17
CA LYS D 613 38.41 -9.61 -2.45
C LYS D 613 38.90 -11.04 -2.25
N GLN D 614 37.98 -11.94 -1.99
CA GLN D 614 38.26 -13.35 -1.77
C GLN D 614 38.53 -14.11 -3.08
N HIS D 615 37.82 -13.81 -4.16
CA HIS D 615 38.09 -14.39 -5.47
C HIS D 615 39.51 -14.08 -6.00
N GLU D 616 40.07 -12.94 -5.62
CA GLU D 616 41.43 -12.54 -5.99
C GLU D 616 42.52 -13.18 -5.12
N LEU D 617 42.21 -13.63 -3.89
CA LEU D 617 43.12 -14.47 -3.09
C LEU D 617 43.20 -15.91 -3.59
N ILE D 618 42.11 -16.47 -4.11
CA ILE D 618 42.11 -17.85 -4.61
C ILE D 618 42.91 -17.98 -5.91
N LYS D 619 42.88 -16.95 -6.76
CA LYS D 619 43.78 -16.86 -7.90
C LYS D 619 45.24 -16.68 -7.50
N LEU D 620 45.53 -15.98 -6.41
CA LEU D 620 46.89 -15.88 -5.85
C LEU D 620 47.38 -17.25 -5.37
N ILE D 621 46.52 -18.08 -4.79
CA ILE D 621 46.85 -19.48 -4.49
C ILE D 621 47.24 -20.22 -5.76
N ILE D 622 46.42 -20.29 -6.80
CA ILE D 622 46.73 -21.10 -8.00
C ILE D 622 48.00 -20.60 -8.71
N GLN D 623 48.25 -19.30 -8.65
CA GLN D 623 49.44 -18.67 -9.19
C GLN D 623 50.71 -19.07 -8.43
N LYS D 624 50.68 -19.19 -7.10
CA LYS D 624 51.85 -19.53 -6.28
C LYS D 624 51.97 -21.00 -5.89
N MET D 625 50.89 -21.76 -6.00
CA MET D 625 50.75 -23.18 -5.65
C MET D 625 51.85 -24.04 -6.27
N GLU D 626 52.41 -24.97 -5.52
CA GLU D 626 53.38 -25.91 -6.09
C GLU D 626 52.63 -27.05 -6.76
N ILE D 627 52.67 -27.14 -8.09
CA ILE D 627 52.05 -28.22 -8.88
C ILE D 627 53.13 -29.18 -9.36
N ILE D 628 53.07 -30.40 -8.87
CA ILE D 628 53.94 -31.54 -9.17
C ILE D 628 53.02 -32.77 -9.06
N SER D 629 53.25 -33.83 -9.82
CA SER D 629 52.44 -35.07 -9.77
C SER D 629 51.00 -34.97 -10.25
N GLU D 630 50.56 -33.80 -10.73
CA GLU D 630 49.19 -33.55 -11.22
C GLU D 630 49.18 -32.64 -12.47
N THR D 631 50.33 -32.41 -13.09
CA THR D 631 50.46 -31.58 -14.32
C THR D 631 49.68 -32.19 -15.50
C1 VKM E . -17.22 -15.78 21.67
C13 VKM E . -18.99 -9.68 22.79
C15 VKM E . -18.86 -8.14 21.41
C18 VKM E . -19.06 -7.43 20.11
C20 VKM E . -17.44 -6.73 18.47
C23 VKM E . -16.96 -5.66 17.50
C24 VKM E . -16.84 -5.97 16.14
C25 VKM E . -16.12 -5.12 15.29
C26 VKM E . -15.57 -3.95 15.81
C28 VKM E . -16.45 -4.46 17.99
C6 VKM E . -19.14 -14.14 21.58
C7 VKM E . -18.80 -13.20 22.62
N9 VKM E . -19.60 -12.10 22.62
O21 VKM E . -18.45 -7.55 17.88
C10 VKM E . -20.70 -12.03 21.79
C12 VKM E . -19.31 -10.95 23.52
C19 VKM E . -18.09 -6.28 19.78
C22 VKM E . -18.88 -8.39 18.95
C27 VKM E . -15.76 -3.60 17.14
C3 VKM E . -19.24 -15.78 20.13
C5 VKM E . -20.21 -14.00 20.75
F29 VKM E . -14.85 -3.14 15.02
N11 VKM E . -21.03 -12.92 20.86
N14 VKM E . -19.31 -9.42 21.55
N16 VKM E . -18.29 -7.61 22.49
N2 VKM E . -18.50 -15.28 21.18
N4 VKM E . -20.30 -15.03 19.87
O17 VKM E . -18.39 -8.65 23.43
O8 VKM E . -17.89 -13.36 23.41
H31 VKM E . -16.87 -16.61 21.04
H30 VKM E . -17.31 -16.11 22.70
H32 VKM E . -16.48 -14.97 21.62
H37 VKM E . -20.09 -7.06 20.07
H40 VKM E . -16.58 -7.36 18.72
H43 VKM E . -17.24 -6.89 15.75
H44 VKM E . -15.97 -5.38 14.26
H46 VKM E . -16.55 -4.19 19.05
H34 VKM E . -21.30 -11.14 21.95
H36 VKM E . -18.46 -11.19 24.18
H35 VKM E . -20.17 -10.76 24.15
H38 VKM E . -18.65 -5.34 19.64
H39 VKM E . -17.32 -6.13 20.55
H41 VKM E . -18.10 -9.14 19.17
H42 VKM E . -19.83 -8.91 18.72
H45 VKM E . -15.33 -2.68 17.52
H33 VKM E . -18.94 -16.67 19.59
C1 VKM F . -18.06 -14.62 -21.72
C13 VKM F . -22.35 -13.40 -17.11
C15 VKM F . -22.15 -11.90 -15.69
C18 VKM F . -21.96 -10.51 -15.15
C20 VKM F . -20.09 -9.68 -13.87
C23 VKM F . -19.62 -8.85 -12.68
C24 VKM F . -18.67 -7.83 -12.88
C25 VKM F . -18.06 -7.21 -11.79
C26 VKM F . -18.40 -7.61 -10.49
C28 VKM F . -19.98 -9.21 -11.37
C6 VKM F . -20.15 -13.31 -21.16
C7 VKM F . -20.79 -14.15 -20.16
N9 VKM F . -21.84 -13.54 -19.55
O21 VKM F . -20.35 -8.85 -15.00
C10 VKM F . -22.30 -12.30 -19.99
C12 VKM F . -22.50 -14.18 -18.39
C19 VKM F . -21.41 -10.43 -13.71
C22 VKM F . -20.95 -9.71 -15.98
C27 VKM F . -19.37 -8.58 -10.28
C3 VKM F . -18.85 -12.40 -22.66
C5 VKM F . -20.61 -12.09 -21.53
F29 VKM F . -17.80 -7.04 -9.44
N11 VKM F . -21.73 -11.58 -20.94
N14 VKM F . -22.05 -12.13 -17.03
N16 VKM F . -22.48 -12.96 -14.97
N2 VKM F . -19.01 -13.53 -21.88
N4 VKM F . -19.83 -11.53 -22.48
O17 VKM F . -22.65 -13.97 -15.92
O8 VKM F . -20.40 -15.27 -19.87
H31 VKM F . -17.83 -14.77 -20.66
H30 VKM F . -17.13 -14.40 -22.26
H32 VKM F . -18.50 -15.55 -22.12
H37 VKM F . -22.91 -9.98 -15.19
H40 VKM F . -19.30 -10.40 -14.13
H43 VKM F . -18.38 -7.54 -13.89
H44 VKM F . -17.31 -6.45 -11.94
H46 VKM F . -20.69 -10.00 -11.19
H34 VKM F . -23.18 -11.97 -19.46
H36 VKM F . -22.12 -15.19 -18.22
H35 VKM F . -23.57 -14.26 -18.59
H38 VKM F . -22.11 -9.87 -13.08
H39 VKM F . -21.24 -11.41 -13.26
H41 VKM F . -20.19 -10.36 -16.42
H42 VKM F . -21.45 -9.12 -16.76
H45 VKM F . -19.63 -8.88 -9.27
H33 VKM F . -18.01 -12.28 -23.32
C1 VKM G . 2.33 23.71 -21.12
C13 VKM G . -3.75 21.77 -22.01
C15 VKM G . -4.93 20.77 -20.62
C18 VKM G . -5.64 20.49 -19.33
C20 VKM G . -5.13 18.83 -17.64
C23 VKM G . -5.64 17.76 -16.69
C24 VKM G . -5.21 17.79 -15.35
C25 VKM G . -5.48 16.71 -14.50
C26 VKM G . -6.20 15.61 -15.00
C28 VKM G . -6.41 16.67 -17.15
C6 VKM G . -0.10 24.38 -20.87
C7 VKM G . -0.74 23.58 -21.90
N9 VKM G . -2.10 23.65 -21.85
O21 VKM G . -5.24 20.12 -17.07
C10 VKM G . -2.73 24.49 -20.95
C12 VKM G . -2.93 22.79 -22.74
C19 VKM G . -5.86 19.01 -18.98
C22 VKM G . -4.90 21.04 -18.11
C27 VKM G . -6.67 15.60 -16.30
C3 VKM G . 1.28 25.33 -19.47
C5 VKM G . -0.77 25.16 -20.00
F29 VKM G . -6.44 14.56 -14.20
N11 VKM G . -2.13 25.25 -20.05
N14 VKM G . -4.06 21.81 -20.74
N16 VKM G . -5.15 20.09 -21.74
N2 VKM G . 1.22 24.47 -20.55
N4 VKM G . 0.08 25.79 -19.14
O17 VKM G . -4.37 20.78 -22.69
O8 VKM G . -0.13 22.91 -22.72
H31 VKM G . 2.07 22.64 -21.12
H30 VKM G . 3.24 23.87 -20.52
H32 VKM G . 2.52 24.04 -22.15
H37 VKM G . -6.63 20.98 -19.37
H40 VKM G . -4.07 18.63 -17.85
H43 VKM G . -4.64 18.62 -14.98
H44 VKM G . -5.11 16.71 -13.49
H46 VKM G . -6.75 16.63 -18.18
H34 VKM G . -3.81 24.49 -21.06
H36 VKM G . -2.30 22.26 -23.47
H35 VKM G . -3.61 23.42 -23.31
H38 VKM G . -6.94 18.81 -18.86
H39 VKM G . -5.45 18.32 -19.74
H41 VKM G . -3.81 21.05 -18.27
H42 VKM G . -5.26 22.05 -17.89
H45 VKM G . -7.24 14.75 -16.66
H33 VKM G . 2.22 25.57 -18.98
C1 VKM H . 2.83 22.36 22.89
C13 VKM H . -0.23 25.57 17.92
C15 VKM H . -1.49 24.66 16.53
C18 VKM H . -2.55 23.73 16.02
C20 VKM H . -2.36 21.78 14.60
C23 VKM H . -2.91 20.97 13.43
C24 VKM H . -3.25 19.63 13.63
C25 VKM H . -3.46 18.78 12.53
C26 VKM H . -3.37 19.30 11.25
C28 VKM H . -2.88 21.50 12.13
C6 VKM H . 0.72 23.44 21.94
C7 VKM H . 1.23 24.37 20.96
N9 VKM H . 0.23 25.06 20.33
O21 VKM H . -3.04 21.48 15.80
C10 VKM H . -1.08 24.93 20.73
C12 VKM H . 0.53 25.94 19.17
C19 VKM H . -2.47 23.31 14.54
C22 VKM H . -2.50 22.40 16.76
C27 VKM H . -3.11 20.66 11.04
C3 VKM H . 0.41 21.86 23.44
C5 VKM H . -0.58 23.28 22.24
F29 VKM H . -3.53 18.49 10.18
N11 VKM H . -1.53 24.06 21.63
N14 VKM H . -1.10 24.60 17.83
N16 VKM H . -0.90 25.62 15.82
N2 VKM H . 1.40 22.54 22.75
N4 VKM H . -0.79 22.32 23.17
O17 VKM H . -0.07 26.25 16.76
O8 VKM H . 2.41 24.48 20.67
H31 VKM H . 3.20 21.67 22.10
H30 VKM H . 3.02 21.88 23.86
H32 VKM H . 3.35 23.31 22.83
H37 VKM H . -3.53 24.18 16.21
H40 VKM H . -1.30 21.53 14.71
H43 VKM H . -3.28 19.22 14.63
H44 VKM H . -3.67 17.73 12.69
H46 VKM H . -2.63 22.53 11.95
H34 VKM H . -1.76 25.60 20.20
H36 VKM H . 1.60 25.90 18.93
H35 VKM H . 0.27 26.97 19.43
H38 VKM H . -3.37 23.63 14.01
H39 VKM H . -1.60 23.74 14.02
H41 VKM H . -1.47 22.11 17.01
H42 VKM H . -3.09 22.44 17.68
H45 VKM H . -3.05 21.04 10.02
H33 VKM H . 0.66 21.06 24.13
#